data_3N8M
# 
_entry.id   3N8M 
# 
_audit_conform.dict_name       mmcif_pdbx.dic 
_audit_conform.dict_version    5.381 
_audit_conform.dict_location   http://mmcif.pdb.org/dictionaries/ascii/mmcif_pdbx.dic 
# 
loop_
_database_2.database_id 
_database_2.database_code 
_database_2.pdbx_database_accession 
_database_2.pdbx_DOI 
PDB   3N8M         pdb_00003n8m 10.2210/pdb3n8m/pdb 
RCSB  RCSB059517   ?            ?                   
WWPDB D_1000059517 ?            ?                   
# 
loop_
_pdbx_database_related.db_name 
_pdbx_database_related.db_id 
_pdbx_database_related.details 
_pdbx_database_related.content_type 
PDB 1BMB 'GRB2-SH2 DOMAIN IN COMPLEX WITH KPFY*VNVEF (PKF270-974)' unspecified 
PDB 1JYR 'Xray Structure of Grb2 SH2 Domain Complexed with a Phosphorylated Peptide' unspecified 
PDB 1TZE 
;SIGNAL TRANSDUCTION ADAPTOR GROWTH FACTOR, GRB2 SH2 DOMAIN COMPLEXED WITH PHOSPHOTYROSYL HEPTAPEPTIDE LYS-PRO-PHE-PTYR-VAL-ASN-VAL-NH2 (KFPPYVNC-NH2)
;
unspecified 
# 
_pdbx_database_status.status_code                     REL 
_pdbx_database_status.entry_id                        3N8M 
_pdbx_database_status.recvd_initial_deposition_date   2010-05-28 
_pdbx_database_status.deposit_site                    RCSB 
_pdbx_database_status.process_site                    RCSB 
_pdbx_database_status.status_code_sf                  REL 
_pdbx_database_status.status_code_mr                  ? 
_pdbx_database_status.SG_entry                        ? 
_pdbx_database_status.status_code_cs                  ? 
_pdbx_database_status.pdb_format_compatible           Y 
_pdbx_database_status.status_code_nmr_data            ? 
_pdbx_database_status.methods_development_category    ? 
# 
loop_
_audit_author.name 
_audit_author.pdbx_ordinal 
'Whiddon, B.B.'  1 
'Clements, J.H.' 2 
'Martin, S.F.'   3 
# 
_citation.id                        primary 
_citation.title                     
'Thermodynamic and Structural Effects of Macrocyclization as a Constraining Method in Protein-Ligand Interactions.' 
_citation.journal_abbrev            'ACS MED.CHEM.LETT.' 
_citation.journal_volume            1 
_citation.page_first                448 
_citation.page_last                 452 
_citation.year                      2010 
_citation.journal_id_ASTM           ? 
_citation.country                   US 
_citation.journal_id_ISSN           1948-5875 
_citation.journal_id_CSD            ? 
_citation.book_publisher            ? 
_citation.pdbx_database_id_PubMed   21116482 
_citation.pdbx_database_id_DOI      10.1021/ml100142y 
# 
loop_
_citation_author.citation_id 
_citation_author.name 
_citation_author.ordinal 
_citation_author.identifier_ORCID 
primary 'Delorbe, J.E.'  1 ? 
primary 'Clements, J.H.' 2 ? 
primary 'Whiddon, B.B.'  3 ? 
primary 'Martin, S.F.'   4 ? 
# 
_cell.entry_id           3N8M 
_cell.length_a           49.240 
_cell.length_b           49.240 
_cell.length_c           86.128 
_cell.angle_alpha        90.00 
_cell.angle_beta         90.00 
_cell.angle_gamma        90.00 
_cell.Z_PDB              8 
_cell.pdbx_unique_axis   ? 
_cell.length_a_esd       ? 
_cell.length_b_esd       ? 
_cell.length_c_esd       ? 
_cell.angle_alpha_esd    ? 
_cell.angle_beta_esd     ? 
_cell.angle_gamma_esd    ? 
# 
_symmetry.entry_id                         3N8M 
_symmetry.space_group_name_H-M             'P 41 21 2' 
_symmetry.pdbx_full_space_group_name_H-M   ? 
_symmetry.cell_setting                     ? 
_symmetry.Int_Tables_number                92 
_symmetry.space_group_name_Hall            ? 
# 
loop_
_entity.id 
_entity.type 
_entity.src_method 
_entity.pdbx_description 
_entity.formula_weight 
_entity.pdbx_number_of_molecules 
_entity.pdbx_ec 
_entity.pdbx_mutation 
_entity.pdbx_fragment 
_entity.details 
1 polymer     man 'Growth factor receptor-bound protein 2' 13758.543 1   ? ? 'Grb2 SH2 domain, residues 55-153' ? 
2 polymer     syn PEPTIDE                                  781.832   1   ? ? ?                                  ? 
3 non-polymer syn GLYCEROL                                 92.094    1   ? ? ?                                  ? 
4 water       nat water                                    18.015    107 ? ? ?                                  ? 
# 
_entity_name_com.entity_id   1 
_entity_name_com.name        'Adapter protein GRB2, SH2/SH3 adapter GRB2, Protein Ash' 
# 
loop_
_entity_poly.entity_id 
_entity_poly.type 
_entity_poly.nstd_linkage 
_entity_poly.nstd_monomer 
_entity_poly.pdbx_seq_one_letter_code 
_entity_poly.pdbx_seq_one_letter_code_can 
_entity_poly.pdbx_strand_id 
_entity_poly.pdbx_target_identifier 
1 'polypeptide(L)' no no  
;IEMKPHPWFFGKIPRAKAEEMLSKQRHDGAFLIRESESAPGDFSLSVKFGNDVQHFKVLRDGAGKYFLWVVKFNSLNELV
DYHRSTSVSRNQQIFLRDIEQVPQQPTYVQAHHHHHH
;
;IEMKPHPWFFGKIPRAKAEEMLSKQRHDGAFLIRESESAPGDFSLSVKFGNDVQHFKVLRDGAGKYFLWVVKFNSLNELV
DYHRSTSVSRNQQIFLRDIEQVPQQPTYVQAHHHHHH
;
A ? 
2 'polypeptide(L)' no yes '(6NA)(PTR)VNV(9PR)' XYVNVX B ? 
# 
loop_
_entity_poly_seq.entity_id 
_entity_poly_seq.num 
_entity_poly_seq.mon_id 
_entity_poly_seq.hetero 
1 1   ILE n 
1 2   GLU n 
1 3   MET n 
1 4   LYS n 
1 5   PRO n 
1 6   HIS n 
1 7   PRO n 
1 8   TRP n 
1 9   PHE n 
1 10  PHE n 
1 11  GLY n 
1 12  LYS n 
1 13  ILE n 
1 14  PRO n 
1 15  ARG n 
1 16  ALA n 
1 17  LYS n 
1 18  ALA n 
1 19  GLU n 
1 20  GLU n 
1 21  MET n 
1 22  LEU n 
1 23  SER n 
1 24  LYS n 
1 25  GLN n 
1 26  ARG n 
1 27  HIS n 
1 28  ASP n 
1 29  GLY n 
1 30  ALA n 
1 31  PHE n 
1 32  LEU n 
1 33  ILE n 
1 34  ARG n 
1 35  GLU n 
1 36  SER n 
1 37  GLU n 
1 38  SER n 
1 39  ALA n 
1 40  PRO n 
1 41  GLY n 
1 42  ASP n 
1 43  PHE n 
1 44  SER n 
1 45  LEU n 
1 46  SER n 
1 47  VAL n 
1 48  LYS n 
1 49  PHE n 
1 50  GLY n 
1 51  ASN n 
1 52  ASP n 
1 53  VAL n 
1 54  GLN n 
1 55  HIS n 
1 56  PHE n 
1 57  LYS n 
1 58  VAL n 
1 59  LEU n 
1 60  ARG n 
1 61  ASP n 
1 62  GLY n 
1 63  ALA n 
1 64  GLY n 
1 65  LYS n 
1 66  TYR n 
1 67  PHE n 
1 68  LEU n 
1 69  TRP n 
1 70  VAL n 
1 71  VAL n 
1 72  LYS n 
1 73  PHE n 
1 74  ASN n 
1 75  SER n 
1 76  LEU n 
1 77  ASN n 
1 78  GLU n 
1 79  LEU n 
1 80  VAL n 
1 81  ASP n 
1 82  TYR n 
1 83  HIS n 
1 84  ARG n 
1 85  SER n 
1 86  THR n 
1 87  SER n 
1 88  VAL n 
1 89  SER n 
1 90  ARG n 
1 91  ASN n 
1 92  GLN n 
1 93  GLN n 
1 94  ILE n 
1 95  PHE n 
1 96  LEU n 
1 97  ARG n 
1 98  ASP n 
1 99  ILE n 
1 100 GLU n 
1 101 GLN n 
1 102 VAL n 
1 103 PRO n 
1 104 GLN n 
1 105 GLN n 
1 106 PRO n 
1 107 THR n 
1 108 TYR n 
1 109 VAL n 
1 110 GLN n 
1 111 ALA n 
1 112 HIS n 
1 113 HIS n 
1 114 HIS n 
1 115 HIS n 
1 116 HIS n 
1 117 HIS n 
2 1   6NA n 
2 2   PTR n 
2 3   VAL n 
2 4   ASN n 
2 5   VAL n 
2 6   9PR n 
# 
_entity_src_gen.entity_id                          1 
_entity_src_gen.pdbx_src_id                        1 
_entity_src_gen.pdbx_alt_source_flag               sample 
_entity_src_gen.pdbx_seq_type                      ? 
_entity_src_gen.pdbx_beg_seq_num                   ? 
_entity_src_gen.pdbx_end_seq_num                   ? 
_entity_src_gen.gene_src_common_name               human 
_entity_src_gen.gene_src_genus                     ? 
_entity_src_gen.pdbx_gene_src_gene                 'GRB2, ASH' 
_entity_src_gen.gene_src_species                   ? 
_entity_src_gen.gene_src_strain                    ? 
_entity_src_gen.gene_src_tissue                    ? 
_entity_src_gen.gene_src_tissue_fraction           ? 
_entity_src_gen.gene_src_details                   'Protein was expressed with a C-terminal six-HIS tag' 
_entity_src_gen.pdbx_gene_src_fragment             ? 
_entity_src_gen.pdbx_gene_src_scientific_name      'Homo sapiens' 
_entity_src_gen.pdbx_gene_src_ncbi_taxonomy_id     9606 
_entity_src_gen.pdbx_gene_src_variant              ? 
_entity_src_gen.pdbx_gene_src_cell_line            ? 
_entity_src_gen.pdbx_gene_src_atcc                 ? 
_entity_src_gen.pdbx_gene_src_organ                ? 
_entity_src_gen.pdbx_gene_src_organelle            ? 
_entity_src_gen.pdbx_gene_src_cell                 ? 
_entity_src_gen.pdbx_gene_src_cellular_location    ? 
_entity_src_gen.host_org_common_name               ? 
_entity_src_gen.pdbx_host_org_scientific_name      'Escherichia coli' 
_entity_src_gen.pdbx_host_org_ncbi_taxonomy_id     562 
_entity_src_gen.host_org_genus                     ? 
_entity_src_gen.pdbx_host_org_gene                 ? 
_entity_src_gen.pdbx_host_org_organ                ? 
_entity_src_gen.host_org_species                   ? 
_entity_src_gen.pdbx_host_org_tissue               ? 
_entity_src_gen.pdbx_host_org_tissue_fraction      ? 
_entity_src_gen.pdbx_host_org_strain               SG13009 
_entity_src_gen.pdbx_host_org_variant              ? 
_entity_src_gen.pdbx_host_org_cell_line            ? 
_entity_src_gen.pdbx_host_org_atcc                 ? 
_entity_src_gen.pdbx_host_org_culture_collection   ? 
_entity_src_gen.pdbx_host_org_cell                 ? 
_entity_src_gen.pdbx_host_org_organelle            ? 
_entity_src_gen.pdbx_host_org_cellular_location    ? 
_entity_src_gen.pdbx_host_org_vector_type          Plasmid 
_entity_src_gen.pdbx_host_org_vector               ? 
_entity_src_gen.host_org_details                   ? 
_entity_src_gen.expression_system_id               ? 
_entity_src_gen.plasmid_name                       pQE-60 
_entity_src_gen.plasmid_details                    ? 
_entity_src_gen.pdbx_description                   ? 
# 
loop_
_struct_ref.id 
_struct_ref.db_name 
_struct_ref.db_code 
_struct_ref.pdbx_db_accession 
_struct_ref.entity_id 
_struct_ref.pdbx_seq_one_letter_code 
_struct_ref.pdbx_align_begin 
_struct_ref.pdbx_db_isoform 
1 UNP GRB2_HUMAN P62993 1 
;IEMKPHPWFFGKIPRAKAEEMLSKQRHDGAFLIRESESAPGDFSLSVKFGNDVQHFKVLRDGAGKYFLWVVKFNSLNELV
DYHRSTSVSRNQQIFLRDIEQVPQQPTYVQA
;
53 ? 
2 PDB 3N8M       3N8M   2 '(6NA)(PTR)VNV(9PR)' 1  ? 
# 
loop_
_struct_ref_seq.align_id 
_struct_ref_seq.ref_id 
_struct_ref_seq.pdbx_PDB_id_code 
_struct_ref_seq.pdbx_strand_id 
_struct_ref_seq.seq_align_beg 
_struct_ref_seq.pdbx_seq_align_beg_ins_code 
_struct_ref_seq.seq_align_end 
_struct_ref_seq.pdbx_seq_align_end_ins_code 
_struct_ref_seq.pdbx_db_accession 
_struct_ref_seq.db_align_beg 
_struct_ref_seq.pdbx_db_align_beg_ins_code 
_struct_ref_seq.db_align_end 
_struct_ref_seq.pdbx_db_align_end_ins_code 
_struct_ref_seq.pdbx_auth_seq_align_beg 
_struct_ref_seq.pdbx_auth_seq_align_end 
1 1 3N8M A 1 ? 111 ? P62993 53 ? 163 ? 53 163 
2 2 3N8M B 1 ? 6   ? 3N8M   1  ? 6   ? 1  6   
# 
loop_
_struct_ref_seq_dif.align_id 
_struct_ref_seq_dif.pdbx_pdb_id_code 
_struct_ref_seq_dif.mon_id 
_struct_ref_seq_dif.pdbx_pdb_strand_id 
_struct_ref_seq_dif.seq_num 
_struct_ref_seq_dif.pdbx_pdb_ins_code 
_struct_ref_seq_dif.pdbx_seq_db_name 
_struct_ref_seq_dif.pdbx_seq_db_accession_code 
_struct_ref_seq_dif.db_mon_id 
_struct_ref_seq_dif.pdbx_seq_db_seq_num 
_struct_ref_seq_dif.details 
_struct_ref_seq_dif.pdbx_auth_seq_num 
_struct_ref_seq_dif.pdbx_ordinal 
1 3N8M HIS A 112 ? UNP P62993 ? ? 'expression tag' 164 1 
1 3N8M HIS A 113 ? UNP P62993 ? ? 'expression tag' 165 2 
1 3N8M HIS A 114 ? UNP P62993 ? ? 'expression tag' 166 3 
1 3N8M HIS A 115 ? UNP P62993 ? ? 'expression tag' 167 4 
1 3N8M HIS A 116 ? UNP P62993 ? ? 'expression tag' 168 5 
1 3N8M HIS A 117 ? UNP P62993 ? ? 'expression tag' 169 6 
# 
loop_
_chem_comp.id 
_chem_comp.type 
_chem_comp.mon_nstd_flag 
_chem_comp.name 
_chem_comp.pdbx_synonyms 
_chem_comp.formula 
_chem_comp.formula_weight 
6NA non-polymer         . 'HEXANOIC ACID'        ?                               'C6 H12 O2'      116.158 
9PR peptide-like        . N-methyl-L-prolinamide ?                               'C6 H12 N2 O'    128.172 
ALA 'L-peptide linking' y ALANINE                ?                               'C3 H7 N O2'     89.093  
ARG 'L-peptide linking' y ARGININE               ?                               'C6 H15 N4 O2 1' 175.209 
ASN 'L-peptide linking' y ASPARAGINE             ?                               'C4 H8 N2 O3'    132.118 
ASP 'L-peptide linking' y 'ASPARTIC ACID'        ?                               'C4 H7 N O4'     133.103 
GLN 'L-peptide linking' y GLUTAMINE              ?                               'C5 H10 N2 O3'   146.144 
GLU 'L-peptide linking' y 'GLUTAMIC ACID'        ?                               'C5 H9 N O4'     147.129 
GLY 'peptide linking'   y GLYCINE                ?                               'C2 H5 N O2'     75.067  
GOL non-polymer         . GLYCEROL               'GLYCERIN; PROPANE-1,2,3-TRIOL' 'C3 H8 O3'       92.094  
HIS 'L-peptide linking' y HISTIDINE              ?                               'C6 H10 N3 O2 1' 156.162 
HOH non-polymer         . WATER                  ?                               'H2 O'           18.015  
ILE 'L-peptide linking' y ISOLEUCINE             ?                               'C6 H13 N O2'    131.173 
LEU 'L-peptide linking' y LEUCINE                ?                               'C6 H13 N O2'    131.173 
LYS 'L-peptide linking' y LYSINE                 ?                               'C6 H15 N2 O2 1' 147.195 
MET 'L-peptide linking' y METHIONINE             ?                               'C5 H11 N O2 S'  149.211 
PHE 'L-peptide linking' y PHENYLALANINE          ?                               'C9 H11 N O2'    165.189 
PRO 'L-peptide linking' y PROLINE                ?                               'C5 H9 N O2'     115.130 
PTR 'L-peptide linking' n O-PHOSPHOTYROSINE      PHOSPHONOTYROSINE               'C9 H12 N O6 P'  261.168 
SER 'L-peptide linking' y SERINE                 ?                               'C3 H7 N O3'     105.093 
THR 'L-peptide linking' y THREONINE              ?                               'C4 H9 N O3'     119.119 
TRP 'L-peptide linking' y TRYPTOPHAN             ?                               'C11 H12 N2 O2'  204.225 
TYR 'L-peptide linking' y TYROSINE               ?                               'C9 H11 N O3'    181.189 
VAL 'L-peptide linking' y VALINE                 ?                               'C5 H11 N O2'    117.146 
# 
_exptl.entry_id          3N8M 
_exptl.method            'X-RAY DIFFRACTION' 
_exptl.crystals_number   1 
# 
_exptl_crystal.id                    1 
_exptl_crystal.density_meas          ? 
_exptl_crystal.density_Matthews      1.795 
_exptl_crystal.density_percent_sol   31.48 
_exptl_crystal.description           ? 
_exptl_crystal.F_000                 ? 
_exptl_crystal.preparation           ? 
# 
_exptl_crystal_grow.crystal_id      1 
_exptl_crystal_grow.method          'VAPOR DIFFUSION, HANGING DROP' 
_exptl_crystal_grow.temp            298 
_exptl_crystal_grow.temp_details    ? 
_exptl_crystal_grow.pH              8.5 
_exptl_crystal_grow.pdbx_details    
;Ligand in lyophilized powder form was dissolved in a 7.2 mg/mL solution of Grb2 SH2 in water such to give a protein/ligand molar ratio of 1:1.7.  4 uL of this solution was mixed with 3 uL of 12% v/v glycerol, 1.5 M ammonium sulfate, 0.1 M TRIS, pH 8.5 to create the hanging drop, which yielded crystals of the protein-ligand complex after 8 weeks, VAPOR DIFFUSION, HANGING DROP, temperature 298K
;
_exptl_crystal_grow.pdbx_pH_range   ? 
# 
_diffrn.id                     1 
_diffrn.ambient_temp           100 
_diffrn.ambient_temp_details   ? 
_diffrn.crystal_id             1 
# 
_diffrn_detector.diffrn_id              1 
_diffrn_detector.detector               'IMAGE PLATE' 
_diffrn_detector.type                   'MAR scanner 345 mm plate' 
_diffrn_detector.pdbx_collection_date   2007-07-27 
_diffrn_detector.details                ? 
# 
_diffrn_radiation.diffrn_id                        1 
_diffrn_radiation.wavelength_id                    1 
_diffrn_radiation.pdbx_monochromatic_or_laue_m_l   M 
_diffrn_radiation.monochromator                    'Blue max-flux confocal' 
_diffrn_radiation.pdbx_diffrn_protocol             'SINGLE WAVELENGTH' 
_diffrn_radiation.pdbx_scattering_type             x-ray 
# 
_diffrn_radiation_wavelength.id           1 
_diffrn_radiation_wavelength.wavelength   1.5418 
_diffrn_radiation_wavelength.wt           1.0 
# 
_diffrn_source.diffrn_id                   1 
_diffrn_source.source                      'ROTATING ANODE' 
_diffrn_source.type                        'RIGAKU RU200' 
_diffrn_source.pdbx_synchrotron_site       ? 
_diffrn_source.pdbx_synchrotron_beamline   ? 
_diffrn_source.pdbx_wavelength             ? 
_diffrn_source.pdbx_wavelength_list        1.5418 
# 
_reflns.entry_id                     3N8M 
_reflns.observed_criterion_sigma_I   0 
_reflns.observed_criterion_sigma_F   0 
_reflns.d_resolution_low             34.82 
_reflns.d_resolution_high            1.86 
_reflns.number_obs                   9451 
_reflns.number_all                   9489 
_reflns.percent_possible_obs         99.6 
_reflns.pdbx_Rmerge_I_obs            0.066 
_reflns.pdbx_Rsym_value              ? 
_reflns.pdbx_netI_over_sigmaI        60.6 
_reflns.B_iso_Wilson_estimate        ? 
_reflns.pdbx_redundancy              22.1 
_reflns.R_free_details               ? 
_reflns.limit_h_max                  ? 
_reflns.limit_h_min                  ? 
_reflns.limit_k_max                  ? 
_reflns.limit_k_min                  ? 
_reflns.limit_l_max                  ? 
_reflns.limit_l_min                  ? 
_reflns.observed_criterion_F_max     ? 
_reflns.observed_criterion_F_min     ? 
_reflns.pdbx_chi_squared             ? 
_reflns.pdbx_scaling_rejects         ? 
_reflns.pdbx_diffrn_id               1 
_reflns.pdbx_ordinal                 1 
# 
_reflns_shell.d_res_high             1.86 
_reflns_shell.d_res_low              1.93 
_reflns_shell.percent_possible_all   97.0 
_reflns_shell.Rmerge_I_obs           0.152 
_reflns_shell.pdbx_Rsym_value        ? 
_reflns_shell.meanI_over_sigI_obs    21.1 
_reflns_shell.pdbx_redundancy        19.5 
_reflns_shell.percent_possible_obs   ? 
_reflns_shell.number_unique_all      912 
_reflns_shell.number_measured_all    ? 
_reflns_shell.number_measured_obs    ? 
_reflns_shell.number_unique_obs      ? 
_reflns_shell.pdbx_chi_squared       ? 
_reflns_shell.pdbx_diffrn_id         ? 
_reflns_shell.pdbx_ordinal           1 
# 
_refine.entry_id                                 3N8M 
_refine.ls_number_reflns_obs                     7636 
_refine.ls_number_reflns_all                     7649 
_refine.pdbx_ls_sigma_I                          0 
_refine.pdbx_ls_sigma_F                          0 
_refine.pdbx_data_cutoff_high_absF               ? 
_refine.pdbx_data_cutoff_low_absF                ? 
_refine.pdbx_data_cutoff_high_rms_absF           ? 
_refine.ls_d_res_low                             34.82 
_refine.ls_d_res_high                            2.00 
_refine.ls_percent_reflns_obs                    99.8 
_refine.ls_R_factor_obs                          ? 
_refine.ls_R_factor_all                          ? 
_refine.ls_R_factor_R_work                       0.1867 
_refine.ls_R_factor_R_free                       0.2239 
_refine.ls_R_factor_R_free_error                 ? 
_refine.ls_R_factor_R_free_error_details         ? 
_refine.ls_percent_reflns_R_free                 ? 
_refine.ls_number_reflns_R_free                  385 
_refine.ls_number_parameters                     ? 
_refine.ls_number_restraints                     ? 
_refine.occupancy_min                            ? 
_refine.occupancy_max                            ? 
_refine.correlation_coeff_Fo_to_Fc               ? 
_refine.correlation_coeff_Fo_to_Fc_free          ? 
_refine.B_iso_mean                               ? 
_refine.aniso_B[1][1]                            -0.520 
_refine.aniso_B[2][2]                            -0.520 
_refine.aniso_B[3][3]                            1.040 
_refine.aniso_B[1][2]                            0.000 
_refine.aniso_B[1][3]                            0.000 
_refine.aniso_B[2][3]                            0.000 
_refine.solvent_model_details                    ? 
_refine.solvent_model_param_ksol                 ? 
_refine.solvent_model_param_bsol                 ? 
_refine.pdbx_solvent_vdw_probe_radii             ? 
_refine.pdbx_solvent_ion_probe_radii             ? 
_refine.pdbx_solvent_shrinkage_radii             ? 
_refine.pdbx_ls_cross_valid_method               THROUGHOUT 
_refine.details                                  ? 
_refine.pdbx_starting_model                      2HUW 
_refine.pdbx_method_to_determine_struct          'MOLECULAR REPLACEMENT' 
_refine.pdbx_isotropic_thermal_model             ? 
_refine.pdbx_stereochemistry_target_values       'Engh & Huber' 
_refine.pdbx_stereochem_target_val_spec_case     ? 
_refine.pdbx_R_Free_selection_details            random 
_refine.pdbx_overall_ESU_R_Free                  ? 
_refine.overall_SU_ML                            ? 
_refine.overall_SU_B                             ? 
_refine.overall_SU_R_Cruickshank_DPI             ? 
_refine.ls_redundancy_reflns_obs                 ? 
_refine.B_iso_min                                ? 
_refine.B_iso_max                                ? 
_refine.overall_SU_R_free                        ? 
_refine.ls_wR_factor_R_free                      ? 
_refine.ls_wR_factor_R_work                      ? 
_refine.overall_FOM_free_R_set                   ? 
_refine.overall_FOM_work_R_set                   ? 
_refine.pdbx_overall_phase_error                 ? 
_refine.pdbx_refine_id                           'X-RAY DIFFRACTION' 
_refine.pdbx_overall_ESU_R                       ? 
_refine.pdbx_diffrn_id                           1 
_refine.pdbx_TLS_residual_ADP_flag               ? 
_refine.pdbx_overall_SU_R_free_Cruickshank_DPI   ? 
_refine.pdbx_overall_SU_R_Blow_DPI               ? 
_refine.pdbx_overall_SU_R_free_Blow_DPI          ? 
# 
_refine_hist.pdbx_refine_id                   'X-RAY DIFFRACTION' 
_refine_hist.cycle_id                         LAST 
_refine_hist.pdbx_number_atoms_protein        872 
_refine_hist.pdbx_number_atoms_nucleic_acid   0 
_refine_hist.pdbx_number_atoms_ligand         6 
_refine_hist.number_atoms_solvent             107 
_refine_hist.number_atoms_total               985 
_refine_hist.d_res_high                       2.00 
_refine_hist.d_res_low                        34.82 
# 
_struct.entry_id                  3N8M 
_struct.title                     
'Crystal Structure of the Grb2 SH2 Domain in Complex with An Acyclic Ligand Having the Sequence pYVNVP' 
_struct.pdbx_model_details        ? 
_struct.pdbx_CASP_flag            ? 
_struct.pdbx_model_type_details   ? 
# 
_struct_keywords.entry_id        3N8M 
_struct_keywords.pdbx_keywords   'PROTEIN BINDING/PEPTIDE' 
_struct_keywords.text            
'Grb2 SH2 domain, ligand preorganization, macrocycles, macrocyclic ligands, PROTEIN BINDING-PEPTIDE complex' 
# 
loop_
_struct_asym.id 
_struct_asym.pdbx_blank_PDB_chainid_flag 
_struct_asym.pdbx_modified 
_struct_asym.entity_id 
_struct_asym.details 
A N N 1 ? 
B N N 2 ? 
C N N 3 ? 
D N N 4 ? 
E N N 4 ? 
# 
_struct_biol.id        1 
_struct_biol.details   ? 
# 
loop_
_struct_conf.conf_type_id 
_struct_conf.id 
_struct_conf.pdbx_PDB_helix_id 
_struct_conf.beg_label_comp_id 
_struct_conf.beg_label_asym_id 
_struct_conf.beg_label_seq_id 
_struct_conf.pdbx_beg_PDB_ins_code 
_struct_conf.end_label_comp_id 
_struct_conf.end_label_asym_id 
_struct_conf.end_label_seq_id 
_struct_conf.pdbx_end_PDB_ins_code 
_struct_conf.beg_auth_comp_id 
_struct_conf.beg_auth_asym_id 
_struct_conf.beg_auth_seq_id 
_struct_conf.end_auth_comp_id 
_struct_conf.end_auth_asym_id 
_struct_conf.end_auth_seq_id 
_struct_conf.pdbx_PDB_helix_class 
_struct_conf.details 
_struct_conf.pdbx_PDB_helix_length 
HELX_P HELX_P1 1 PRO A 14 ? SER A 23 ? PRO A 66  SER A 75  1 ? 10 
HELX_P HELX_P2 2 SER A 75 ? HIS A 83 ? SER A 127 HIS A 135 1 ? 9  
# 
_struct_conf_type.id          HELX_P 
_struct_conf_type.criteria    ? 
_struct_conf_type.reference   ? 
# 
loop_
_struct_conn.id 
_struct_conn.conn_type_id 
_struct_conn.pdbx_leaving_atom_flag 
_struct_conn.pdbx_PDB_id 
_struct_conn.ptnr1_label_asym_id 
_struct_conn.ptnr1_label_comp_id 
_struct_conn.ptnr1_label_seq_id 
_struct_conn.ptnr1_label_atom_id 
_struct_conn.pdbx_ptnr1_label_alt_id 
_struct_conn.pdbx_ptnr1_PDB_ins_code 
_struct_conn.pdbx_ptnr1_standard_comp_id 
_struct_conn.ptnr1_symmetry 
_struct_conn.ptnr2_label_asym_id 
_struct_conn.ptnr2_label_comp_id 
_struct_conn.ptnr2_label_seq_id 
_struct_conn.ptnr2_label_atom_id 
_struct_conn.pdbx_ptnr2_label_alt_id 
_struct_conn.pdbx_ptnr2_PDB_ins_code 
_struct_conn.ptnr1_auth_asym_id 
_struct_conn.ptnr1_auth_comp_id 
_struct_conn.ptnr1_auth_seq_id 
_struct_conn.ptnr2_auth_asym_id 
_struct_conn.ptnr2_auth_comp_id 
_struct_conn.ptnr2_auth_seq_id 
_struct_conn.ptnr2_symmetry 
_struct_conn.pdbx_ptnr3_label_atom_id 
_struct_conn.pdbx_ptnr3_label_seq_id 
_struct_conn.pdbx_ptnr3_label_comp_id 
_struct_conn.pdbx_ptnr3_label_asym_id 
_struct_conn.pdbx_ptnr3_label_alt_id 
_struct_conn.pdbx_ptnr3_PDB_ins_code 
_struct_conn.details 
_struct_conn.pdbx_dist_value 
_struct_conn.pdbx_value_order 
_struct_conn.pdbx_role 
covale1 covale both ? B 6NA 1 C ? ? ? 1_555 B PTR 2 N ? ? B 6NA 1 B PTR 2 1_555 ? ? ? ? ? ? ? 1.332 ? ? 
covale2 covale both ? B PTR 2 C ? ? ? 1_555 B VAL 3 N ? ? B PTR 2 B VAL 3 1_555 ? ? ? ? ? ? ? 1.332 ? ? 
covale3 covale both ? B VAL 5 C ? ? ? 1_555 B 9PR 6 N ? ? B VAL 5 B 9PR 6 1_555 ? ? ? ? ? ? ? 1.331 ? ? 
# 
_struct_conn_type.id          covale 
_struct_conn_type.criteria    ? 
_struct_conn_type.reference   ? 
# 
_struct_mon_prot_cis.pdbx_id                1 
_struct_mon_prot_cis.label_comp_id          VAL 
_struct_mon_prot_cis.label_seq_id           5 
_struct_mon_prot_cis.label_asym_id          B 
_struct_mon_prot_cis.label_alt_id           . 
_struct_mon_prot_cis.pdbx_PDB_ins_code      ? 
_struct_mon_prot_cis.auth_comp_id           VAL 
_struct_mon_prot_cis.auth_seq_id            5 
_struct_mon_prot_cis.auth_asym_id           B 
_struct_mon_prot_cis.pdbx_label_comp_id_2   9PR 
_struct_mon_prot_cis.pdbx_label_seq_id_2    6 
_struct_mon_prot_cis.pdbx_label_asym_id_2   B 
_struct_mon_prot_cis.pdbx_PDB_ins_code_2    ? 
_struct_mon_prot_cis.pdbx_auth_comp_id_2    9PR 
_struct_mon_prot_cis.pdbx_auth_seq_id_2     6 
_struct_mon_prot_cis.pdbx_auth_asym_id_2    B 
_struct_mon_prot_cis.pdbx_PDB_model_num     1 
_struct_mon_prot_cis.pdbx_omega_angle       -0.05 
# 
_struct_sheet.id               A 
_struct_sheet.type             ? 
_struct_sheet.number_strands   5 
_struct_sheet.details          ? 
# 
loop_
_struct_sheet_order.sheet_id 
_struct_sheet_order.range_id_1 
_struct_sheet_order.range_id_2 
_struct_sheet_order.offset 
_struct_sheet_order.sense 
A 1 2 ? anti-parallel 
A 2 3 ? anti-parallel 
A 3 4 ? anti-parallel 
A 4 5 ? anti-parallel 
# 
loop_
_struct_sheet_range.sheet_id 
_struct_sheet_range.id 
_struct_sheet_range.beg_label_comp_id 
_struct_sheet_range.beg_label_asym_id 
_struct_sheet_range.beg_label_seq_id 
_struct_sheet_range.pdbx_beg_PDB_ins_code 
_struct_sheet_range.end_label_comp_id 
_struct_sheet_range.end_label_asym_id 
_struct_sheet_range.end_label_seq_id 
_struct_sheet_range.pdbx_end_PDB_ins_code 
_struct_sheet_range.beg_auth_comp_id 
_struct_sheet_range.beg_auth_asym_id 
_struct_sheet_range.beg_auth_seq_id 
_struct_sheet_range.end_auth_comp_id 
_struct_sheet_range.end_auth_asym_id 
_struct_sheet_range.end_auth_seq_id 
A 1 PHE A 31 ? GLU A 35 ? PHE A 83  GLU A 87  
A 2 PHE A 43 ? PHE A 49 ? PHE A 95  PHE A 101 
A 3 ASP A 52 ? ARG A 60 ? ASP A 104 ARG A 112 
A 4 TYR A 66 ? PHE A 67 ? TYR A 118 PHE A 119 
A 5 LYS A 72 ? PHE A 73 ? LYS A 124 PHE A 125 
# 
loop_
_pdbx_struct_sheet_hbond.sheet_id 
_pdbx_struct_sheet_hbond.range_id_1 
_pdbx_struct_sheet_hbond.range_id_2 
_pdbx_struct_sheet_hbond.range_1_label_atom_id 
_pdbx_struct_sheet_hbond.range_1_label_comp_id 
_pdbx_struct_sheet_hbond.range_1_label_asym_id 
_pdbx_struct_sheet_hbond.range_1_label_seq_id 
_pdbx_struct_sheet_hbond.range_1_PDB_ins_code 
_pdbx_struct_sheet_hbond.range_1_auth_atom_id 
_pdbx_struct_sheet_hbond.range_1_auth_comp_id 
_pdbx_struct_sheet_hbond.range_1_auth_asym_id 
_pdbx_struct_sheet_hbond.range_1_auth_seq_id 
_pdbx_struct_sheet_hbond.range_2_label_atom_id 
_pdbx_struct_sheet_hbond.range_2_label_comp_id 
_pdbx_struct_sheet_hbond.range_2_label_asym_id 
_pdbx_struct_sheet_hbond.range_2_label_seq_id 
_pdbx_struct_sheet_hbond.range_2_PDB_ins_code 
_pdbx_struct_sheet_hbond.range_2_auth_atom_id 
_pdbx_struct_sheet_hbond.range_2_auth_comp_id 
_pdbx_struct_sheet_hbond.range_2_auth_asym_id 
_pdbx_struct_sheet_hbond.range_2_auth_seq_id 
A 1 2 N ARG A 34 ? N ARG A 86  O SER A 44 ? O SER A 96  
A 2 3 N LEU A 45 ? N LEU A 97  O PHE A 56 ? O PHE A 108 
A 3 4 N LEU A 59 ? N LEU A 111 O PHE A 67 ? O PHE A 119 
A 4 5 N TYR A 66 ? N TYR A 118 O PHE A 73 ? O PHE A 125 
# 
loop_
_struct_site.id 
_struct_site.pdbx_evidence_code 
_struct_site.pdbx_auth_asym_id 
_struct_site.pdbx_auth_comp_id 
_struct_site.pdbx_auth_seq_id 
_struct_site.pdbx_auth_ins_code 
_struct_site.pdbx_num_residues 
_struct_site.details 
AC1 Software B GOL 9 ? 7  'BINDING SITE FOR RESIDUE GOL B 9'    
AC2 Software ? ?   ? ? 18 'BINDING SITE FOR CHAIN B OF PEPTIDE' 
# 
loop_
_struct_site_gen.id 
_struct_site_gen.site_id 
_struct_site_gen.pdbx_num_res 
_struct_site_gen.label_comp_id 
_struct_site_gen.label_asym_id 
_struct_site_gen.label_seq_id 
_struct_site_gen.pdbx_auth_ins_code 
_struct_site_gen.auth_comp_id 
_struct_site_gen.auth_asym_id 
_struct_site_gen.auth_seq_id 
_struct_site_gen.label_atom_id 
_struct_site_gen.label_alt_id 
_struct_site_gen.symmetry 
_struct_site_gen.details 
1  AC1 7  HOH D .  ? HOH A 4   . ? 5_545 ? 
2  AC1 7  LEU A 59 ? LEU A 111 . ? 1_555 ? 
3  AC1 7  PHE A 67 ? PHE A 119 . ? 1_555 ? 
4  AC1 7  PHE A 95 ? PHE A 147 . ? 5_545 ? 
5  AC1 7  HOH D .  ? HOH A 207 . ? 5_545 ? 
6  AC1 7  HOH D .  ? HOH A 211 . ? 5_545 ? 
7  AC1 7  9PR B 6  ? 9PR B 6   . ? 1_555 ? 
8  AC2 18 HOH D .  ? HOH A 3   . ? 1_555 ? 
9  AC2 18 HOH D .  ? HOH A 33  . ? 1_555 ? 
10 AC2 18 ARG A 15 ? ARG A 67  . ? 1_555 ? 
11 AC2 18 ARG A 34 ? ARG A 86  . ? 1_555 ? 
12 AC2 18 SER A 36 ? SER A 88  . ? 1_555 ? 
13 AC2 18 SER A 38 ? SER A 90  . ? 1_555 ? 
14 AC2 18 SER A 44 ? SER A 96  . ? 1_555 ? 
15 AC2 18 ASN A 51 ? ASN A 103 . ? 7_555 ? 
16 AC2 18 HIS A 55 ? HIS A 107 . ? 1_555 ? 
17 AC2 18 PHE A 56 ? PHE A 108 . ? 1_555 ? 
18 AC2 18 LYS A 57 ? LYS A 109 . ? 1_555 ? 
19 AC2 18 LEU A 68 ? LEU A 120 . ? 1_555 ? 
20 AC2 18 TRP A 69 ? TRP A 121 . ? 1_555 ? 
21 AC2 18 SER A 85 ? SER A 137 . ? 5_545 ? 
22 AC2 18 GOL C .  ? GOL B 9   . ? 1_555 ? 
23 AC2 18 HOH E .  ? HOH B 10  . ? 1_555 ? 
24 AC2 18 HOH E .  ? HOH B 30  . ? 1_555 ? 
25 AC2 18 HOH E .  ? HOH B 106 . ? 1_555 ? 
# 
_atom_sites.entry_id                    3N8M 
_atom_sites.fract_transf_matrix[1][1]   0.01664579 
_atom_sites.fract_transf_matrix[1][2]   0.01140012 
_atom_sites.fract_transf_matrix[1][3]   -0.00232606 
_atom_sites.fract_transf_matrix[2][1]   -0.01161820 
_atom_sites.fract_transf_matrix[2][2]   0.01650429 
_atom_sites.fract_transf_matrix[2][3]   -0.00225415 
_atom_sites.fract_transf_matrix[3][1]   0.00035730 
_atom_sites.fract_transf_matrix[3][2]   0.00181705 
_atom_sites.fract_transf_matrix[3][3]   0.01146237 
_atom_sites.fract_transf_vector[1]      0.089209 
_atom_sites.fract_transf_vector[2]      0.123550 
_atom_sites.fract_transf_vector[3]      0.145663 
# 
loop_
_atom_type.symbol 
C 
N 
O 
P 
S 
# 
loop_
_atom_site.group_PDB 
_atom_site.id 
_atom_site.type_symbol 
_atom_site.label_atom_id 
_atom_site.label_alt_id 
_atom_site.label_comp_id 
_atom_site.label_asym_id 
_atom_site.label_entity_id 
_atom_site.label_seq_id 
_atom_site.pdbx_PDB_ins_code 
_atom_site.Cartn_x 
_atom_site.Cartn_y 
_atom_site.Cartn_z 
_atom_site.occupancy 
_atom_site.B_iso_or_equiv 
_atom_site.pdbx_formal_charge 
_atom_site.auth_seq_id 
_atom_site.auth_comp_id 
_atom_site.auth_asym_id 
_atom_site.auth_atom_id 
_atom_site.pdbx_PDB_model_num 
ATOM   1    N N   . MET A 1 3   ? -11.489 0.934   20.895  1.00 45.62 ? 55  MET A N   1 
ATOM   2    C CA  . MET A 1 3   ? -11.240 1.664   19.613  1.00 44.44 ? 55  MET A CA  1 
ATOM   3    C C   . MET A 1 3   ? -11.799 0.968   18.372  1.00 42.70 ? 55  MET A C   1 
ATOM   4    O O   . MET A 1 3   ? -12.594 0.024   18.484  1.00 43.26 ? 55  MET A O   1 
ATOM   5    C CB  . MET A 1 3   ? -9.759  1.954   19.459  1.00 47.31 ? 55  MET A CB  1 
ATOM   6    C CG  . MET A 1 3   ? -9.359  3.110   20.333  1.00 50.55 ? 55  MET A CG  1 
ATOM   7    S SD  . MET A 1 3   ? -7.599  3.421   20.366  1.00 56.59 ? 55  MET A SD  1 
ATOM   8    C CE  . MET A 1 3   ? -7.386  4.426   18.781  1.00 52.84 ? 55  MET A CE  1 
ATOM   9    N N   . LYS A 1 4   ? -11.344 1.421   17.201  1.00 40.91 ? 56  LYS A N   1 
ATOM   10   C CA  . LYS A 1 4   ? -11.811 0.892   15.910  1.00 37.78 ? 56  LYS A CA  1 
ATOM   11   C C   . LYS A 1 4   ? -10.665 0.232   15.134  1.00 34.88 ? 56  LYS A C   1 
ATOM   12   O O   . LYS A 1 4   ? -9.561  0.790   15.031  1.00 34.74 ? 56  LYS A O   1 
ATOM   13   C CB  . LYS A 1 4   ? -12.480 2.026   15.080  1.00 39.61 ? 56  LYS A CB  1 
ATOM   14   C CG  . LYS A 1 4   ? -11.845 3.446   15.222  1.00 41.42 ? 56  LYS A CG  1 
ATOM   15   C CD  . LYS A 1 4   ? -12.043 4.339   13.973  1.00 41.84 ? 56  LYS A CD  1 
ATOM   16   C CE  . LYS A 1 4   ? -10.822 4.296   13.020  1.00 43.44 ? 56  LYS A CE  1 
ATOM   17   N NZ  . LYS A 1 4   ? -10.674 3.071   12.133  1.00 42.87 ? 56  LYS A NZ  1 
ATOM   18   N N   . PRO A 1 5   ? -10.872 -1.015  14.622  1.00 30.58 ? 57  PRO A N   1 
ATOM   19   C CA  . PRO A 1 5   ? -9.787  -1.655  13.861  1.00 28.87 ? 57  PRO A CA  1 
ATOM   20   C C   . PRO A 1 5   ? -9.582  -0.973  12.506  1.00 27.92 ? 57  PRO A C   1 
ATOM   21   O O   . PRO A 1 5   ? -10.505 -0.351  11.980  1.00 27.16 ? 57  PRO A O   1 
ATOM   22   C CB  . PRO A 1 5   ? -10.273 -3.087  13.693  1.00 28.50 ? 57  PRO A CB  1 
ATOM   23   C CG  . PRO A 1 5   ? -11.787 -2.970  13.748  1.00 28.67 ? 57  PRO A CG  1 
ATOM   24   C CD  . PRO A 1 5   ? -12.010 -1.935  14.813  1.00 29.60 ? 57  PRO A CD  1 
ATOM   25   N N   . HIS A 1 6   ? -8.413  -1.166  11.904  1.00 25.58 ? 58  HIS A N   1 
ATOM   26   C CA  . HIS A 1 6   ? -8.096  -0.519  10.622  1.00 25.74 ? 58  HIS A CA  1 
ATOM   27   C C   . HIS A 1 6   ? -8.721  -1.241  9.426   1.00 24.00 ? 58  HIS A C   1 
ATOM   28   O O   . HIS A 1 6   ? -8.396  -2.409  9.144   1.00 24.56 ? 58  HIS A O   1 
ATOM   29   C CB  . HIS A 1 6   ? -6.595  -0.340  10.481  1.00 25.40 ? 58  HIS A CB  1 
ATOM   30   C CG  . HIS A 1 6   ? -6.066  0.729   11.371  1.00 27.46 ? 58  HIS A CG  1 
ATOM   31   N ND1 . HIS A 1 6   ? -6.545  2.020   11.346  1.00 28.33 ? 58  HIS A ND1 1 
ATOM   32   C CD2 . HIS A 1 6   ? -5.143  0.690   12.360  1.00 28.65 ? 58  HIS A CD2 1 
ATOM   33   C CE1 . HIS A 1 6   ? -5.941  2.733   12.283  1.00 30.08 ? 58  HIS A CE1 1 
ATOM   34   N NE2 . HIS A 1 6   ? -5.084  1.947   12.914  1.00 28.35 ? 58  HIS A NE2 1 
ATOM   35   N N   . PRO A 1 7   ? -9.573  -0.524  8.646   1.00 23.00 ? 59  PRO A N   1 
ATOM   36   C CA  . PRO A 1 7   ? -10.234 -1.118  7.482   1.00 21.64 ? 59  PRO A CA  1 
ATOM   37   C C   . PRO A 1 7   ? -9.378  -1.358  6.236   1.00 20.84 ? 59  PRO A C   1 
ATOM   38   O O   . PRO A 1 7   ? -9.865  -1.902  5.246   1.00 20.88 ? 59  PRO A O   1 
ATOM   39   C CB  . PRO A 1 7   ? -11.410 -0.173  7.250   1.00 22.08 ? 59  PRO A CB  1 
ATOM   40   C CG  . PRO A 1 7   ? -10.866 1.128   7.588   1.00 23.39 ? 59  PRO A CG  1 
ATOM   41   C CD  . PRO A 1 7   ? -10.005 0.881   8.820   1.00 22.98 ? 59  PRO A CD  1 
ATOM   42   N N   . TRP A 1 8   ? -8.079  -1.072  6.344   1.00 19.34 ? 60  TRP A N   1 
ATOM   43   C CA  . TRP A 1 8   ? -7.153  -1.258  5.219   1.00 18.40 ? 60  TRP A CA  1 
ATOM   44   C C   . TRP A 1 8   ? -6.292  -2.518  5.354   1.00 19.35 ? 60  TRP A C   1 
ATOM   45   O O   . TRP A 1 8   ? -5.536  -2.823  4.439   1.00 16.80 ? 60  TRP A O   1 
ATOM   46   C CB  . TRP A 1 8   ? -6.285  -0.009  5.021   1.00 17.49 ? 60  TRP A CB  1 
ATOM   47   C CG  . TRP A 1 8   ? -5.667  0.640   6.268   1.00 16.30 ? 60  TRP A CG  1 
ATOM   48   C CD1 . TRP A 1 8   ? -6.069  1.805   6.840   1.00 17.21 ? 60  TRP A CD1 1 
ATOM   49   C CD2 . TRP A 1 8   ? -4.514  0.191   7.045   1.00 16.70 ? 60  TRP A CD2 1 
ATOM   50   N NE1 . TRP A 1 8   ? -5.267  2.127   7.898   1.00 16.64 ? 60  TRP A NE1 1 
ATOM   51   C CE2 . TRP A 1 8   ? -4.300  1.160   8.050   1.00 17.06 ? 60  TRP A CE2 1 
ATOM   52   C CE3 . TRP A 1 8   ? -3.656  -0.932  6.986   1.00 16.04 ? 60  TRP A CE3 1 
ATOM   53   C CZ2 . TRP A 1 8   ? -3.243  1.061   9.012   1.00 17.60 ? 60  TRP A CZ2 1 
ATOM   54   C CZ3 . TRP A 1 8   ? -2.589  -1.048  7.946   1.00 17.01 ? 60  TRP A CZ3 1 
ATOM   55   C CH2 . TRP A 1 8   ? -2.403  -0.041  8.943   1.00 16.60 ? 60  TRP A CH2 1 
ATOM   56   N N   . PHE A 1 9   ? -6.355  -3.258  6.477   1.00 20.36 ? 61  PHE A N   1 
ATOM   57   C CA  . PHE A 1 9   ? -5.522  -4.463  6.627   1.00 21.89 ? 61  PHE A CA  1 
ATOM   58   C C   . PHE A 1 9   ? -6.319  -5.690  6.177   1.00 21.38 ? 61  PHE A C   1 
ATOM   59   O O   . PHE A 1 9   ? -7.254  -6.105  6.890   1.00 21.12 ? 61  PHE A O   1 
ATOM   60   C CB  . PHE A 1 9   ? -5.047  -4.632  8.082   1.00 25.55 ? 61  PHE A CB  1 
ATOM   61   C CG  . PHE A 1 9   ? -4.014  -5.724  8.263   1.00 29.26 ? 61  PHE A CG  1 
ATOM   62   C CD1 . PHE A 1 9   ? -2.669  -5.448  8.002   1.00 30.68 ? 61  PHE A CD1 1 
ATOM   63   C CD2 . PHE A 1 9   ? -4.385  -7.049  8.621   1.00 30.49 ? 61  PHE A CD2 1 
ATOM   64   C CE1 . PHE A 1 9   ? -1.685  -6.466  8.076   1.00 34.34 ? 61  PHE A CE1 1 
ATOM   65   C CE2 . PHE A 1 9   ? -3.404  -8.094  8.699   1.00 32.08 ? 61  PHE A CE2 1 
ATOM   66   C CZ  . PHE A 1 9   ? -2.059  -7.805  8.424   1.00 32.54 ? 61  PHE A CZ  1 
ATOM   67   N N   . PHE A 1 10  ? -5.864  -6.373  5.111   1.00 19.23 ? 62  PHE A N   1 
ATOM   68   C CA  . PHE A 1 10  ? -6.627  -7.505  4.561   1.00 19.54 ? 62  PHE A CA  1 
ATOM   69   C C   . PHE A 1 10  ? -5.950  -8.861  4.775   1.00 19.25 ? 62  PHE A C   1 
ATOM   70   O O   . PHE A 1 10  ? -6.475  -9.895  4.301   1.00 20.28 ? 62  PHE A O   1 
ATOM   71   C CB  . PHE A 1 10  ? -6.935  -7.287  3.072   1.00 18.79 ? 62  PHE A CB  1 
ATOM   72   C CG  . PHE A 1 10  ? -8.148  -6.424  2.828   1.00 21.26 ? 62  PHE A CG  1 
ATOM   73   C CD1 . PHE A 1 10  ? -8.083  -5.040  3.014   1.00 22.80 ? 62  PHE A CD1 1 
ATOM   74   C CD2 . PHE A 1 10  ? -9.368  -6.989  2.418   1.00 21.87 ? 62  PHE A CD2 1 
ATOM   75   C CE1 . PHE A 1 10  ? -9.213  -4.216  2.795   1.00 23.59 ? 62  PHE A CE1 1 
ATOM   76   C CE2 . PHE A 1 10  ? -10.524 -6.176  2.193   1.00 22.89 ? 62  PHE A CE2 1 
ATOM   77   C CZ  . PHE A 1 10  ? -10.453 -4.792  2.378   1.00 22.97 ? 62  PHE A CZ  1 
ATOM   78   N N   . GLY A 1 11  ? -4.808  -8.889  5.467   1.00 19.91 ? 63  GLY A N   1 
ATOM   79   C CA  . GLY A 1 11  ? -4.146  -10.169 5.716   1.00 19.33 ? 63  GLY A CA  1 
ATOM   80   C C   . GLY A 1 11  ? -3.542  -10.865 4.511   1.00 20.71 ? 63  GLY A C   1 
ATOM   81   O O   . GLY A 1 11  ? -3.107  -10.198 3.558   1.00 18.57 ? 63  GLY A O   1 
ATOM   82   N N   . LYS A 1 12  ? -3.600  -12.193 4.490   1.00 20.24 ? 64  LYS A N   1 
ATOM   83   C CA  . LYS A 1 12  ? -2.962  -12.934 3.392   1.00 21.85 ? 64  LYS A CA  1 
ATOM   84   C C   . LYS A 1 12  ? -3.920  -13.157 2.220   1.00 23.78 ? 64  LYS A C   1 
ATOM   85   O O   . LYS A 1 12  ? -4.636  -14.153 2.161   1.00 25.75 ? 64  LYS A O   1 
ATOM   86   C CB  . LYS A 1 12  ? -2.388  -14.250 3.907   1.00 22.61 ? 64  LYS A CB  1 
ATOM   87   C CG  . LYS A 1 12  ? -1.403  -14.935 2.942   1.00 23.56 ? 64  LYS A CG  1 
ATOM   88   C CD  . LYS A 1 12  ? -1.261  -16.407 3.284   1.00 27.13 ? 64  LYS A CD  1 
ATOM   89   C CE  . LYS A 1 12  ? -0.086  -17.041 2.552   1.00 29.39 ? 64  LYS A CE  1 
ATOM   90   N NZ  . LYS A 1 12  ? -0.035  -18.514 2.787   1.00 33.19 ? 64  LYS A NZ  1 
ATOM   91   N N   . ILE A 1 13  ? -3.948  -12.205 1.292   1.00 23.33 ? 65  ILE A N   1 
ATOM   92   C CA  . ILE A 1 13  ? -4.771  -12.318 0.079   1.00 22.98 ? 65  ILE A CA  1 
ATOM   93   C C   . ILE A 1 13  ? -3.839  -12.244 -1.135  1.00 22.36 ? 65  ILE A C   1 
ATOM   94   O O   . ILE A 1 13  ? -2.839  -11.520 -1.098  1.00 21.91 ? 65  ILE A O   1 
ATOM   95   C CB  . ILE A 1 13  ? -5.917  -11.242 0.014   1.00 23.09 ? 65  ILE A CB  1 
ATOM   96   C CG1 . ILE A 1 13  ? -5.371  -9.834  0.088   1.00 22.99 ? 65  ILE A CG1 1 
ATOM   97   C CG2 . ILE A 1 13  ? -6.958  -11.504 1.136   1.00 24.10 ? 65  ILE A CG2 1 
ATOM   98   C CD1 . ILE A 1 13  ? -6.251  -8.794  -0.549  1.00 25.03 ? 65  ILE A CD1 1 
ATOM   99   N N   . PRO A 1 14  ? -4.106  -13.038 -2.204  1.00 22.37 ? 66  PRO A N   1 
ATOM   100  C CA  . PRO A 1 14  ? -3.231  -13.002 -3.390  1.00 21.98 ? 66  PRO A CA  1 
ATOM   101  C C   . PRO A 1 14  ? -3.130  -11.628 -4.053  1.00 21.32 ? 66  PRO A C   1 
ATOM   102  O O   . PRO A 1 14  ? -4.023  -10.793 -3.925  1.00 19.88 ? 66  PRO A O   1 
ATOM   103  C CB  . PRO A 1 14  ? -3.892  -14.009 -4.341  1.00 23.51 ? 66  PRO A CB  1 
ATOM   104  C CG  . PRO A 1 14  ? -4.480  -15.007 -3.408  1.00 24.27 ? 66  PRO A CG  1 
ATOM   105  C CD  . PRO A 1 14  ? -5.106  -14.118 -2.357  1.00 22.71 ? 66  PRO A CD  1 
ATOM   106  N N   . ARG A 1 15  ? -2.027  -11.414 -4.761  1.00 20.20 ? 67  ARG A N   1 
ATOM   107  C CA  . ARG A 1 15  ? -1.779  -10.167 -5.499  1.00 18.88 ? 67  ARG A CA  1 
ATOM   108  C C   . ARG A 1 15  ? -2.874  -9.939  -6.545  1.00 18.20 ? 67  ARG A C   1 
ATOM   109  O O   . ARG A 1 15  ? -3.402  -8.839  -6.666  1.00 17.09 ? 67  ARG A O   1 
ATOM   110  C CB  . ARG A 1 15  ? -0.389  -10.253 -6.146  1.00 18.30 ? 67  ARG A CB  1 
ATOM   111  C CG  . ARG A 1 15  ? 0.024   -9.091  -7.016  1.00 18.33 ? 67  ARG A CG  1 
ATOM   112  C CD  . ARG A 1 15  ? 1.512   -9.214  -7.264  1.00 21.36 ? 67  ARG A CD  1 
ATOM   113  N NE  . ARG A 1 15  ? 1.942   -8.392  -8.368  1.00 19.94 ? 67  ARG A NE  1 
ATOM   114  C CZ  . ARG A 1 15  ? 2.912   -7.486  -8.311  1.00 18.94 ? 67  ARG A CZ  1 
ATOM   115  N NH1 . ARG A 1 15  ? 3.581   -7.271  -7.185  1.00 15.88 ? 67  ARG A NH1 1 
ATOM   116  N NH2 . ARG A 1 15  ? 3.219   -6.793  -9.409  1.00 17.25 ? 67  ARG A NH2 1 
ATOM   117  N N   . ALA A 1 16  ? -3.258  -11.011 -7.242  1.00 17.89 ? 68  ALA A N   1 
ATOM   118  C CA  . ALA A 1 16  ? -4.294  -10.963 -8.285  1.00 17.81 ? 68  ALA A CA  1 
ATOM   119  C C   . ALA A 1 16  ? -5.657  -10.623 -7.677  1.00 18.59 ? 68  ALA A C   1 
ATOM   120  O O   . ALA A 1 16  ? -6.458  -9.881  -8.279  1.00 19.12 ? 68  ALA A O   1 
ATOM   121  C CB  . ALA A 1 16  ? -4.377  -12.299 -9.013  1.00 19.51 ? 68  ALA A CB  1 
ATOM   122  N N   . LYS A 1 17  ? -5.911  -11.123 -6.470  1.00 18.39 ? 69  LYS A N   1 
ATOM   123  C CA  . LYS A 1 17  ? -7.178  -10.881 -5.763  1.00 19.66 ? 69  LYS A CA  1 
ATOM   124  C C   . LYS A 1 17  ? -7.258  -9.411  -5.341  1.00 19.09 ? 69  LYS A C   1 
ATOM   125  O O   . LYS A 1 17  ? -8.313  -8.786  -5.487  1.00 18.03 ? 69  LYS A O   1 
ATOM   126  C CB  . LYS A 1 17  ? -7.312  -11.838 -4.588  1.00 24.37 ? 69  LYS A CB  1 
ATOM   127  C CG  . LYS A 1 17  ? -8.751  -12.113 -4.165  1.00 33.46 ? 69  LYS A CG  1 
ATOM   128  C CD  . LYS A 1 17  ? -8.921  -13.577 -3.672  1.00 39.85 ? 69  LYS A CD  1 
ATOM   129  C CE  . LYS A 1 17  ? -9.098  -14.628 -4.808  1.00 41.97 ? 69  LYS A CE  1 
ATOM   130  N NZ  . LYS A 1 17  ? -7.838  -15.290 -5.307  1.00 44.27 ? 69  LYS A NZ  1 
ATOM   131  N N   . ALA A 1 18  ? -6.123  -8.822  -4.927  1.00 16.63 ? 70  ALA A N   1 
ATOM   132  C CA  . ALA A 1 18  ? -6.088  -7.397  -4.557  1.00 17.36 ? 70  ALA A CA  1 
ATOM   133  C C   . ALA A 1 18  ? -6.368  -6.538  -5.792  1.00 17.18 ? 70  ALA A C   1 
ATOM   134  O O   . ALA A 1 18  ? -7.074  -5.549  -5.713  1.00 18.20 ? 70  ALA A O   1 
ATOM   135  C CB  . ALA A 1 18  ? -4.717  -7.023  -3.994  1.00 15.96 ? 70  ALA A CB  1 
ATOM   136  N N   . GLU A 1 19  ? -5.852  -6.959  -6.947  1.00 18.08 ? 71  GLU A N   1 
ATOM   137  C CA  . GLU A 1 19  ? -6.039  -6.219  -8.205  1.00 20.69 ? 71  GLU A CA  1 
ATOM   138  C C   . GLU A 1 19  ? -7.497  -6.258  -8.667  1.00 22.04 ? 71  GLU A C   1 
ATOM   139  O O   . GLU A 1 19  ? -8.028  -5.250  -9.111  1.00 22.40 ? 71  GLU A O   1 
ATOM   140  C CB  . GLU A 1 19  ? -5.146  -6.772  -9.302  1.00 21.64 ? 71  GLU A CB  1 
ATOM   141  C CG  . GLU A 1 19  ? -3.722  -6.390  -9.138  1.00 22.96 ? 71  GLU A CG  1 
ATOM   142  C CD  . GLU A 1 19  ? -2.820  -6.926  -10.228 1.00 26.35 ? 71  GLU A CD  1 
ATOM   143  O OE1 . GLU A 1 19  ? -3.311  -7.543  -11.207 1.00 27.05 ? 71  GLU A OE1 1 
ATOM   144  O OE2 . GLU A 1 19  ? -1.597  -6.726  -10.097 1.00 27.47 ? 71  GLU A OE2 1 
ATOM   145  N N   . GLU A 1 20  ? -8.140  -7.420  -8.542  1.00 23.94 ? 72  GLU A N   1 
ATOM   146  C CA  . GLU A 1 20  ? -9.544  -7.624  -8.933  1.00 26.60 ? 72  GLU A CA  1 
ATOM   147  C C   . GLU A 1 20  ? -10.453 -6.746  -8.069  1.00 27.60 ? 72  GLU A C   1 
ATOM   148  O O   . GLU A 1 20  ? -11.381 -6.093  -8.571  1.00 27.10 ? 72  GLU A O   1 
ATOM   149  C CB  . GLU A 1 20  ? -9.881  -9.119  -8.757  1.00 30.11 ? 72  GLU A CB  1 
ATOM   150  C CG  . GLU A 1 20  ? -11.316 -9.551  -9.018  1.00 36.84 ? 72  GLU A CG  1 
ATOM   151  C CD  . GLU A 1 20  ? -11.780 -10.645 -8.043  1.00 39.51 ? 72  GLU A CD  1 
ATOM   152  O OE1 . GLU A 1 20  ? -12.559 -10.335 -7.120  1.00 43.47 ? 72  GLU A OE1 1 
ATOM   153  O OE2 . GLU A 1 20  ? -11.361 -11.812 -8.187  1.00 43.73 ? 72  GLU A OE2 1 
ATOM   154  N N   A MET A 1 21  ? -10.123 -6.666  -6.786  0.50 25.82 ? 73  MET A N   1 
ATOM   155  N N   B MET A 1 21  ? -10.111 -6.670  -6.796  0.50 27.18 ? 73  MET A N   1 
ATOM   156  C CA  A MET A 1 21  ? -10.869 -5.874  -5.796  0.50 24.87 ? 73  MET A CA  1 
ATOM   157  C CA  B MET A 1 21  ? -10.835 -5.889  -5.783  0.50 26.92 ? 73  MET A CA  1 
ATOM   158  C C   A MET A 1 21  ? -10.660 -4.374  -6.027  0.50 24.72 ? 73  MET A C   1 
ATOM   159  C C   B MET A 1 21  ? -10.649 -4.387  -6.019  0.50 26.05 ? 73  MET A C   1 
ATOM   160  O O   A MET A 1 21  ? -11.631 -3.615  -6.123  0.50 25.14 ? 73  MET A O   1 
ATOM   161  O O   B MET A 1 21  ? -11.633 -3.646  -6.125  0.50 26.38 ? 73  MET A O   1 
ATOM   162  C CB  A MET A 1 21  ? -10.426 -6.253  -4.374  0.50 25.34 ? 73  MET A CB  1 
ATOM   163  C CB  B MET A 1 21  ? -10.346 -6.368  -4.395  0.50 29.47 ? 73  MET A CB  1 
ATOM   164  C CG  A MET A 1 21  ? -10.928 -7.609  -3.828  0.50 26.15 ? 73  MET A CG  1 
ATOM   165  C CG  B MET A 1 21  ? -10.329 -5.411  -3.221  0.50 32.47 ? 73  MET A CG  1 
ATOM   166  S SD  A MET A 1 21  ? -10.054 -8.082  -2.286  0.50 25.26 ? 73  MET A SD  1 
ATOM   167  S SD  B MET A 1 21  ? -11.882 -4.666  -2.828  0.50 38.01 ? 73  MET A SD  1 
ATOM   168  C CE  A MET A 1 21  ? -10.437 -6.656  -1.318  0.50 27.22 ? 73  MET A CE  1 
ATOM   169  C CE  B MET A 1 21  ? -11.379 -3.024  -2.816  0.50 34.80 ? 73  MET A CE  1 
ATOM   170  N N   . LEU A 1 22  ? -9.404  -3.931  -6.162  1.00 25.16 ? 74  LEU A N   1 
ATOM   171  C CA  . LEU A 1 22  ? -9.128  -2.498  -6.355  1.00 22.20 ? 74  LEU A CA  1 
ATOM   172  C C   . LEU A 1 22  ? -9.502  -1.961  -7.740  1.00 23.57 ? 74  LEU A C   1 
ATOM   173  O O   . LEU A 1 22  ? -9.852  -0.781  -7.850  1.00 21.70 ? 74  LEU A O   1 
ATOM   174  C CB  . LEU A 1 22  ? -7.678  -2.153  -6.005  1.00 18.34 ? 74  LEU A CB  1 
ATOM   175  C CG  . LEU A 1 22  ? -7.329  -2.364  -4.529  1.00 17.01 ? 74  LEU A CG  1 
ATOM   176  C CD1 . LEU A 1 22  ? -5.852  -2.307  -4.411  1.00 17.79 ? 74  LEU A CD1 1 
ATOM   177  C CD2 . LEU A 1 22  ? -8.003  -1.352  -3.602  1.00 14.93 ? 74  LEU A CD2 1 
ATOM   178  N N   . SER A 1 23  ? -9.557  -2.809  -8.778  1.00 26.21 ? 75  SER A N   1 
ATOM   179  C CA  . SER A 1 23  ? -9.879  -2.321  -10.130 1.00 28.23 ? 75  SER A CA  1 
ATOM   180  C C   . SER A 1 23  ? -11.346 -1.894  -10.226 1.00 28.94 ? 75  SER A C   1 
ATOM   181  O O   . SER A 1 23  ? -11.736 -1.126  -11.127 1.00 29.55 ? 75  SER A O   1 
ATOM   182  C CB  . SER A 1 23  ? -9.560  -3.379  -11.213 1.00 28.93 ? 75  SER A CB  1 
ATOM   183  O OG  . SER A 1 23  ? -10.426 -4.513  -11.153 1.00 32.41 ? 75  SER A OG  1 
ATOM   184  N N   . LYS A 1 24  ? -12.119 -2.364  -9.252  1.00 28.58 ? 76  LYS A N   1 
ATOM   185  C CA  . LYS A 1 24  ? -13.563 -2.132  -9.117  1.00 29.12 ? 76  LYS A CA  1 
ATOM   186  C C   . LYS A 1 24  ? -13.864 -0.925  -8.223  1.00 28.20 ? 76  LYS A C   1 
ATOM   187  O O   . LYS A 1 24  ? -15.033 -0.599  -8.020  1.00 27.96 ? 76  LYS A O   1 
ATOM   188  C CB  . LYS A 1 24  ? -14.192 -3.391  -8.527  1.00 30.73 ? 76  LYS A CB  1 
ATOM   189  C CG  . LYS A 1 24  ? -14.727 -4.408  -9.545  1.00 32.44 ? 76  LYS A CG  1 
ATOM   190  C CD  . LYS A 1 24  ? -13.827 -4.700  -10.756 1.00 30.76 ? 76  LYS A CD  1 
ATOM   191  C CE  . LYS A 1 24  ? -14.670 -4.731  -12.018 1.00 31.60 ? 76  LYS A CE  1 
ATOM   192  N NZ  . LYS A 1 24  ? -14.313 -5.620  -13.214 1.00 27.89 ? 76  LYS A NZ  1 
ATOM   193  N N   . GLN A 1 25  ? -12.838 -0.295  -7.631  1.00 26.45 ? 77  GLN A N   1 
ATOM   194  C CA  . GLN A 1 25  ? -13.045 0.899   -6.794  1.00 25.62 ? 77  GLN A CA  1 
ATOM   195  C C   . GLN A 1 25  ? -13.215 2.112   -7.713  1.00 24.93 ? 77  GLN A C   1 
ATOM   196  O O   . GLN A 1 25  ? -12.703 2.117   -8.818  1.00 24.94 ? 77  GLN A O   1 
ATOM   197  C CB  . GLN A 1 25  ? -11.875 1.121   -5.839  1.00 24.92 ? 77  GLN A CB  1 
ATOM   198  C CG  . GLN A 1 25  ? -11.837 0.159   -4.653  1.00 23.75 ? 77  GLN A CG  1 
ATOM   199  C CD  . GLN A 1 25  ? -12.976 0.371   -3.658  1.00 24.00 ? 77  GLN A CD  1 
ATOM   200  O OE1 . GLN A 1 25  ? -13.099 1.429   -3.040  1.00 23.15 ? 77  GLN A OE1 1 
ATOM   201  N NE2 . GLN A 1 25  ? -13.815 -0.648  -3.496  1.00 24.01 ? 77  GLN A NE2 1 
ATOM   202  N N   . ARG A 1 26  ? -13.861 3.165   -7.236  1.00 24.64 ? 78  ARG A N   1 
ATOM   203  C CA  . ARG A 1 26  ? -14.134 4.318   -8.106  1.00 27.18 ? 78  ARG A CA  1 
ATOM   204  C C   . ARG A 1 26  ? -13.080 5.420   -7.974  1.00 25.29 ? 78  ARG A C   1 
ATOM   205  O O   . ARG A 1 26  ? -12.732 6.073   -8.970  1.00 27.07 ? 78  ARG A O   1 
ATOM   206  C CB  . ARG A 1 26  ? -15.525 4.909   -7.759  1.00 29.57 ? 78  ARG A CB  1 
ATOM   207  C CG  . ARG A 1 26  ? -16.295 5.473   -8.969  1.00 36.39 ? 78  ARG A CG  1 
ATOM   208  C CD  . ARG A 1 26  ? -17.347 4.465   -9.502  1.00 39.80 ? 78  ARG A CD  1 
ATOM   209  N NE  . ARG A 1 26  ? -17.518 4.604   -10.953 1.00 42.06 ? 78  ARG A NE  1 
ATOM   210  C CZ  . ARG A 1 26  ? -17.495 3.604   -11.834 1.00 43.38 ? 78  ARG A CZ  1 
ATOM   211  N NH1 . ARG A 1 26  ? -17.325 2.323   -11.451 1.00 44.16 ? 78  ARG A NH1 1 
ATOM   212  N NH2 . ARG A 1 26  ? -17.558 3.897   -13.129 1.00 43.49 ? 78  ARG A NH2 1 
ATOM   213  N N   . HIS A 1 27  ? -12.514 5.582   -6.777  1.00 24.01 ? 79  HIS A N   1 
ATOM   214  C CA  . HIS A 1 27  ? -11.577 6.682   -6.502  1.00 22.40 ? 79  HIS A CA  1 
ATOM   215  C C   . HIS A 1 27  ? -10.101 6.279   -6.574  1.00 19.26 ? 79  HIS A C   1 
ATOM   216  O O   . HIS A 1 27  ? -9.684  5.213   -6.097  1.00 18.50 ? 79  HIS A O   1 
ATOM   217  C CB  . HIS A 1 27  ? -11.892 7.288   -5.124  1.00 24.78 ? 79  HIS A CB  1 
ATOM   218  C CG  . HIS A 1 27  ? -13.253 7.918   -5.027  1.00 29.28 ? 79  HIS A CG  1 
ATOM   219  N ND1 . HIS A 1 27  ? -14.265 7.393   -4.253  1.00 29.70 ? 79  HIS A ND1 1 
ATOM   220  C CD2 . HIS A 1 27  ? -13.764 9.032   -5.605  1.00 29.69 ? 79  HIS A CD2 1 
ATOM   221  C CE1 . HIS A 1 27  ? -15.341 8.157   -4.351  1.00 30.19 ? 79  HIS A CE1 1 
ATOM   222  N NE2 . HIS A 1 27  ? -15.064 9.160   -5.168  1.00 32.78 ? 79  HIS A NE2 1 
ATOM   223  N N   . ASP A 1 28  ? -9.311  7.193   -7.144  1.00 15.63 ? 80  ASP A N   1 
ATOM   224  C CA  . ASP A 1 28  ? -7.846  7.090   -7.241  1.00 14.95 ? 80  ASP A CA  1 
ATOM   225  C C   . ASP A 1 28  ? -7.294  7.102   -5.814  1.00 14.56 ? 80  ASP A C   1 
ATOM   226  O O   . ASP A 1 28  ? -7.781  7.853   -4.993  1.00 15.05 ? 80  ASP A O   1 
ATOM   227  C CB  . ASP A 1 28  ? -7.292  8.319   -7.960  1.00 14.69 ? 80  ASP A CB  1 
ATOM   228  C CG  . ASP A 1 28  ? -7.310  8.167   -9.488  1.00 15.60 ? 80  ASP A CG  1 
ATOM   229  O OD1 . ASP A 1 28  ? -7.624  7.054   -9.983  1.00 13.00 ? 80  ASP A OD1 1 
ATOM   230  O OD2 . ASP A 1 28  ? -6.958  9.152   -10.151 1.00 17.24 ? 80  ASP A OD2 1 
ATOM   231  N N   . GLY A 1 29  ? -6.363  6.210   -5.521  1.00 13.96 ? 81  GLY A N   1 
ATOM   232  C CA  . GLY A 1 29  ? -5.800  6.147   -4.191  1.00 13.96 ? 81  GLY A CA  1 
ATOM   233  C C   . GLY A 1 29  ? -6.391  5.083   -3.275  1.00 14.87 ? 81  GLY A C   1 
ATOM   234  O O   . GLY A 1 29  ? -5.834  4.854   -2.191  1.00 14.27 ? 81  GLY A O   1 
ATOM   235  N N   . ALA A 1 30  ? -7.520  4.473   -3.669  1.00 14.06 ? 82  ALA A N   1 
ATOM   236  C CA  . ALA A 1 30  ? -8.136  3.389   -2.887  1.00 14.05 ? 82  ALA A CA  1 
ATOM   237  C C   . ALA A 1 30  ? -7.077  2.298   -2.706  1.00 13.38 ? 82  ALA A C   1 
ATOM   238  O O   . ALA A 1 30  ? -6.467  1.850   -3.681  1.00 10.84 ? 82  ALA A O   1 
ATOM   239  C CB  . ALA A 1 30  ? -9.322  2.857   -3.614  1.00 14.08 ? 82  ALA A CB  1 
ATOM   240  N N   . PHE A 1 31  ? -6.845  1.892   -1.461  1.00 12.54 ? 83  PHE A N   1 
ATOM   241  C CA  . PHE A 1 31  ? -5.746  0.953   -1.203  1.00 12.79 ? 83  PHE A CA  1 
ATOM   242  C C   . PHE A 1 31  ? -6.098  -0.081  -0.132  1.00 13.51 ? 83  PHE A C   1 
ATOM   243  O O   . PHE A 1 31  ? -7.107  0.010   0.571   1.00 13.76 ? 83  PHE A O   1 
ATOM   244  C CB  . PHE A 1 31  ? -4.509  1.758   -0.718  1.00 13.76 ? 83  PHE A CB  1 
ATOM   245  C CG  . PHE A 1 31  ? -4.609  2.234   0.715   1.00 14.66 ? 83  PHE A CG  1 
ATOM   246  C CD1 . PHE A 1 31  ? -3.870  1.605   1.740   1.00 15.53 ? 83  PHE A CD1 1 
ATOM   247  C CD2 . PHE A 1 31  ? -5.546  3.222   1.068   1.00 14.65 ? 83  PHE A CD2 1 
ATOM   248  C CE1 . PHE A 1 31  ? -4.072  1.939   3.084   1.00 15.04 ? 83  PHE A CE1 1 
ATOM   249  C CE2 . PHE A 1 31  ? -5.766  3.571   2.419   1.00 13.48 ? 83  PHE A CE2 1 
ATOM   250  C CZ  . PHE A 1 31  ? -5.044  2.938   3.411   1.00 15.19 ? 83  PHE A CZ  1 
ATOM   251  N N   . LEU A 1 32  ? -5.177  -1.018  0.007   1.00 12.95 ? 84  LEU A N   1 
ATOM   252  C CA  . LEU A 1 32  ? -5.220  -2.040  1.061   1.00 13.14 ? 84  LEU A CA  1 
ATOM   253  C C   . LEU A 1 32  ? -3.776  -2.439  1.358   1.00 13.28 ? 84  LEU A C   1 
ATOM   254  O O   . LEU A 1 32  ? -2.864  -2.194  0.550   1.00 14.20 ? 84  LEU A O   1 
ATOM   255  C CB  . LEU A 1 32  ? -6.016  -3.293  0.646   1.00 13.51 ? 84  LEU A CB  1 
ATOM   256  C CG  . LEU A 1 32  ? -5.730  -4.079  -0.634  1.00 15.63 ? 84  LEU A CG  1 
ATOM   257  C CD1 . LEU A 1 32  ? -4.727  -5.187  -0.374  1.00 15.62 ? 84  LEU A CD1 1 
ATOM   258  C CD2 . LEU A 1 32  ? -7.038  -4.695  -1.143  1.00 18.00 ? 84  LEU A CD2 1 
ATOM   259  N N   . ILE A 1 33  ? -3.594  -2.954  2.557   1.00 13.41 ? 85  ILE A N   1 
ATOM   260  C CA  . ILE A 1 33  ? -2.315  -3.538  2.977   1.00 13.91 ? 85  ILE A CA  1 
ATOM   261  C C   . ILE A 1 33  ? -2.616  -5.032  3.105   1.00 14.29 ? 85  ILE A C   1 
ATOM   262  O O   . ILE A 1 33  ? -3.672  -5.420  3.653   1.00 15.71 ? 85  ILE A O   1 
ATOM   263  C CB  . ILE A 1 33  ? -1.807  -3.014  4.355   1.00 14.83 ? 85  ILE A CB  1 
ATOM   264  C CG1 . ILE A 1 33  ? -1.407  -1.524  4.237   1.00 17.48 ? 85  ILE A CG1 1 
ATOM   265  C CG2 . ILE A 1 33  ? -0.626  -3.914  4.862   1.00 14.69 ? 85  ILE A CG2 1 
ATOM   266  C CD1 . ILE A 1 33  ? -0.047  -1.241  3.715   1.00 16.96 ? 85  ILE A CD1 1 
ATOM   267  N N   . ARG A 1 34  ? -1.754  -5.836  2.497   1.00 12.34 ? 86  ARG A N   1 
ATOM   268  C CA  . ARG A 1 34  ? -1.900  -7.298  2.529   1.00 13.73 ? 86  ARG A CA  1 
ATOM   269  C C   . ARG A 1 34  ? -0.543  -7.914  2.871   1.00 15.65 ? 86  ARG A C   1 
ATOM   270  O O   . ARG A 1 34  ? 0.500   -7.251  2.765   1.00 13.85 ? 86  ARG A O   1 
ATOM   271  C CB  . ARG A 1 34  ? -2.368  -7.839  1.174   1.00 13.35 ? 86  ARG A CB  1 
ATOM   272  C CG  . ARG A 1 34  ? -1.503  -7.457  -0.039  1.00 14.28 ? 86  ARG A CG  1 
ATOM   273  C CD  . ARG A 1 34  ? -2.066  -7.978  -1.370  1.00 13.37 ? 86  ARG A CD  1 
ATOM   274  N NE  . ARG A 1 34  ? -1.309  -7.406  -2.496  1.00 13.11 ? 86  ARG A NE  1 
ATOM   275  C CZ  . ARG A 1 34  ? -0.176  -7.934  -2.956  1.00 13.32 ? 86  ARG A CZ  1 
ATOM   276  N NH1 . ARG A 1 34  ? 0.305   -9.073  -2.414  1.00 13.03 ? 86  ARG A NH1 1 
ATOM   277  N NH2 . ARG A 1 34  ? 0.634   -7.204  -3.736  1.00 12.28 ? 86  ARG A NH2 1 
ATOM   278  N N   . GLU A 1 35  ? -0.574  -9.180  3.283   1.00 15.11 ? 87  GLU A N   1 
ATOM   279  C CA  . GLU A 1 35  ? 0.665   -9.906  3.602   1.00 16.44 ? 87  GLU A CA  1 
ATOM   280  C C   . GLU A 1 35  ? 1.124   -10.608 2.323   1.00 18.29 ? 87  GLU A C   1 
ATOM   281  O O   . GLU A 1 35  ? 0.330   -11.309 1.669   1.00 19.34 ? 87  GLU A O   1 
ATOM   282  C CB  . GLU A 1 35  ? 0.420   -10.908 4.732   1.00 17.59 ? 87  GLU A CB  1 
ATOM   283  C CG  . GLU A 1 35  ? 0.030   -10.206 6.022   1.00 19.90 ? 87  GLU A CG  1 
ATOM   284  C CD  . GLU A 1 35  ? -0.026  -11.130 7.208   1.00 22.63 ? 87  GLU A CD  1 
ATOM   285  O OE1 . GLU A 1 35  ? 1.054   -11.418 7.756   1.00 21.96 ? 87  GLU A OE1 1 
ATOM   286  O OE2 . GLU A 1 35  ? -1.144  -11.565 7.607   1.00 23.98 ? 87  GLU A OE2 1 
ATOM   287  N N   . SER A 1 36  ? 2.366   -10.335 1.934   1.00 18.18 ? 88  SER A N   1 
ATOM   288  C CA  . SER A 1 36  ? 2.975   -10.898 0.720   1.00 20.18 ? 88  SER A CA  1 
ATOM   289  C C   . SER A 1 36  ? 3.077   -12.423 0.829   1.00 22.22 ? 88  SER A C   1 
ATOM   290  O O   . SER A 1 36  ? 3.335   -12.989 1.909   1.00 22.60 ? 88  SER A O   1 
ATOM   291  C CB  . SER A 1 36  ? 4.382   -10.288 0.532   1.00 18.86 ? 88  SER A CB  1 
ATOM   292  O OG  . SER A 1 36  ? 5.004   -10.719 -0.679  1.00 17.10 ? 88  SER A OG  1 
ATOM   293  N N   . GLU A 1 37  ? 2.780   -13.079 -0.283  1.00 25.00 ? 89  GLU A N   1 
ATOM   294  C CA  . GLU A 1 37  ? 2.874   -14.542 -0.396  1.00 27.24 ? 89  GLU A CA  1 
ATOM   295  C C   . GLU A 1 37  ? 4.236   -14.871 -1.010  1.00 27.59 ? 89  GLU A C   1 
ATOM   296  O O   . GLU A 1 37  ? 4.858   -15.870 -0.628  1.00 29.45 ? 89  GLU A O   1 
ATOM   297  C CB  . GLU A 1 37  ? 1.751   -15.112 -1.263  1.00 28.25 ? 89  GLU A CB  1 
ATOM   298  C CG  . GLU A 1 37  ? 0.341   -14.923 -0.715  1.00 31.25 ? 89  GLU A CG  1 
ATOM   299  C CD  . GLU A 1 37  ? -0.718  -15.588 -1.601  1.00 33.87 ? 89  GLU A CD  1 
ATOM   300  O OE1 . GLU A 1 37  ? -1.406  -16.513 -1.122  1.00 36.06 ? 89  GLU A OE1 1 
ATOM   301  O OE2 . GLU A 1 37  ? -0.840  -15.200 -2.784  1.00 32.36 ? 89  GLU A OE2 1 
ATOM   302  N N   . SER A 1 38  ? 4.719   -13.986 -1.902  1.00 25.30 ? 90  SER A N   1 
ATOM   303  C CA  . SER A 1 38  ? 6.029   -14.139 -2.555  1.00 24.99 ? 90  SER A CA  1 
ATOM   304  C C   . SER A 1 38  ? 7.165   -13.940 -1.547  1.00 24.55 ? 90  SER A C   1 
ATOM   305  O O   . SER A 1 38  ? 8.224   -14.568 -1.657  1.00 23.17 ? 90  SER A O   1 
ATOM   306  C CB  . SER A 1 38  ? 6.182   -13.165 -3.714  1.00 25.03 ? 90  SER A CB  1 
ATOM   307  O OG  . SER A 1 38  ? 6.138   -11.827 -3.268  1.00 24.19 ? 90  SER A OG  1 
ATOM   308  N N   . ALA A 1 39  ? 6.960   -13.043 -0.583  1.00 21.63 ? 91  ALA A N   1 
ATOM   309  C CA  . ALA A 1 39  ? 7.969   -12.803 0.458   1.00 22.51 ? 91  ALA A CA  1 
ATOM   310  C C   . ALA A 1 39  ? 7.314   -12.876 1.838   1.00 22.26 ? 91  ALA A C   1 
ATOM   311  O O   . ALA A 1 39  ? 6.848   -11.863 2.355   1.00 20.77 ? 91  ALA A O   1 
ATOM   312  C CB  . ALA A 1 39  ? 8.674   -11.460 0.254   1.00 21.59 ? 91  ALA A CB  1 
ATOM   313  N N   . PRO A 1 40  ? 7.298   -14.084 2.475   1.00 22.39 ? 92  PRO A N   1 
ATOM   314  C CA  . PRO A 1 40  ? 6.701   -14.265 3.798   1.00 21.16 ? 92  PRO A CA  1 
ATOM   315  C C   . PRO A 1 40  ? 7.297   -13.338 4.857   1.00 20.60 ? 92  PRO A C   1 
ATOM   316  O O   . PRO A 1 40  ? 8.528   -13.250 5.016   1.00 21.49 ? 92  PRO A O   1 
ATOM   317  C CB  . PRO A 1 40  ? 6.989   -15.734 4.112   1.00 22.54 ? 92  PRO A CB  1 
ATOM   318  C CG  . PRO A 1 40  ? 6.950   -16.363 2.773   1.00 23.54 ? 92  PRO A CG  1 
ATOM   319  C CD  . PRO A 1 40  ? 7.784   -15.387 1.965   1.00 23.48 ? 92  PRO A CD  1 
ATOM   320  N N   . GLY A 1 41  ? 6.409   -12.622 5.528   1.00 18.43 ? 93  GLY A N   1 
ATOM   321  C CA  . GLY A 1 41  ? 6.823   -11.680 6.538   1.00 18.10 ? 93  GLY A CA  1 
ATOM   322  C C   . GLY A 1 41  ? 6.827   -10.247 6.034   1.00 17.16 ? 93  GLY A C   1 
ATOM   323  O O   . GLY A 1 41  ? 6.957   -9.316  6.844   1.00 18.78 ? 93  GLY A O   1 
ATOM   324  N N   . ASP A 1 42  ? 6.711   -10.068 4.710   1.00 16.09 ? 94  ASP A N   1 
ATOM   325  C CA  . ASP A 1 42  ? 6.666   -8.730  4.101   1.00 14.20 ? 94  ASP A CA  1 
ATOM   326  C C   . ASP A 1 42  ? 5.201   -8.325  3.932   1.00 14.67 ? 94  ASP A C   1 
ATOM   327  O O   . ASP A 1 42  ? 4.303   -9.173  3.792   1.00 13.28 ? 94  ASP A O   1 
ATOM   328  C CB  . ASP A 1 42  ? 7.279   -8.702  2.678   1.00 14.37 ? 94  ASP A CB  1 
ATOM   329  C CG  . ASP A 1 42  ? 8.819   -8.613  2.666   1.00 17.16 ? 94  ASP A CG  1 
ATOM   330  O OD1 . ASP A 1 42  ? 9.450   -8.810  3.725   1.00 17.89 ? 94  ASP A OD1 1 
ATOM   331  O OD2 . ASP A 1 42  ? 9.387   -8.346  1.591   1.00 17.51 ? 94  ASP A OD2 1 
ATOM   332  N N   . PHE A 1 43  ? 5.005   -7.014  3.922   1.00 13.28 ? 95  PHE A N   1 
ATOM   333  C CA  . PHE A 1 43  ? 3.685   -6.412  3.690   1.00 14.77 ? 95  PHE A CA  1 
ATOM   334  C C   . PHE A 1 43  ? 3.712   -5.750  2.311   1.00 13.65 ? 95  PHE A C   1 
ATOM   335  O O   . PHE A 1 43  ? 4.765   -5.262  1.863   1.00 10.24 ? 95  PHE A O   1 
ATOM   336  C CB  . PHE A 1 43  ? 3.353   -5.379  4.773   1.00 15.21 ? 95  PHE A CB  1 
ATOM   337  C CG  . PHE A 1 43  ? 3.134   -5.994  6.121   1.00 17.45 ? 95  PHE A CG  1 
ATOM   338  C CD1 . PHE A 1 43  ? 4.171   -6.011  7.076   1.00 19.11 ? 95  PHE A CD1 1 
ATOM   339  C CD2 . PHE A 1 43  ? 1.924   -6.631  6.420   1.00 18.19 ? 95  PHE A CD2 1 
ATOM   340  C CE1 . PHE A 1 43  ? 4.015   -6.661  8.320   1.00 18.60 ? 95  PHE A CE1 1 
ATOM   341  C CE2 . PHE A 1 43  ? 1.739   -7.290  7.660   1.00 17.64 ? 95  PHE A CE2 1 
ATOM   342  C CZ  . PHE A 1 43  ? 2.762   -7.311  8.598   1.00 19.43 ? 95  PHE A CZ  1 
ATOM   343  N N   . SER A 1 44  ? 2.584   -5.833  1.613   1.00 10.96 ? 96  SER A N   1 
ATOM   344  C CA  . SER A 1 44  ? 2.474   -5.213  0.286   1.00 11.64 ? 96  SER A CA  1 
ATOM   345  C C   . SER A 1 44  ? 1.342   -4.185  0.327   1.00 12.47 ? 96  SER A C   1 
ATOM   346  O O   . SER A 1 44  ? 0.291   -4.443  0.911   1.00 12.92 ? 96  SER A O   1 
ATOM   347  C CB  . SER A 1 44  ? 2.155   -6.268  -0.773  1.00 12.16 ? 96  SER A CB  1 
ATOM   348  O OG  . SER A 1 44  ? 3.235   -7.154  -0.986  1.00 12.67 ? 96  SER A OG  1 
ATOM   349  N N   . LEU A 1 45  ? 1.609   -3.002  -0.224  1.00 11.18 ? 97  LEU A N   1 
ATOM   350  C CA  . LEU A 1 45  ? 0.602   -1.934  -0.300  1.00 12.77 ? 97  LEU A CA  1 
ATOM   351  C C   . LEU A 1 45  ? 0.086   -1.912  -1.739  1.00 12.11 ? 97  LEU A C   1 
ATOM   352  O O   . LEU A 1 45  ? 0.843   -1.642  -2.651  1.00 12.86 ? 97  LEU A O   1 
ATOM   353  C CB  . LEU A 1 45  ? 1.261   -0.590  0.052   1.00 12.46 ? 97  LEU A CB  1 
ATOM   354  C CG  . LEU A 1 45  ? 0.587   0.784   -0.167  1.00 15.97 ? 97  LEU A CG  1 
ATOM   355  C CD1 . LEU A 1 45  ? -0.622  0.872   0.675   1.00 18.46 ? 97  LEU A CD1 1 
ATOM   356  C CD2 . LEU A 1 45  ? 1.516   1.886   0.236   1.00 16.84 ? 97  LEU A CD2 1 
ATOM   357  N N   . SER A 1 46  ? -1.178  -2.289  -1.927  1.00 11.83 ? 98  SER A N   1 
ATOM   358  C CA  . SER A 1 46  ? -1.773  -2.325  -3.272  1.00 12.38 ? 98  SER A CA  1 
ATOM   359  C C   . SER A 1 46  ? -2.662  -1.090  -3.419  1.00 11.67 ? 98  SER A C   1 
ATOM   360  O O   . SER A 1 46  ? -3.516  -0.825  -2.560  1.00 11.93 ? 98  SER A O   1 
ATOM   361  C CB  . SER A 1 46  ? -2.570  -3.625  -3.445  1.00 10.83 ? 98  SER A CB  1 
ATOM   362  O OG  . SER A 1 46  ? -1.663  -4.701  -3.473  1.00 13.16 ? 98  SER A OG  1 
ATOM   363  N N   . VAL A 1 47  ? -2.526  -0.356  -4.528  1.00 12.34 ? 99  VAL A N   1 
ATOM   364  C CA  . VAL A 1 47  ? -3.286  0.895   -4.669  1.00 13.21 ? 99  VAL A CA  1 
ATOM   365  C C   . VAL A 1 47  ? -3.720  1.123   -6.120  1.00 14.14 ? 99  VAL A C   1 
ATOM   366  O O   . VAL A 1 47  ? -2.982  0.858   -7.051  1.00 12.97 ? 99  VAL A O   1 
ATOM   367  C CB  . VAL A 1 47  ? -2.413  2.092   -4.125  1.00 13.88 ? 99  VAL A CB  1 
ATOM   368  C CG1 . VAL A 1 47  ? -1.170  2.315   -4.964  1.00 17.18 ? 99  VAL A CG1 1 
ATOM   369  C CG2 . VAL A 1 47  ? -3.247  3.350   -3.977  1.00 11.55 ? 99  VAL A CG2 1 
ATOM   370  N N   . LYS A 1 48  ? -4.899  1.717   -6.252  1.00 15.90 ? 100 LYS A N   1 
ATOM   371  C CA  . LYS A 1 48  ? -5.517  2.016   -7.553  1.00 16.99 ? 100 LYS A CA  1 
ATOM   372  C C   . LYS A 1 48  ? -5.129  3.425   -8.007  1.00 15.74 ? 100 LYS A C   1 
ATOM   373  O O   . LYS A 1 48  ? -5.049  4.365   -7.200  1.00 15.73 ? 100 LYS A O   1 
ATOM   374  C CB  . LYS A 1 48  ? -7.053  1.959   -7.408  1.00 19.35 ? 100 LYS A CB  1 
ATOM   375  C CG  . LYS A 1 48  ? -7.757  1.869   -8.741  1.00 23.51 ? 100 LYS A CG  1 
ATOM   376  C CD  . LYS A 1 48  ? -9.067  2.592   -8.746  1.00 25.11 ? 100 LYS A CD  1 
ATOM   377  C CE  . LYS A 1 48  ? -9.802  2.222   -10.048 1.00 29.24 ? 100 LYS A CE  1 
ATOM   378  N NZ  . LYS A 1 48  ? -10.804 3.265   -10.406 1.00 29.33 ? 100 LYS A NZ  1 
ATOM   379  N N   . PHE A 1 49  ? -4.750  3.532   -9.271  1.00 14.66 ? 101 PHE A N   1 
ATOM   380  C CA  . PHE A 1 49  ? -4.486  4.840   -9.891  1.00 15.05 ? 101 PHE A CA  1 
ATOM   381  C C   . PHE A 1 49  ? -4.903  4.740   -11.358 1.00 14.88 ? 101 PHE A C   1 
ATOM   382  O O   . PHE A 1 49  ? -4.290  3.987   -12.142 1.00 13.78 ? 101 PHE A O   1 
ATOM   383  C CB  . PHE A 1 49  ? -3.046  5.348   -9.805  1.00 12.31 ? 101 PHE A CB  1 
ATOM   384  C CG  . PHE A 1 49  ? -2.905  6.769   -10.313 1.00 13.17 ? 101 PHE A CG  1 
ATOM   385  C CD1 . PHE A 1 49  ? -2.330  7.034   -11.576 1.00 12.59 ? 101 PHE A CD1 1 
ATOM   386  C CD2 . PHE A 1 49  ? -3.423  7.856   -9.559  1.00 13.16 ? 101 PHE A CD2 1 
ATOM   387  C CE1 . PHE A 1 49  ? -2.272  8.361   -12.084 1.00 14.02 ? 101 PHE A CE1 1 
ATOM   388  C CE2 . PHE A 1 49  ? -3.367  9.195   -10.070 1.00 12.38 ? 101 PHE A CE2 1 
ATOM   389  C CZ  . PHE A 1 49  ? -2.787  9.439   -11.334 1.00 10.79 ? 101 PHE A CZ  1 
ATOM   390  N N   . GLY A 1 50  ? -5.915  5.534   -11.717 1.00 15.01 ? 102 GLY A N   1 
ATOM   391  C CA  . GLY A 1 50  ? -6.474  5.459   -13.052 1.00 14.91 ? 102 GLY A CA  1 
ATOM   392  C C   . GLY A 1 50  ? -7.228  4.139   -13.015 1.00 16.78 ? 102 GLY A C   1 
ATOM   393  O O   . GLY A 1 50  ? -7.928  3.857   -12.041 1.00 16.79 ? 102 GLY A O   1 
ATOM   394  N N   . ASN A 1 51  ? -6.957  3.277   -13.987 1.00 16.09 ? 103 ASN A N   1 
ATOM   395  C CA  . ASN A 1 51  ? -7.581  1.949   -14.073 1.00 17.02 ? 103 ASN A CA  1 
ATOM   396  C C   . ASN A 1 51  ? -6.596  0.890   -13.574 1.00 18.11 ? 103 ASN A C   1 
ATOM   397  O O   . ASN A 1 51  ? -6.945  -0.281  -13.365 1.00 19.67 ? 103 ASN A O   1 
ATOM   398  C CB  . ASN A 1 51  ? -7.938  1.636   -15.531 1.00 16.34 ? 103 ASN A CB  1 
ATOM   399  C CG  . ASN A 1 51  ? -9.011  2.555   -16.058 1.00 17.53 ? 103 ASN A CG  1 
ATOM   400  O OD1 . ASN A 1 51  ? -9.943  2.865   -15.333 1.00 19.53 ? 103 ASN A OD1 1 
ATOM   401  N ND2 . ASN A 1 51  ? -8.862  3.018   -17.291 1.00 15.86 ? 103 ASN A ND2 1 
ATOM   402  N N   . ASP A 1 52  ? -5.375  1.313   -13.333 1.00 17.22 ? 104 ASP A N   1 
ATOM   403  C CA  . ASP A 1 52  ? -4.372  0.327   -12.913 1.00 18.97 ? 104 ASP A CA  1 
ATOM   404  C C   . ASP A 1 52  ? -4.276  0.199   -11.393 1.00 17.72 ? 104 ASP A C   1 
ATOM   405  O O   . ASP A 1 52  ? -4.781  1.014   -10.634 1.00 16.94 ? 104 ASP A O   1 
ATOM   406  C CB  . ASP A 1 52  ? -3.023  0.666   -13.482 1.00 19.67 ? 104 ASP A CB  1 
ATOM   407  C CG  . ASP A 1 52  ? -2.120  -0.547  -13.484 1.00 22.92 ? 104 ASP A CG  1 
ATOM   408  O OD1 . ASP A 1 52  ? -0.919  -0.355  -13.542 1.00 20.27 ? 104 ASP A OD1 1 
ATOM   409  O OD2 . ASP A 1 52  ? -2.650  -1.685  -13.372 1.00 28.11 ? 104 ASP A OD2 1 
ATOM   410  N N   . VAL A 1 53  ? -3.707  -0.934  -11.002 1.00 16.53 ? 105 VAL A N   1 
ATOM   411  C CA  . VAL A 1 53  ? -3.421  -1.270  -9.601  1.00 16.43 ? 105 VAL A CA  1 
ATOM   412  C C   . VAL A 1 53  ? -1.915  -1.525  -9.497  1.00 16.69 ? 105 VAL A C   1 
ATOM   413  O O   . VAL A 1 53  ? -1.307  -2.327  -10.275 1.00 16.80 ? 105 VAL A O   1 
ATOM   414  C CB  . VAL A 1 53  ? -4.241  -2.485  -9.097  1.00 17.28 ? 105 VAL A CB  1 
ATOM   415  C CG1 . VAL A 1 53  ? -3.936  -2.776  -7.637  1.00 14.08 ? 105 VAL A CG1 1 
ATOM   416  C CG2 . VAL A 1 53  ? -5.707  -2.173  -9.245  1.00 16.22 ? 105 VAL A CG2 1 
ATOM   417  N N   . GLN A 1 54  ? -1.291  -0.705  -8.662  1.00 13.98 ? 106 GLN A N   1 
ATOM   418  C CA  . GLN A 1 54  ? 0.162   -0.744  -8.450  1.00 13.62 ? 106 GLN A CA  1 
ATOM   419  C C   . GLN A 1 54  ? 0.437   -1.354  -7.077  1.00 13.47 ? 106 GLN A C   1 
ATOM   420  O O   . GLN A 1 54  ? -0.365  -1.216  -6.153  1.00 12.88 ? 106 GLN A O   1 
ATOM   421  C CB  . GLN A 1 54  ? 0.700   0.671   -8.458  1.00 14.66 ? 106 GLN A CB  1 
ATOM   422  C CG  . GLN A 1 54  ? 0.784   1.207   -9.868  1.00 15.70 ? 106 GLN A CG  1 
ATOM   423  C CD  . GLN A 1 54  ? 1.014   2.694   -9.909  1.00 15.85 ? 106 GLN A CD  1 
ATOM   424  O OE1 . GLN A 1 54  ? 0.658   3.341   -10.895 1.00 18.29 ? 106 GLN A OE1 1 
ATOM   425  N NE2 . GLN A 1 54  ? 1.619   3.248   -8.855  1.00 13.55 ? 106 GLN A NE2 1 
ATOM   426  N N   . HIS A 1 55  ? 1.579   -2.015  -6.974  1.00 12.47 ? 107 HIS A N   1 
ATOM   427  C CA  . HIS A 1 55  ? 1.948   -2.693  -5.725  1.00 13.36 ? 107 HIS A CA  1 
ATOM   428  C C   . HIS A 1 55  ? 3.269   -2.122  -5.212  1.00 12.95 ? 107 HIS A C   1 
ATOM   429  O O   . HIS A 1 55  ? 4.214   -1.921  -5.963  1.00 13.21 ? 107 HIS A O   1 
ATOM   430  C CB  . HIS A 1 55  ? 2.056   -4.197  -5.973  1.00 13.61 ? 107 HIS A CB  1 
ATOM   431  C CG  . HIS A 1 55  ? 0.808   -4.790  -6.528  1.00 14.27 ? 107 HIS A CG  1 
ATOM   432  N ND1 . HIS A 1 55  ? -0.301  -5.039  -5.750  1.00 11.94 ? 107 HIS A ND1 1 
ATOM   433  C CD2 . HIS A 1 55  ? 0.464   -5.110  -7.797  1.00 13.86 ? 107 HIS A CD2 1 
ATOM   434  C CE1 . HIS A 1 55  ? -1.279  -5.484  -6.519  1.00 13.14 ? 107 HIS A CE1 1 
ATOM   435  N NE2 . HIS A 1 55  ? -0.837  -5.535  -7.764  1.00 13.07 ? 107 HIS A NE2 1 
ATOM   436  N N   . PHE A 1 56  ? 3.273   -1.805  -3.916  1.00 13.87 ? 108 PHE A N   1 
ATOM   437  C CA  . PHE A 1 56  ? 4.463   -1.261  -3.244  1.00 12.27 ? 108 PHE A CA  1 
ATOM   438  C C   . PHE A 1 56  ? 4.868   -2.222  -2.125  1.00 12.36 ? 108 PHE A C   1 
ATOM   439  O O   . PHE A 1 56  ? 3.998   -2.793  -1.433  1.00 11.69 ? 108 PHE A O   1 
ATOM   440  C CB  . PHE A 1 56  ? 4.171   0.115   -2.632  1.00 14.04 ? 108 PHE A CB  1 
ATOM   441  C CG  . PHE A 1 56  ? 3.873   1.179   -3.644  1.00 13.39 ? 108 PHE A CG  1 
ATOM   442  C CD1 . PHE A 1 56  ? 2.618   1.245   -4.311  1.00 13.04 ? 108 PHE A CD1 1 
ATOM   443  C CD2 . PHE A 1 56  ? 4.860   2.122   -3.969  1.00 12.34 ? 108 PHE A CD2 1 
ATOM   444  C CE1 . PHE A 1 56  ? 2.364   2.250   -5.309  1.00 12.40 ? 108 PHE A CE1 1 
ATOM   445  C CE2 . PHE A 1 56  ? 4.630   3.122   -4.935  1.00 11.91 ? 108 PHE A CE2 1 
ATOM   446  C CZ  . PHE A 1 56  ? 3.378   3.186   -5.608  1.00 10.25 ? 108 PHE A CZ  1 
ATOM   447  N N   . LYS A 1 57  ? 6.178   -2.445  -2.001  1.00 10.51 ? 109 LYS A N   1 
ATOM   448  C CA  . LYS A 1 57  ? 6.691   -3.319  -0.937  1.00 11.66 ? 109 LYS A CA  1 
ATOM   449  C C   . LYS A 1 57  ? 6.962   -2.429  0.277   1.00 12.55 ? 109 LYS A C   1 
ATOM   450  O O   . LYS A 1 57  ? 7.546   -1.340  0.144   1.00 13.81 ? 109 LYS A O   1 
ATOM   451  C CB  . LYS A 1 57  ? 7.987   -3.997  -1.397  1.00 12.11 ? 109 LYS A CB  1 
ATOM   452  C CG  . LYS A 1 57  ? 8.670   -4.889  -0.338  1.00 12.36 ? 109 LYS A CG  1 
ATOM   453  C CD  . LYS A 1 57  ? 9.776   -5.798  -0.882  1.00 10.48 ? 109 LYS A CD  1 
ATOM   454  C CE  . LYS A 1 57  ? 9.237   -7.026  -1.638  1.00 8.42  ? 109 LYS A CE  1 
ATOM   455  N NZ  . LYS A 1 57  ? 8.250   -7.861  -0.871  1.00 11.24 ? 109 LYS A NZ  1 
ATOM   456  N N   . VAL A 1 58  ? 6.376   -2.781  1.407   1.00 12.11 ? 110 VAL A N   1 
ATOM   457  C CA  . VAL A 1 58  ? 6.651   -2.032  2.642   1.00 13.01 ? 110 VAL A CA  1 
ATOM   458  C C   . VAL A 1 58  ? 8.021   -2.502  3.132   1.00 13.45 ? 110 VAL A C   1 
ATOM   459  O O   . VAL A 1 58  ? 8.228   -3.701  3.443   1.00 12.90 ? 110 VAL A O   1 
ATOM   460  C CB  . VAL A 1 58  ? 5.568   -2.188  3.771   1.00 12.43 ? 110 VAL A CB  1 
ATOM   461  C CG1 . VAL A 1 58  ? 5.925   -1.254  4.920   1.00 11.39 ? 110 VAL A CG1 1 
ATOM   462  C CG2 . VAL A 1 58  ? 4.166   -1.835  3.237   1.00 11.90 ? 110 VAL A CG2 1 
ATOM   463  N N   . LEU A 1 59  ? 8.964   -1.573  3.055   1.00 11.34 ? 111 LEU A N   1 
ATOM   464  C CA  . LEU A 1 59  ? 10.363  -1.875  3.382   1.00 11.88 ? 111 LEU A CA  1 
ATOM   465  C C   . LEU A 1 59  ? 10.643  -1.576  4.855   1.00 12.67 ? 111 LEU A C   1 
ATOM   466  O O   . LEU A 1 59  ? 9.957   -0.796  5.471   1.00 13.00 ? 111 LEU A O   1 
ATOM   467  C CB  . LEU A 1 59  ? 11.280  -1.041  2.495   1.00 10.19 ? 111 LEU A CB  1 
ATOM   468  C CG  . LEU A 1 59  ? 11.117  -1.284  0.990   1.00 10.72 ? 111 LEU A CG  1 
ATOM   469  C CD1 . LEU A 1 59  ? 11.828  -0.268  0.189   1.00 9.51  ? 111 LEU A CD1 1 
ATOM   470  C CD2 . LEU A 1 59  ? 11.661  -2.663  0.679   1.00 9.04  ? 111 LEU A CD2 1 
ATOM   471  N N   . ARG A 1 60  ? 11.687  -2.216  5.365   1.00 14.76 ? 112 ARG A N   1 
ATOM   472  C CA  . ARG A 1 60  ? 12.154  -2.065  6.751   1.00 15.38 ? 112 ARG A CA  1 
ATOM   473  C C   . ARG A 1 60  ? 13.675  -1.900  6.700   1.00 14.68 ? 112 ARG A C   1 
ATOM   474  O O   . ARG A 1 60  ? 14.350  -2.696  6.051   1.00 16.53 ? 112 ARG A O   1 
ATOM   475  C CB  . ARG A 1 60  ? 11.724  -3.291  7.571   1.00 18.45 ? 112 ARG A CB  1 
ATOM   476  C CG  . ARG A 1 60  ? 11.781  -3.043  9.036   1.00 23.62 ? 112 ARG A CG  1 
ATOM   477  C CD  . ARG A 1 60  ? 10.652  -3.727  9.791   1.00 26.67 ? 112 ARG A CD  1 
ATOM   478  N NE  . ARG A 1 60  ? 10.845  -3.634  11.247  1.00 27.60 ? 112 ARG A NE  1 
ATOM   479  C CZ  . ARG A 1 60  ? 11.515  -4.531  11.974  1.00 29.61 ? 112 ARG A CZ  1 
ATOM   480  N NH1 . ARG A 1 60  ? 12.071  -5.591  11.393  1.00 33.08 ? 112 ARG A NH1 1 
ATOM   481  N NH2 . ARG A 1 60  ? 11.562  -4.427  13.299  1.00 30.28 ? 112 ARG A NH2 1 
ATOM   482  N N   . ASP A 1 61  ? 14.195  -0.823  7.302   1.00 13.74 ? 113 ASP A N   1 
ATOM   483  C CA  . ASP A 1 61  ? 15.639  -0.539  7.280   1.00 14.29 ? 113 ASP A CA  1 
ATOM   484  C C   . ASP A 1 61  ? 16.373  -1.245  8.423   1.00 15.13 ? 113 ASP A C   1 
ATOM   485  O O   . ASP A 1 61  ? 15.766  -1.937  9.227   1.00 14.32 ? 113 ASP A O   1 
ATOM   486  C CB  . ASP A 1 61  ? 15.899  0.977   7.281   1.00 14.50 ? 113 ASP A CB  1 
ATOM   487  C CG  . ASP A 1 61  ? 15.545  1.680   8.604   1.00 15.80 ? 113 ASP A CG  1 
ATOM   488  O OD1 . ASP A 1 61  ? 15.283  1.031   9.632   1.00 14.25 ? 113 ASP A OD1 1 
ATOM   489  O OD2 . ASP A 1 61  ? 15.512  2.936   8.601   1.00 15.78 ? 113 ASP A OD2 1 
ATOM   490  N N   . GLY A 1 62  ? 17.673  -0.976  8.529   1.00 16.28 ? 114 GLY A N   1 
ATOM   491  C CA  . GLY A 1 62  ? 18.490  -1.563  9.572   1.00 14.81 ? 114 GLY A CA  1 
ATOM   492  C C   . GLY A 1 62  ? 18.082  -1.164  10.993  1.00 15.62 ? 114 GLY A C   1 
ATOM   493  O O   . GLY A 1 62  ? 18.386  -1.878  11.940  1.00 13.88 ? 114 GLY A O   1 
ATOM   494  N N   . ALA A 1 63  ? 17.328  -0.073  11.134  1.00 14.93 ? 115 ALA A N   1 
ATOM   495  C CA  . ALA A 1 63  ? 16.877  0.407   12.450  1.00 16.49 ? 115 ALA A CA  1 
ATOM   496  C C   . ALA A 1 63  ? 15.472  -0.118  12.753  1.00 17.07 ? 115 ALA A C   1 
ATOM   497  O O   . ALA A 1 63  ? 14.835  0.314   13.721  1.00 17.68 ? 115 ALA A O   1 
ATOM   498  C CB  . ALA A 1 63  ? 16.876  1.963   12.483  1.00 17.60 ? 115 ALA A CB  1 
ATOM   499  N N   . GLY A 1 64  ? 14.978  -1.012  11.875  1.00 16.47 ? 116 GLY A N   1 
ATOM   500  C CA  . GLY A 1 64  ? 13.652  -1.586  12.018  1.00 14.95 ? 116 GLY A CA  1 
ATOM   501  C C   . GLY A 1 64  ? 12.483  -0.670  11.663  1.00 14.78 ? 116 GLY A C   1 
ATOM   502  O O   . GLY A 1 64  ? 11.330  -0.996  11.916  1.00 16.10 ? 116 GLY A O   1 
ATOM   503  N N   . LYS A 1 65  ? 12.778  0.457   11.027  1.00 14.24 ? 117 LYS A N   1 
ATOM   504  C CA  . LYS A 1 65  ? 11.755  1.444   10.649  1.00 14.61 ? 117 LYS A CA  1 
ATOM   505  C C   . LYS A 1 65  ? 11.190  1.131   9.261   1.00 14.20 ? 117 LYS A C   1 
ATOM   506  O O   . LYS A 1 65  ? 11.913  0.689   8.398   1.00 13.07 ? 117 LYS A O   1 
ATOM   507  C CB  . LYS A 1 65  ? 12.347  2.833   10.720  1.00 14.57 ? 117 LYS A CB  1 
ATOM   508  C CG  . LYS A 1 65  ? 12.913  3.118   12.155  1.00 17.57 ? 117 LYS A CG  1 
ATOM   509  C CD  . LYS A 1 65  ? 12.999  4.588   12.462  1.00 24.48 ? 117 LYS A CD  1 
ATOM   510  C CE  . LYS A 1 65  ? 13.606  4.829   13.857  1.00 26.31 ? 117 LYS A CE  1 
ATOM   511  N NZ  . LYS A 1 65  ? 12.905  4.092   14.960  1.00 25.13 ? 117 LYS A NZ  1 
ATOM   512  N N   . TYR A 1 66  ? 9.874   1.323   9.108   1.00 13.60 ? 118 TYR A N   1 
ATOM   513  C CA  . TYR A 1 66  ? 9.152   1.086   7.850   1.00 14.11 ? 118 TYR A CA  1 
ATOM   514  C C   . TYR A 1 66  ? 9.328   2.287   6.922   1.00 13.44 ? 118 TYR A C   1 
ATOM   515  O O   . TYR A 1 66  ? 9.381   3.437   7.375   1.00 14.73 ? 118 TYR A O   1 
ATOM   516  C CB  . TYR A 1 66  ? 7.651   0.895   8.073   1.00 15.04 ? 118 TYR A CB  1 
ATOM   517  C CG  . TYR A 1 66  ? 7.266   -0.361  8.821   1.00 17.03 ? 118 TYR A CG  1 
ATOM   518  C CD1 . TYR A 1 66  ? 6.765   -0.291  10.125  1.00 19.49 ? 118 TYR A CD1 1 
ATOM   519  C CD2 . TYR A 1 66  ? 7.352   -1.634  8.214   1.00 17.09 ? 118 TYR A CD2 1 
ATOM   520  C CE1 . TYR A 1 66  ? 6.334   -1.467  10.820  1.00 18.47 ? 118 TYR A CE1 1 
ATOM   521  C CE2 . TYR A 1 66  ? 6.935   -2.803  8.888   1.00 18.95 ? 118 TYR A CE2 1 
ATOM   522  C CZ  . TYR A 1 66  ? 6.420   -2.707  10.191  1.00 19.91 ? 118 TYR A CZ  1 
ATOM   523  O OH  . TYR A 1 66  ? 5.974   -3.845  10.835  1.00 21.91 ? 118 TYR A OH  1 
ATOM   524  N N   . PHE A 1 67  ? 9.343   2.002   5.620   1.00 11.54 ? 119 PHE A N   1 
ATOM   525  C CA  . PHE A 1 67  ? 9.505   3.072   4.627   1.00 11.15 ? 119 PHE A CA  1 
ATOM   526  C C   . PHE A 1 67  ? 9.121   2.571   3.234   1.00 11.03 ? 119 PHE A C   1 
ATOM   527  O O   . PHE A 1 67  ? 8.949   1.366   3.007   1.00 9.98  ? 119 PHE A O   1 
ATOM   528  C CB  . PHE A 1 67  ? 10.943  3.603   4.648   1.00 10.67 ? 119 PHE A CB  1 
ATOM   529  C CG  . PHE A 1 67  ? 11.992  2.676   4.065   1.00 11.51 ? 119 PHE A CG  1 
ATOM   530  C CD1 . PHE A 1 67  ? 12.482  2.920   2.773   1.00 12.27 ? 119 PHE A CD1 1 
ATOM   531  C CD2 . PHE A 1 67  ? 12.595  1.662   4.835   1.00 9.54  ? 119 PHE A CD2 1 
ATOM   532  C CE1 . PHE A 1 67  ? 13.580  2.175   2.233   1.00 12.57 ? 119 PHE A CE1 1 
ATOM   533  C CE2 . PHE A 1 67  ? 13.693  0.905   4.310   1.00 11.98 ? 119 PHE A CE2 1 
ATOM   534  C CZ  . PHE A 1 67  ? 14.183  1.175   2.997   1.00 13.45 ? 119 PHE A CZ  1 
ATOM   535  N N   . LEU A 1 68  ? 8.881   3.533   2.347   1.00 11.07 ? 120 LEU A N   1 
ATOM   536  C CA  . LEU A 1 68  ? 8.619   3.185   0.942   1.00 11.06 ? 120 LEU A CA  1 
ATOM   537  C C   . LEU A 1 68  ? 9.790   3.703   0.106   1.00 11.45 ? 120 LEU A C   1 
ATOM   538  O O   . LEU A 1 68  ? 10.218  3.036   -0.861  1.00 12.64 ? 120 LEU A O   1 
ATOM   539  C CB  . LEU A 1 68  ? 7.310   3.788   0.431   1.00 10.28 ? 120 LEU A CB  1 
ATOM   540  C CG  . LEU A 1 68  ? 6.009   3.291   1.025   1.00 11.06 ? 120 LEU A CG  1 
ATOM   541  C CD1 . LEU A 1 68  ? 4.895   4.073   0.404   1.00 9.78  ? 120 LEU A CD1 1 
ATOM   542  C CD2 . LEU A 1 68  ? 5.797   1.763   0.789   1.00 11.02 ? 120 LEU A CD2 1 
ATOM   543  N N   . TRP A 1 69  ? 10.325  4.873   0.484   1.00 12.14 ? 121 TRP A N   1 
ATOM   544  C CA  . TRP A 1 69  ? 11.410  5.495   -0.290  1.00 12.67 ? 121 TRP A CA  1 
ATOM   545  C C   . TRP A 1 69  ? 12.562  5.965   0.599   1.00 13.25 ? 121 TRP A C   1 
ATOM   546  O O   . TRP A 1 69  ? 13.632  5.332   0.606   1.00 13.78 ? 121 TRP A O   1 
ATOM   547  C CB  . TRP A 1 69  ? 10.868  6.673   -1.144  1.00 12.57 ? 121 TRP A CB  1 
ATOM   548  C CG  . TRP A 1 69  ? 9.775   6.281   -2.120  1.00 14.97 ? 121 TRP A CG  1 
ATOM   549  C CD1 . TRP A 1 69  ? 8.424   6.482   -1.963  1.00 14.61 ? 121 TRP A CD1 1 
ATOM   550  C CD2 . TRP A 1 69  ? 9.936   5.628   -3.385  1.00 14.60 ? 121 TRP A CD2 1 
ATOM   551  N NE1 . TRP A 1 69  ? 7.743   6.010   -3.046  1.00 14.02 ? 121 TRP A NE1 1 
ATOM   552  C CE2 . TRP A 1 69  ? 8.630   5.487   -3.948  1.00 14.46 ? 121 TRP A CE2 1 
ATOM   553  C CE3 . TRP A 1 69  ? 11.061  5.160   -4.121  1.00 12.87 ? 121 TRP A CE3 1 
ATOM   554  C CZ2 . TRP A 1 69  ? 8.399   4.911   -5.229  1.00 11.81 ? 121 TRP A CZ2 1 
ATOM   555  C CZ3 . TRP A 1 69  ? 10.840  4.582   -5.405  1.00 13.01 ? 121 TRP A CZ3 1 
ATOM   556  C CH2 . TRP A 1 69  ? 9.499   4.475   -5.943  1.00 12.93 ? 121 TRP A CH2 1 
ATOM   557  N N   . VAL A 1 70  ? 12.366  7.099   1.301   1.00 13.05 ? 122 VAL A N   1 
ATOM   558  C CA  . VAL A 1 70  ? 13.397  7.722   2.148   1.00 14.14 ? 122 VAL A CA  1 
ATOM   559  C C   . VAL A 1 70  ? 12.869  8.045   3.550   1.00 13.89 ? 122 VAL A C   1 
ATOM   560  O O   . VAL A 1 70  ? 13.548  7.756   4.536   1.00 12.87 ? 122 VAL A O   1 
ATOM   561  C CB  . VAL A 1 70  ? 13.956  9.045   1.504   1.00 15.33 ? 122 VAL A CB  1 
ATOM   562  C CG1 . VAL A 1 70  ? 15.055  9.688   2.404   1.00 18.55 ? 122 VAL A CG1 1 
ATOM   563  C CG2 . VAL A 1 70  ? 14.498  8.744   0.096   1.00 17.37 ? 122 VAL A CG2 1 
ATOM   564  N N   . VAL A 1 71  ? 11.669  8.626   3.683   1.00 13.75 ? 123 VAL A N   1 
ATOM   565  C CA  . VAL A 1 71  ? 11.115  8.955   5.008   1.00 15.50 ? 123 VAL A CA  1 
ATOM   566  C C   . VAL A 1 71  ? 10.834  7.659   5.776   1.00 16.10 ? 123 VAL A C   1 
ATOM   567  O O   . VAL A 1 71  ? 10.291  6.718   5.196   1.00 15.32 ? 123 VAL A O   1 
ATOM   568  C CB  . VAL A 1 71  ? 9.856   9.836   4.888   1.00 14.93 ? 123 VAL A CB  1 
ATOM   569  C CG1 . VAL A 1 71  ? 9.389   10.316  6.267   1.00 16.76 ? 123 VAL A CG1 1 
ATOM   570  C CG2 . VAL A 1 71  ? 10.164  11.038  3.991   1.00 17.81 ? 123 VAL A CG2 1 
ATOM   571  N N   . LYS A 1 72  ? 11.268  7.608   7.053   1.00 14.41 ? 124 LYS A N   1 
ATOM   572  C CA  . LYS A 1 72  ? 11.167  6.416   7.912   1.00 15.03 ? 124 LYS A CA  1 
ATOM   573  C C   . LYS A 1 72  ? 10.077  6.596   8.974   1.00 16.08 ? 124 LYS A C   1 
ATOM   574  O O   . LYS A 1 72  ? 9.907   7.678   9.528   1.00 15.76 ? 124 LYS A O   1 
ATOM   575  C CB  . LYS A 1 72  ? 12.519  6.147   8.589   1.00 15.44 ? 124 LYS A CB  1 
ATOM   576  C CG  . LYS A 1 72  ? 13.756  6.137   7.668   1.00 15.81 ? 124 LYS A CG  1 
ATOM   577  C CD  . LYS A 1 72  ? 13.665  4.992   6.663   1.00 15.99 ? 124 LYS A CD  1 
ATOM   578  C CE  . LYS A 1 72  ? 14.842  4.932   5.672   1.00 17.98 ? 124 LYS A CE  1 
ATOM   579  N NZ  . LYS A 1 72  ? 16.034  4.448   6.383   1.00 18.50 ? 124 LYS A NZ  1 
ATOM   580  N N   . PHE A 1 73  ? 9.360   5.507   9.269   1.00 14.18 ? 125 PHE A N   1 
ATOM   581  C CA  . PHE A 1 73  ? 8.226   5.485   10.206  1.00 14.90 ? 125 PHE A CA  1 
ATOM   582  C C   . PHE A 1 73  ? 8.385   4.377   11.250  1.00 15.83 ? 125 PHE A C   1 
ATOM   583  O O   . PHE A 1 73  ? 8.892   3.304   10.959  1.00 15.52 ? 125 PHE A O   1 
ATOM   584  C CB  . PHE A 1 73  ? 6.917   5.242   9.431   1.00 15.37 ? 125 PHE A CB  1 
ATOM   585  C CG  . PHE A 1 73  ? 6.733   6.174   8.269   1.00 14.83 ? 125 PHE A CG  1 
ATOM   586  C CD1 . PHE A 1 73  ? 7.148   5.795   6.976   1.00 16.09 ? 125 PHE A CD1 1 
ATOM   587  C CD2 . PHE A 1 73  ? 6.207   7.462   8.464   1.00 17.20 ? 125 PHE A CD2 1 
ATOM   588  C CE1 . PHE A 1 73  ? 7.050   6.681   5.873   1.00 16.22 ? 125 PHE A CE1 1 
ATOM   589  C CE2 . PHE A 1 73  ? 6.102   8.364   7.379   1.00 16.44 ? 125 PHE A CE2 1 
ATOM   590  C CZ  . PHE A 1 73  ? 6.533   7.954   6.069   1.00 15.92 ? 125 PHE A CZ  1 
ATOM   591  N N   . ASN A 1 74  ? 7.760   4.579   12.410  1.00 15.95 ? 126 ASN A N   1 
ATOM   592  C CA  . ASN A 1 74  ? 7.847   3.614   13.517  1.00 17.82 ? 126 ASN A CA  1 
ATOM   593  C C   . ASN A 1 74  ? 6.760   2.541   13.452  1.00 17.86 ? 126 ASN A C   1 
ATOM   594  O O   . ASN A 1 74  ? 6.838   1.554   14.187  1.00 19.30 ? 126 ASN A O   1 
ATOM   595  C CB  . ASN A 1 74  ? 7.843   4.326   14.865  1.00 19.90 ? 126 ASN A CB  1 
ATOM   596  C CG  . ASN A 1 74  ? 9.141   5.002   15.117  1.00 22.82 ? 126 ASN A CG  1 
ATOM   597  O OD1 . ASN A 1 74  ? 10.201  4.399   14.900  1.00 26.11 ? 126 ASN A OD1 1 
ATOM   598  N ND2 . ASN A 1 74  ? 9.098   6.277   15.490  1.00 22.37 ? 126 ASN A ND2 1 
ATOM   599  N N   . SER A 1 75  ? 5.757   2.734   12.595  1.00 15.88 ? 127 SER A N   1 
ATOM   600  C CA  . SER A 1 75  ? 4.675   1.749   12.450  1.00 16.65 ? 127 SER A CA  1 
ATOM   601  C C   . SER A 1 75  ? 4.119   1.822   11.027  1.00 15.58 ? 127 SER A C   1 
ATOM   602  O O   . SER A 1 75  ? 4.377   2.786   10.320  1.00 15.61 ? 127 SER A O   1 
ATOM   603  C CB  . SER A 1 75  ? 3.539   2.049   13.422  1.00 15.87 ? 127 SER A CB  1 
ATOM   604  O OG  . SER A 1 75  ? 2.992   3.306   13.166  1.00 15.93 ? 127 SER A OG  1 
ATOM   605  N N   . LEU A 1 76  ? 3.400   0.768   10.639  1.00 15.59 ? 128 LEU A N   1 
ATOM   606  C CA  . LEU A 1 76  ? 2.696   0.714   9.349   1.00 17.13 ? 128 LEU A CA  1 
ATOM   607  C C   . LEU A 1 76  ? 1.597   1.778   9.354   1.00 16.52 ? 128 LEU A C   1 
ATOM   608  O O   . LEU A 1 76  ? 1.353   2.405   8.360   1.00 16.58 ? 128 LEU A O   1 
ATOM   609  C CB  . LEU A 1 76  ? 1.993   -0.618  9.123   1.00 17.60 ? 128 LEU A CB  1 
ATOM   610  C CG  . LEU A 1 76  ? 2.678   -1.881  8.649   1.00 19.68 ? 128 LEU A CG  1 
ATOM   611  C CD1 . LEU A 1 76  ? 1.632   -3.004  8.758   1.00 18.38 ? 128 LEU A CD1 1 
ATOM   612  C CD2 . LEU A 1 76  ? 3.147   -1.704  7.211   1.00 21.09 ? 128 LEU A CD2 1 
ATOM   613  N N   . ASN A 1 77  ? 0.947   1.930   10.512  1.00 16.63 ? 129 ASN A N   1 
ATOM   614  C CA  . ASN A 1 77  ? -0.139  2.888   10.781  1.00 15.39 ? 129 ASN A CA  1 
ATOM   615  C C   . ASN A 1 77  ? 0.326   4.305   10.430  1.00 14.41 ? 129 ASN A C   1 
ATOM   616  O O   . ASN A 1 77  ? -0.389  5.025   9.746   1.00 12.62 ? 129 ASN A O   1 
ATOM   617  C CB  . ASN A 1 77  ? -0.508  2.783   12.286  1.00 16.82 ? 129 ASN A CB  1 
ATOM   618  C CG  . ASN A 1 77  ? -1.844  3.472   12.668  1.00 19.15 ? 129 ASN A CG  1 
ATOM   619  O OD1 . ASN A 1 77  ? -2.329  3.280   13.790  1.00 17.83 ? 129 ASN A OD1 1 
ATOM   620  N ND2 . ASN A 1 77  ? -2.398  4.291   11.780  1.00 17.72 ? 129 ASN A ND2 1 
ATOM   621  N N   . GLU A 1 78  ? 1.524   4.684   10.888  1.00 12.38 ? 130 GLU A N   1 
ATOM   622  C CA  . GLU A 1 78  ? 2.097   6.013   10.620  1.00 13.47 ? 130 GLU A CA  1 
ATOM   623  C C   . GLU A 1 78  ? 2.482   6.148   9.145   1.00 12.69 ? 130 GLU A C   1 
ATOM   624  O O   . GLU A 1 78  ? 2.293   7.204   8.556   1.00 13.81 ? 130 GLU A O   1 
ATOM   625  C CB  . GLU A 1 78  ? 3.302   6.306   11.513  1.00 14.19 ? 130 GLU A CB  1 
ATOM   626  C CG  . GLU A 1 78  ? 2.905   6.548   12.963  1.00 18.90 ? 130 GLU A CG  1 
ATOM   627  C CD  . GLU A 1 78  ? 4.081   6.421   13.915  1.00 20.81 ? 130 GLU A CD  1 
ATOM   628  O OE1 . GLU A 1 78  ? 4.590   7.464   14.363  1.00 21.36 ? 130 GLU A OE1 1 
ATOM   629  O OE2 . GLU A 1 78  ? 4.497   5.278   14.182  1.00 20.02 ? 130 GLU A OE2 1 
ATOM   630  N N   . LEU A 1 79  ? 3.000   5.083   8.532   1.00 13.58 ? 131 LEU A N   1 
ATOM   631  C CA  . LEU A 1 79  ? 3.362   5.105   7.106   1.00 13.09 ? 131 LEU A CA  1 
ATOM   632  C C   . LEU A 1 79  ? 2.097   5.381   6.293   1.00 13.97 ? 131 LEU A C   1 
ATOM   633  O O   . LEU A 1 79  ? 2.081   6.266   5.434   1.00 13.95 ? 131 LEU A O   1 
ATOM   634  C CB  . LEU A 1 79  ? 3.992   3.762   6.651   1.00 13.31 ? 131 LEU A CB  1 
ATOM   635  C CG  . LEU A 1 79  ? 4.450   3.615   5.176   1.00 11.36 ? 131 LEU A CG  1 
ATOM   636  C CD1 . LEU A 1 79  ? 5.583   2.656   5.138   1.00 11.81 ? 131 LEU A CD1 1 
ATOM   637  C CD2 . LEU A 1 79  ? 3.372   3.123   4.266   1.00 11.90 ? 131 LEU A CD2 1 
ATOM   638  N N   . VAL A 1 80  ? 1.049   4.601   6.564   1.00 13.73 ? 132 VAL A N   1 
ATOM   639  C CA  . VAL A 1 80  ? -0.240  4.737   5.866   1.00 13.67 ? 132 VAL A CA  1 
ATOM   640  C C   . VAL A 1 80  ? -0.815  6.147   6.035   1.00 13.32 ? 132 VAL A C   1 
ATOM   641  O O   . VAL A 1 80  ? -1.174  6.781   5.032   1.00 12.35 ? 132 VAL A O   1 
ATOM   642  C CB  . VAL A 1 80  ? -1.287  3.680   6.398   1.00 14.66 ? 132 VAL A CB  1 
ATOM   643  C CG1 . VAL A 1 80  ? -2.708  4.015   5.943   1.00 13.04 ? 132 VAL A CG1 1 
ATOM   644  C CG2 . VAL A 1 80  ? -0.911  2.298   5.905   1.00 15.22 ? 132 VAL A CG2 1 
ATOM   645  N N   . ASP A 1 81  ? -0.905  6.645   7.280   1.00 13.12 ? 133 ASP A N   1 
ATOM   646  C CA  . ASP A 1 81  ? -1.482  7.972   7.552   1.00 14.57 ? 133 ASP A CA  1 
ATOM   647  C C   . ASP A 1 81  ? -0.694  9.097   6.882   1.00 14.64 ? 133 ASP A C   1 
ATOM   648  O O   . ASP A 1 81  ? -1.300  10.019  6.308   1.00 16.35 ? 133 ASP A O   1 
ATOM   649  C CB  . ASP A 1 81  ? -1.656  8.216   9.051   1.00 16.58 ? 133 ASP A CB  1 
ATOM   650  C CG  . ASP A 1 81  ? -2.807  7.369   9.632   1.00 19.02 ? 133 ASP A CG  1 
ATOM   651  O OD1 . ASP A 1 81  ? -3.603  6.828   8.825   1.00 19.30 ? 133 ASP A OD1 1 
ATOM   652  O OD2 . ASP A 1 81  ? -2.894  7.216   10.853  1.00 19.70 ? 133 ASP A OD2 1 
ATOM   653  N N   . TYR A 1 82  ? 0.635   8.974   6.882   1.00 13.52 ? 134 TYR A N   1 
ATOM   654  C CA  . TYR A 1 82  ? 1.486   9.978   6.231   1.00 13.28 ? 134 TYR A CA  1 
ATOM   655  C C   . TYR A 1 82  ? 1.171   10.042  4.735   1.00 14.41 ? 134 TYR A C   1 
ATOM   656  O O   . TYR A 1 82  ? 1.076   11.128  4.176   1.00 15.74 ? 134 TYR A O   1 
ATOM   657  C CB  . TYR A 1 82  ? 2.958   9.624   6.437   1.00 13.22 ? 134 TYR A CB  1 
ATOM   658  C CG  . TYR A 1 82  ? 3.976   10.550  5.796   1.00 15.60 ? 134 TYR A CG  1 
ATOM   659  C CD1 . TYR A 1 82  ? 4.502   11.658  6.493   1.00 16.07 ? 134 TYR A CD1 1 
ATOM   660  C CD2 . TYR A 1 82  ? 4.478   10.276  4.519   1.00 16.67 ? 134 TYR A CD2 1 
ATOM   661  C CE1 . TYR A 1 82  ? 5.511   12.477  5.916   1.00 18.22 ? 134 TYR A CE1 1 
ATOM   662  C CE2 . TYR A 1 82  ? 5.490   11.069  3.931   1.00 18.91 ? 134 TYR A CE2 1 
ATOM   663  C CZ  . TYR A 1 82  ? 5.992   12.158  4.625   1.00 18.38 ? 134 TYR A CZ  1 
ATOM   664  O OH  . TYR A 1 82  ? 6.954   12.904  3.999   1.00 19.47 ? 134 TYR A OH  1 
ATOM   665  N N   . HIS A 1 83  ? 0.929   8.879   4.111   1.00 13.24 ? 135 HIS A N   1 
ATOM   666  C CA  . HIS A 1 83  ? 0.693   8.823   2.659   1.00 12.19 ? 135 HIS A CA  1 
ATOM   667  C C   . HIS A 1 83  ? -0.732  9.191   2.235   1.00 12.86 ? 135 HIS A C   1 
ATOM   668  O O   . HIS A 1 83  ? -1.090  9.105   1.047   1.00 12.44 ? 135 HIS A O   1 
ATOM   669  C CB  . HIS A 1 83  ? 1.225   7.541   2.061   1.00 10.76 ? 135 HIS A CB  1 
ATOM   670  C CG  . HIS A 1 83  ? 2.718   7.501   2.029   1.00 12.01 ? 135 HIS A CG  1 
ATOM   671  N ND1 . HIS A 1 83  ? 3.452   8.188   1.087   1.00 13.60 ? 135 HIS A ND1 1 
ATOM   672  C CD2 . HIS A 1 83  ? 3.623   6.880   2.829   1.00 13.71 ? 135 HIS A CD2 1 
ATOM   673  C CE1 . HIS A 1 83  ? 4.743   7.987   1.293   1.00 13.33 ? 135 HIS A CE1 1 
ATOM   674  N NE2 . HIS A 1 83  ? 4.877   7.195   2.345   1.00 14.37 ? 135 HIS A NE2 1 
ATOM   675  N N   . ARG A 1 84  ? -1.533  9.661   3.180   1.00 13.16 ? 136 ARG A N   1 
ATOM   676  C CA  . ARG A 1 84  ? -2.868  10.186  2.855   1.00 14.88 ? 136 ARG A CA  1 
ATOM   677  C C   . ARG A 1 84  ? -2.709  11.591  2.266   1.00 14.90 ? 136 ARG A C   1 
ATOM   678  O O   . ARG A 1 84  ? -3.589  12.065  1.542   1.00 14.03 ? 136 ARG A O   1 
ATOM   679  C CB  . ARG A 1 84  ? -3.754  10.260  4.108   1.00 14.44 ? 136 ARG A CB  1 
ATOM   680  C CG  . ARG A 1 84  ? -4.271  8.894   4.484   1.00 13.83 ? 136 ARG A CG  1 
ATOM   681  C CD  . ARG A 1 84  ? -5.108  8.912   5.723   1.00 16.82 ? 136 ARG A CD  1 
ATOM   682  N NE  . ARG A 1 84  ? -5.275  7.559   6.306   1.00 17.78 ? 136 ARG A NE  1 
ATOM   683  C CZ  . ARG A 1 84  ? -6.137  6.652   5.849   1.00 20.94 ? 136 ARG A CZ  1 
ATOM   684  N NH1 . ARG A 1 84  ? -6.895  6.950   4.793   1.00 20.12 ? 136 ARG A NH1 1 
ATOM   685  N NH2 . ARG A 1 84  ? -6.292  5.491   6.470   1.00 18.46 ? 136 ARG A NH2 1 
ATOM   686  N N   . SER A 1 85  ? -1.570  12.242  2.533   1.00 15.57 ? 137 SER A N   1 
ATOM   687  C CA  . SER A 1 85  ? -1.346  13.601  2.012   1.00 15.18 ? 137 SER A CA  1 
ATOM   688  C C   . SER A 1 85  ? 0.006   13.746  1.306   1.00 15.22 ? 137 SER A C   1 
ATOM   689  O O   . SER A 1 85  ? 0.367   14.830  0.872   1.00 14.48 ? 137 SER A O   1 
ATOM   690  C CB  . SER A 1 85  ? -1.543  14.667  3.098   1.00 15.50 ? 137 SER A CB  1 
ATOM   691  O OG  . SER A 1 85  ? -0.688  14.485  4.195   1.00 16.98 ? 137 SER A OG  1 
ATOM   692  N N   . THR A 1 86  ? 0.762   12.663  1.201   1.00 12.75 ? 138 THR A N   1 
ATOM   693  C CA  . THR A 1 86  ? 2.040   12.648  0.472   1.00 13.63 ? 138 THR A CA  1 
ATOM   694  C C   . THR A 1 86  ? 1.973   11.459  -0.490  1.00 13.44 ? 138 THR A C   1 
ATOM   695  O O   . THR A 1 86  ? 1.594   10.370  -0.077  1.00 11.70 ? 138 THR A O   1 
ATOM   696  C CB  . THR A 1 86  ? 3.248   12.588  1.433   1.00 12.27 ? 138 THR A CB  1 
ATOM   697  O OG1 . THR A 1 86  ? 3.252   13.763  2.260   1.00 14.99 ? 138 THR A OG1 1 
ATOM   698  C CG2 . THR A 1 86  ? 4.584   12.540  0.650   1.00 11.87 ? 138 THR A CG2 1 
ATOM   699  N N   . SER A 1 87  ? 2.290   11.671  -1.775  1.00 11.95 ? 139 SER A N   1 
ATOM   700  C CA  . SER A 1 87  ? 2.170   10.597  -2.775  1.00 12.40 ? 139 SER A CA  1 
ATOM   701  C C   . SER A 1 87  ? 3.047   9.381   -2.468  1.00 11.82 ? 139 SER A C   1 
ATOM   702  O O   . SER A 1 87  ? 4.184   9.520   -2.024  1.00 12.55 ? 139 SER A O   1 
ATOM   703  C CB  . SER A 1 87  ? 2.492   11.091  -4.201  1.00 9.29  ? 139 SER A CB  1 
ATOM   704  O OG  . SER A 1 87  ? 2.281   10.030  -5.150  1.00 9.88  ? 139 SER A OG  1 
ATOM   705  N N   . VAL A 1 88  ? 2.502   8.189   -2.767  1.00 12.77 ? 140 VAL A N   1 
ATOM   706  C CA  . VAL A 1 88  ? 3.257   6.937   -2.598  1.00 11.60 ? 140 VAL A CA  1 
ATOM   707  C C   . VAL A 1 88  ? 4.181   6.730   -3.801  1.00 11.94 ? 140 VAL A C   1 
ATOM   708  O O   . VAL A 1 88  ? 5.148   5.977   -3.714  1.00 12.82 ? 140 VAL A O   1 
ATOM   709  C CB  . VAL A 1 88  ? 2.371   5.671   -2.397  1.00 10.30 ? 140 VAL A CB  1 
ATOM   710  C CG1 . VAL A 1 88  ? 1.686   5.679   -1.055  1.00 9.10  ? 140 VAL A CG1 1 
ATOM   711  C CG2 . VAL A 1 88  ? 1.359   5.474   -3.538  1.00 9.21  ? 140 VAL A CG2 1 
ATOM   712  N N   . SER A 1 89  ? 3.927   7.470   -4.884  1.00 11.46 ? 141 SER A N   1 
ATOM   713  C CA  . SER A 1 89  ? 4.720   7.345   -6.115  1.00 11.89 ? 141 SER A CA  1 
ATOM   714  C C   . SER A 1 89  ? 5.557   8.606   -6.346  1.00 12.28 ? 141 SER A C   1 
ATOM   715  O O   . SER A 1 89  ? 5.120   9.722   -6.039  1.00 12.27 ? 141 SER A O   1 
ATOM   716  C CB  . SER A 1 89  ? 3.771   7.141   -7.299  1.00 11.21 ? 141 SER A CB  1 
ATOM   717  O OG  . SER A 1 89  ? 4.431   7.150   -8.549  1.00 12.64 ? 141 SER A OG  1 
ATOM   718  N N   . ARG A 1 90  ? 6.712   8.419   -6.995  1.00 11.30 ? 142 ARG A N   1 
ATOM   719  C CA  . ARG A 1 90  ? 7.620   9.532   -7.310  1.00 14.23 ? 142 ARG A CA  1 
ATOM   720  C C   . ARG A 1 90  ? 7.289   10.102  -8.695  1.00 13.55 ? 142 ARG A C   1 
ATOM   721  O O   . ARG A 1 90  ? 7.740   11.197  -9.044  1.00 14.03 ? 142 ARG A O   1 
ATOM   722  C CB  . ARG A 1 90  ? 9.085   9.055   -7.328  1.00 14.49 ? 142 ARG A CB  1 
ATOM   723  C CG  . ARG A 1 90  ? 9.722   8.711   -5.965  1.00 18.87 ? 142 ARG A CG  1 
ATOM   724  C CD  . ARG A 1 90  ? 11.255  8.476   -6.092  1.00 23.43 ? 142 ARG A CD  1 
ATOM   725  N NE  . ARG A 1 90  ? 11.533  7.426   -7.059  1.00 26.42 ? 142 ARG A NE  1 
ATOM   726  C CZ  . ARG A 1 90  ? 12.695  6.781   -7.239  1.00 29.68 ? 142 ARG A CZ  1 
ATOM   727  N NH1 . ARG A 1 90  ? 13.773  7.053   -6.509  1.00 29.79 ? 142 ARG A NH1 1 
ATOM   728  N NH2 . ARG A 1 90  ? 12.767  5.830   -8.175  1.00 29.40 ? 142 ARG A NH2 1 
ATOM   729  N N   A ASN A 1 91  ? 6.486   9.367   -9.486  0.50 13.99 ? 143 ASN A N   1 
ATOM   730  N N   B ASN A 1 91  ? 6.457   9.381   -9.449  0.50 14.83 ? 143 ASN A N   1 
ATOM   731  C CA  A ASN A 1 91  ? 6.121   9.791   -10.848 0.50 13.44 ? 143 ASN A CA  1 
ATOM   732  C CA  B ASN A 1 91  ? 6.124   9.794   -10.820 0.50 15.40 ? 143 ASN A CA  1 
ATOM   733  C C   A ASN A 1 91  ? 4.646   10.194  -10.957 0.50 14.15 ? 143 ASN A C   1 
ATOM   734  C C   B ASN A 1 91  ? 4.651   10.194  -10.947 0.50 15.13 ? 143 ASN A C   1 
ATOM   735  O O   A ASN A 1 91  ? 4.287   11.029  -11.793 0.50 15.37 ? 143 ASN A O   1 
ATOM   736  O O   B ASN A 1 91  ? 4.302   11.044  -11.774 0.50 16.14 ? 143 ASN A O   1 
ATOM   737  C CB  A ASN A 1 91  ? 6.529   8.728   -11.906 0.50 12.90 ? 143 ASN A CB  1 
ATOM   738  C CB  B ASN A 1 91  ? 6.662   8.684   -11.770 0.50 18.02 ? 143 ASN A CB  1 
ATOM   739  C CG  A ASN A 1 91  ? 6.057   7.305   -11.576 0.50 11.47 ? 143 ASN A CG  1 
ATOM   740  C CG  B ASN A 1 91  ? 5.681   8.185   -12.792 0.50 20.97 ? 143 ASN A CG  1 
ATOM   741  O OD1 A ASN A 1 91  ? 6.867   6.380   -11.403 0.50 15.34 ? 143 ASN A OD1 1 
ATOM   742  O OD1 B ASN A 1 91  ? 5.036   8.945   -13.508 0.50 19.85 ? 143 ASN A OD1 1 
ATOM   743  N ND2 A ASN A 1 91  ? 4.752   7.114   -11.536 0.50 10.62 ? 143 ASN A ND2 1 
ATOM   744  N ND2 B ASN A 1 91  ? 5.646   6.864   -12.934 0.50 23.80 ? 143 ASN A ND2 1 
ATOM   745  N N   . GLN A 1 92  ? 3.769   9.593   -10.139 1.00 14.60 ? 144 GLN A N   1 
ATOM   746  C CA  . GLN A 1 92  ? 2.339   9.938   -10.164 1.00 13.18 ? 144 GLN A CA  1 
ATOM   747  C C   . GLN A 1 92  ? 1.936   10.444  -8.777  1.00 14.20 ? 144 GLN A C   1 
ATOM   748  O O   . GLN A 1 92  ? 2.644   10.225  -7.792  1.00 12.68 ? 144 GLN A O   1 
ATOM   749  C CB  . GLN A 1 92  ? 1.470   8.742   -10.550 1.00 13.63 ? 144 GLN A CB  1 
ATOM   750  C CG  . GLN A 1 92  ? 1.749   8.202   -11.968 1.00 14.51 ? 144 GLN A CG  1 
ATOM   751  C CD  . GLN A 1 92  ? 1.204   6.807   -12.252 1.00 15.75 ? 144 GLN A CD  1 
ATOM   752  O OE1 . GLN A 1 92  ? 0.684   6.543   -13.348 1.00 19.27 ? 144 GLN A OE1 1 
ATOM   753  N NE2 . GLN A 1 92  ? 1.380   5.893   -11.320 1.00 14.26 ? 144 GLN A NE2 1 
ATOM   754  N N   . GLN A 1 93  ? 0.817   11.170  -8.731  1.00 12.45 ? 145 GLN A N   1 
ATOM   755  C CA  . GLN A 1 93  ? 0.267   11.723  -7.485  1.00 13.62 ? 145 GLN A CA  1 
ATOM   756  C C   . GLN A 1 93  ? -0.860  10.804  -7.007  1.00 12.91 ? 145 GLN A C   1 
ATOM   757  O O   . GLN A 1 93  ? -1.993  10.892  -7.481  1.00 13.62 ? 145 GLN A O   1 
ATOM   758  C CB  . GLN A 1 93  ? -0.209  13.151  -7.727  1.00 13.62 ? 145 GLN A CB  1 
ATOM   759  C CG  . GLN A 1 93  ? 0.962   14.093  -8.097  1.00 15.31 ? 145 GLN A CG  1 
ATOM   760  C CD  . GLN A 1 93  ? 0.515   15.285  -8.906  1.00 14.51 ? 145 GLN A CD  1 
ATOM   761  O OE1 . GLN A 1 93  ? -0.299  15.149  -9.803  1.00 16.90 ? 145 GLN A OE1 1 
ATOM   762  N NE2 . GLN A 1 93  ? 1.024   16.461  -8.575  1.00 16.37 ? 145 GLN A NE2 1 
ATOM   763  N N   . ILE A 1 94  ? -0.465  9.841   -6.155  1.00 11.48 ? 146 ILE A N   1 
ATOM   764  C CA  . ILE A 1 94  ? -1.361  8.810   -5.611  1.00 11.71 ? 146 ILE A CA  1 
ATOM   765  C C   . ILE A 1 94  ? -1.432  8.973   -4.092  1.00 11.26 ? 146 ILE A C   1 
ATOM   766  O O   . ILE A 1 94  ? -0.475  8.677   -3.391  1.00 9.73  ? 146 ILE A O   1 
ATOM   767  C CB  . ILE A 1 94  ? -0.830  7.377   -5.955  1.00 11.18 ? 146 ILE A CB  1 
ATOM   768  C CG1 . ILE A 1 94  ? -0.480  7.282   -7.457  1.00 9.68  ? 146 ILE A CG1 1 
ATOM   769  C CG2 . ILE A 1 94  ? -1.838  6.327   -5.545  1.00 11.08 ? 146 ILE A CG2 1 
ATOM   770  C CD1 . ILE A 1 94  ? 0.247   6.021   -7.886  1.00 13.33 ? 146 ILE A CD1 1 
ATOM   771  N N   . PHE A 1 95  ? -2.559  9.505   -3.612  1.00 11.38 ? 147 PHE A N   1 
ATOM   772  C CA  . PHE A 1 95  ? -2.758  9.722   -2.172  1.00 11.86 ? 147 PHE A CA  1 
ATOM   773  C C   . PHE A 1 95  ? -3.716  8.648   -1.655  1.00 12.69 ? 147 PHE A C   1 
ATOM   774  O O   . PHE A 1 95  ? -4.818  8.455   -2.205  1.00 14.28 ? 147 PHE A O   1 
ATOM   775  C CB  . PHE A 1 95  ? -3.292  11.140  -1.894  1.00 10.45 ? 147 PHE A CB  1 
ATOM   776  C CG  . PHE A 1 95  ? -2.469  12.207  -2.532  1.00 13.23 ? 147 PHE A CG  1 
ATOM   777  C CD1 . PHE A 1 95  ? -2.881  12.787  -3.744  1.00 15.07 ? 147 PHE A CD1 1 
ATOM   778  C CD2 . PHE A 1 95  ? -1.211  12.553  -2.010  1.00 11.14 ? 147 PHE A CD2 1 
ATOM   779  C CE1 . PHE A 1 95  ? -2.048  13.688  -4.440  1.00 15.54 ? 147 PHE A CE1 1 
ATOM   780  C CE2 . PHE A 1 95  ? -0.358  13.459  -2.696  1.00 11.69 ? 147 PHE A CE2 1 
ATOM   781  C CZ  . PHE A 1 95  ? -0.782  14.023  -3.920  1.00 14.35 ? 147 PHE A CZ  1 
ATOM   782  N N   . LEU A 1 96  ? -3.297  7.968   -0.586  1.00 13.21 ? 148 LEU A N   1 
ATOM   783  C CA  . LEU A 1 96  ? -4.062  6.846   -0.023  1.00 12.88 ? 148 LEU A CA  1 
ATOM   784  C C   . LEU A 1 96  ? -5.398  7.293   0.575   1.00 14.91 ? 148 LEU A C   1 
ATOM   785  O O   . LEU A 1 96  ? -5.462  8.245   1.358   1.00 13.29 ? 148 LEU A O   1 
ATOM   786  C CB  . LEU A 1 96  ? -3.241  6.152   1.060   1.00 10.88 ? 148 LEU A CB  1 
ATOM   787  C CG  . LEU A 1 96  ? -1.872  5.607   0.667   1.00 9.60  ? 148 LEU A CG  1 
ATOM   788  C CD1 . LEU A 1 96  ? -1.323  4.836   1.870   1.00 9.91  ? 148 LEU A CD1 1 
ATOM   789  C CD2 . LEU A 1 96  ? -1.942  4.731   -0.584  1.00 10.43 ? 148 LEU A CD2 1 
ATOM   790  N N   . ARG A 1 97  ? -6.454  6.584   0.191   1.00 15.81 ? 149 ARG A N   1 
ATOM   791  C CA  . ARG A 1 97  ? -7.795  6.847   0.734   1.00 18.75 ? 149 ARG A CA  1 
ATOM   792  C C   . ARG A 1 97  ? -8.492  5.496   0.909   1.00 20.21 ? 149 ARG A C   1 
ATOM   793  O O   . ARG A 1 97  ? -8.257  4.554   0.143   1.00 19.08 ? 149 ARG A O   1 
ATOM   794  C CB  . ARG A 1 97  ? -8.594  7.847   -0.124  1.00 21.92 ? 149 ARG A CB  1 
ATOM   795  C CG  . ARG A 1 97  ? -8.882  7.444   -1.516  1.00 25.64 ? 149 ARG A CG  1 
ATOM   796  C CD  . ARG A 1 97  ? -9.713  8.514   -2.217  1.00 30.67 ? 149 ARG A CD  1 
ATOM   797  N NE  . ARG A 1 97  ? -11.024 8.684   -1.617  1.00 32.44 ? 149 ARG A NE  1 
ATOM   798  C CZ  . ARG A 1 97  ? -11.925 9.591   -2.006  1.00 34.49 ? 149 ARG A CZ  1 
ATOM   799  N NH1 . ARG A 1 97  ? -11.666 10.429  -3.014  1.00 33.59 ? 149 ARG A NH1 1 
ATOM   800  N NH2 . ARG A 1 97  ? -13.119 9.637   -1.409  1.00 35.04 ? 149 ARG A NH2 1 
ATOM   801  N N   . ASP A 1 98  ? -9.235  5.357   1.991   1.00 22.41 ? 150 ASP A N   1 
ATOM   802  C CA  . ASP A 1 98  ? -9.897  4.096   2.362   1.00 25.39 ? 150 ASP A CA  1 
ATOM   803  C C   . ASP A 1 98  ? -10.858 3.592   1.281   1.00 26.89 ? 150 ASP A C   1 
ATOM   804  O O   . ASP A 1 98  ? -11.449 4.362   0.535   1.00 25.83 ? 150 ASP A O   1 
ATOM   805  C CB  . ASP A 1 98  ? -10.637 4.267   3.699   1.00 26.72 ? 150 ASP A CB  1 
ATOM   806  C CG  . ASP A 1 98  ? -9.701  4.604   4.852   1.00 29.13 ? 150 ASP A CG  1 
ATOM   807  O OD1 . ASP A 1 98  ? -8.624  3.977   4.949   1.00 27.30 ? 150 ASP A OD1 1 
ATOM   808  O OD2 . ASP A 1 98  ? -10.034 5.500   5.662   1.00 33.96 ? 150 ASP A OD2 1 
ATOM   809  N N   . ILE A 1 99  ? -10.981 2.263   1.242   1.00 29.95 ? 151 ILE A N   1 
ATOM   810  C CA  . ILE A 1 99  ? -11.866 1.499   0.350   1.00 32.03 ? 151 ILE A CA  1 
ATOM   811  C C   . ILE A 1 99  ? -13.325 1.668   0.785   1.00 33.77 ? 151 ILE A C   1 
ATOM   812  O O   . ILE A 1 99  ? -13.594 1.953   1.951   1.00 32.09 ? 151 ILE A O   1 
ATOM   813  C CB  . ILE A 1 99  ? -11.482 -0.006  0.470   1.00 32.87 ? 151 ILE A CB  1 
ATOM   814  C CG1 . ILE A 1 99  ? -10.232 -0.270  -0.350  1.00 31.91 ? 151 ILE A CG1 1 
ATOM   815  C CG2 . ILE A 1 99  ? -12.619 -0.993  0.092   1.00 35.00 ? 151 ILE A CG2 1 
ATOM   816  C CD1 . ILE A 1 99  ? -9.625  -1.605  -0.034  1.00 34.07 ? 151 ILE A CD1 1 
ATOM   817  N N   . GLU A 1 100 ? -14.234 1.547   -0.198  1.00 36.55 ? 152 GLU A N   1 
ATOM   818  C CA  . GLU A 1 100 ? -15.691 1.574   0.002   1.00 40.01 ? 152 GLU A CA  1 
ATOM   819  C C   . GLU A 1 100 ? -16.138 0.133   0.268   1.00 42.10 ? 152 GLU A C   1 
ATOM   820  O O   . GLU A 1 100 ? -16.296 -0.666  -0.681  1.00 43.21 ? 152 GLU A O   1 
ATOM   821  C CB  . GLU A 1 100 ? -16.394 2.073   -1.263  1.00 40.11 ? 152 GLU A CB  1 
ATOM   822  C CG  . GLU A 1 100 ? -17.005 3.460   -1.143  1.00 43.05 ? 152 GLU A CG  1 
ATOM   823  C CD  . GLU A 1 100 ? -16.055 4.556   -1.573  1.00 44.17 ? 152 GLU A CD  1 
ATOM   824  O OE1 . GLU A 1 100 ? -15.924 4.784   -2.801  1.00 46.52 ? 152 GLU A OE1 1 
ATOM   825  O OE2 . GLU A 1 100 ? -15.447 5.211   -0.691  1.00 46.22 ? 152 GLU A OE2 1 
ATOM   826  N N   . GLN A 1 101 ? -16.320 -0.207  1.553   1.00 44.15 ? 153 GLN A N   1 
ATOM   827  C CA  . GLN A 1 101 ? -16.666 -1.568  1.995   1.00 45.46 ? 153 GLN A CA  1 
ATOM   828  C C   . GLN A 1 101 ? -18.178 -1.721  2.197   1.00 46.88 ? 153 GLN A C   1 
ATOM   829  O O   . GLN A 1 101 ? -18.858 -0.694  2.456   1.00 47.11 ? 153 GLN A O   1 
ATOM   830  C CB  . GLN A 1 101 ? -15.899 -1.893  3.293   1.00 44.67 ? 153 GLN A CB  1 
ATOM   831  C CG  . GLN A 1 101 ? -16.221 -0.968  4.498   1.00 46.15 ? 153 GLN A CG  1 
ATOM   832  C CD  . GLN A 1 101 ? -15.124 -0.936  5.563   1.00 47.09 ? 153 GLN A CD  1 
ATOM   833  O OE1 . GLN A 1 101 ? -14.717 -1.980  6.108   1.00 49.38 ? 153 GLN A OE1 1 
ATOM   834  N NE2 . GLN A 1 101 ? -14.665 0.277   5.896   1.00 45.88 ? 153 GLN A NE2 1 
HETATM 835  C CA  . 6NA B 2 1   ? 7.198   -5.888  -9.933  1.00 22.84 ? 1   6NA B CA  1 
HETATM 836  C C   . 6NA B 2 1   ? 6.521   -5.054  -8.839  1.00 19.44 ? 1   6NA B C   1 
HETATM 837  O O   . 6NA B 2 1   ? 5.302   -5.049  -8.696  1.00 20.21 ? 1   6NA B O   1 
HETATM 838  C CB  . 6NA B 2 1   ? 6.692   -7.325  -10.067 1.00 25.31 ? 1   6NA B CB  1 
HETATM 839  C CG  . 6NA B 2 1   ? 7.524   -8.281  -9.210  1.00 28.16 ? 1   6NA B CG  1 
HETATM 840  C CD  . 6NA B 2 1   ? 7.306   -9.726  -9.663  1.00 30.63 ? 1   6NA B CD  1 
HETATM 841  C C6  . 6NA B 2 1   ? 5.827   -10.112 -9.584  1.00 32.11 ? 1   6NA B C6  1 
HETATM 842  N N   . PTR B 2 2   ? 7.366   -4.373  -8.066  1.00 15.47 ? 2   PTR B N   1 
HETATM 843  C CA  . PTR B 2 2   ? 6.920   -3.447  -7.016  1.00 13.80 ? 2   PTR B CA  1 
HETATM 844  C C   . PTR B 2 2   ? 7.458   -2.080  -7.436  1.00 12.18 ? 2   PTR B C   1 
HETATM 845  O O   . PTR B 2 2   ? 8.647   -1.950  -7.654  1.00 12.78 ? 2   PTR B O   1 
HETATM 846  C CB  . PTR B 2 2   ? 7.488   -3.817  -5.643  1.00 12.34 ? 2   PTR B CB  1 
HETATM 847  C CG  . PTR B 2 2   ? 6.817   -5.075  -5.095  1.00 13.85 ? 2   PTR B CG  1 
HETATM 848  C CD1 . PTR B 2 2   ? 7.504   -6.282  -5.109  1.00 15.51 ? 2   PTR B CD1 1 
HETATM 849  C CD2 . PTR B 2 2   ? 5.537   -5.008  -4.549  1.00 13.52 ? 2   PTR B CD2 1 
HETATM 850  C CE1 . PTR B 2 2   ? 6.901   -7.409  -4.563  1.00 18.18 ? 2   PTR B CE1 1 
HETATM 851  C CE2 . PTR B 2 2   ? 4.941   -6.139  -4.009  1.00 16.41 ? 2   PTR B CE2 1 
HETATM 852  C CZ  . PTR B 2 2   ? 5.630   -7.348  -4.003  1.00 19.11 ? 2   PTR B CZ  1 
HETATM 853  O OH  . PTR B 2 2   ? 5.171   -8.428  -3.314  1.00 21.00 ? 2   PTR B OH  1 
HETATM 854  P P   . PTR B 2 2   ? 3.770   -9.093  -3.756  1.00 22.68 ? 2   PTR B P   1 
HETATM 855  O O1P . PTR B 2 2   ? 2.975   -9.458  -2.563  1.00 23.61 ? 2   PTR B O1P 1 
HETATM 856  O O2P . PTR B 2 2   ? 2.960   -8.125  -4.751  1.00 19.30 ? 2   PTR B O2P 1 
HETATM 857  O O3P . PTR B 2 2   ? 4.163   -10.384 -4.636  1.00 23.95 ? 2   PTR B O3P 1 
ATOM   858  N N   . VAL B 2 3   ? 6.606   -1.057  -7.484  1.00 13.14 ? 3   VAL B N   1 
ATOM   859  C CA  . VAL B 2 3   ? 6.986   0.282   -7.962  1.00 12.12 ? 3   VAL B CA  1 
ATOM   860  C C   . VAL B 2 3   ? 8.230   0.834   -7.259  1.00 12.89 ? 3   VAL B C   1 
ATOM   861  O O   . VAL B 2 3   ? 9.025   1.539   -7.903  1.00 12.35 ? 3   VAL B O   1 
ATOM   862  C CB  . VAL B 2 3   ? 5.833   1.297   -7.753  1.00 10.88 ? 3   VAL B CB  1 
ATOM   863  C CG1 . VAL B 2 3   ? 6.195   2.711   -8.306  1.00 12.25 ? 3   VAL B CG1 1 
ATOM   864  C CG2 . VAL B 2 3   ? 4.561   0.801   -8.371  1.00 11.57 ? 3   VAL B CG2 1 
ATOM   865  N N   . ASN B 2 4   ? 8.399   0.527   -5.961  1.00 11.79 ? 4   ASN B N   1 
ATOM   866  C CA  . ASN B 2 4   ? 9.489   1.113   -5.167  1.00 10.70 ? 4   ASN B CA  1 
ATOM   867  C C   . ASN B 2 4   ? 10.695  0.193   -4.969  1.00 11.70 ? 4   ASN B C   1 
ATOM   868  O O   . ASN B 2 4   ? 11.547  0.496   -4.116  1.00 12.71 ? 4   ASN B O   1 
ATOM   869  C CB  . ASN B 2 4   ? 8.950   1.583   -3.778  1.00 9.05  ? 4   ASN B CB  1 
ATOM   870  C CG  . ASN B 2 4   ? 8.418   0.450   -2.915  1.00 11.41 ? 4   ASN B CG  1 
ATOM   871  O OD1 . ASN B 2 4   ? 7.856   -0.513  -3.430  1.00 8.68  ? 4   ASN B OD1 1 
ATOM   872  N ND2 . ASN B 2 4   ? 8.586   0.582   -1.562  1.00 7.65  ? 4   ASN B ND2 1 
ATOM   873  N N   . VAL B 2 5   ? 10.768  -0.927  -5.683  1.00 12.01 ? 5   VAL B N   1 
ATOM   874  C CA  . VAL B 2 5   ? 11.897  -1.851  -5.504  1.00 13.86 ? 5   VAL B CA  1 
ATOM   875  C C   . VAL B 2 5   ? 12.604  -2.053  -6.846  1.00 14.84 ? 5   VAL B C   1 
ATOM   876  O O   . VAL B 2 5   ? 12.015  -2.609  -7.772  1.00 15.20 ? 5   VAL B O   1 
ATOM   877  C CB  . VAL B 2 5   ? 11.376  -3.191  -4.983  1.00 14.20 ? 5   VAL B CB  1 
ATOM   878  C CG1 . VAL B 2 5   ? 12.521  -4.197  -4.853  1.00 15.08 ? 5   VAL B CG1 1 
ATOM   879  C CG2 . VAL B 2 5   ? 10.670  -2.994  -3.639  1.00 12.74 ? 5   VAL B CG2 1 
HETATM 880  C C   . 9PR B 2 6   ? 14.383  0.576   -6.103  1.00 16.94 ? 6   9PR B C   1 
HETATM 881  N N   . 9PR B 2 6   ? 13.850  -1.620  -7.031  1.00 16.49 ? 6   9PR B N   1 
HETATM 882  O O   . 9PR B 2 6   ? 13.899  1.085   -7.110  1.00 17.78 ? 6   9PR B O   1 
HETATM 883  C CA  . 9PR B 2 6   ? 14.676  -0.925  -6.031  1.00 16.76 ? 6   9PR B CA  1 
HETATM 884  C CB  . 9PR B 2 6   ? 16.094  -1.210  -6.530  1.00 18.93 ? 6   9PR B CB  1 
HETATM 885  C CD  . 9PR B 2 6   ? 14.635  -1.899  -8.244  1.00 18.11 ? 6   9PR B CD  1 
HETATM 886  C CG  . 9PR B 2 6   ? 15.885  -1.041  -8.035  1.00 20.00 ? 6   9PR B CG  1 
HETATM 887  C C1  . 9PR B 2 6   ? 14.379  2.729   -5.077  1.00 15.06 ? 6   9PR B C1  1 
HETATM 888  N N1  . 9PR B 2 6   ? 14.689  1.290   -5.027  1.00 15.87 ? 6   9PR B N1  1 
HETATM 889  C C1  . GOL C 3 .   ? 16.339  -0.859  -2.190  1.00 40.08 ? 9   GOL B C1  1 
HETATM 890  O O1  . GOL C 3 .   ? 15.487  -0.292  -3.142  1.00 39.11 ? 9   GOL B O1  1 
HETATM 891  C C2  . GOL C 3 .   ? 16.409  0.034   -0.970  1.00 41.66 ? 9   GOL B C2  1 
HETATM 892  O O2  . GOL C 3 .   ? 15.097  0.145   -0.418  1.00 43.41 ? 9   GOL B O2  1 
HETATM 893  C C3  . GOL C 3 .   ? 17.341  -0.609  0.041   1.00 41.93 ? 9   GOL B C3  1 
HETATM 894  O O3  . GOL C 3 .   ? 17.432  0.208   1.195   1.00 45.04 ? 9   GOL B O3  1 
HETATM 895  O O   . HOH D 4 .   ? -0.037  1.697   -13.140 1.00 17.03 ? 1   HOH A O   1 
HETATM 896  O O   . HOH D 4 .   ? 3.462   5.142   -9.863  1.00 12.84 ? 2   HOH A O   1 
HETATM 897  O O   . HOH D 4 .   ? 12.544  2.223   -2.142  1.00 12.04 ? 3   HOH A O   1 
HETATM 898  O O   . HOH D 4 .   ? -4.487  10.073  -5.798  1.00 15.41 ? 4   HOH A O   1 
HETATM 899  O O   . HOH D 4 .   ? 12.234  -9.565  -2.178  1.00 8.92  ? 5   HOH A O   1 
HETATM 900  O O   . HOH D 4 .   ? 12.214  -6.652  8.525   1.00 36.22 ? 7   HOH A O   1 
HETATM 901  O O   . HOH D 4 .   ? 7.021   9.696   -1.965  1.00 25.58 ? 8   HOH A O   1 
HETATM 902  O O   . HOH D 4 .   ? 15.436  -2.535  3.384   1.00 17.39 ? 9   HOH A O   1 
HETATM 903  O O   . HOH D 4 .   ? 9.261   6.332   2.801   1.00 11.81 ? 10  HOH A O   1 
HETATM 904  O O   . HOH D 4 .   ? 10.608  9.242   1.046   1.00 15.04 ? 11  HOH A O   1 
HETATM 905  O O   . HOH D 4 .   ? 6.987   -5.313  4.959   1.00 17.56 ? 12  HOH A O   1 
HETATM 906  O O   . HOH D 4 .   ? 16.425  4.716   10.378  1.00 17.86 ? 13  HOH A O   1 
HETATM 907  O O   . HOH D 4 .   ? 3.331   -10.441 6.856   1.00 33.16 ? 14  HOH A O   1 
HETATM 908  O O   . HOH D 4 .   ? -7.858  9.349   -12.590 1.00 27.54 ? 15  HOH A O   1 
HETATM 909  O O   . HOH D 4 .   ? 4.798   12.400  -6.814  1.00 18.64 ? 16  HOH A O   1 
HETATM 910  O O   . HOH D 4 .   ? -11.929 5.109   -1.946  1.00 31.02 ? 17  HOH A O   1 
HETATM 911  O O   . HOH D 4 .   ? -0.449  3.882   -14.514 1.00 19.71 ? 18  HOH A O   1 
HETATM 912  O O   . HOH D 4 .   ? 4.940   15.918  1.380   1.00 29.42 ? 19  HOH A O   1 
HETATM 913  O O   . HOH D 4 .   ? 7.640   7.869   1.263   1.00 24.28 ? 20  HOH A O   1 
HETATM 914  O O   . HOH D 4 .   ? -1.581  -13.416 -7.238  1.00 18.10 ? 21  HOH A O   1 
HETATM 915  O O   . HOH D 4 .   ? -0.754  7.723   12.272  1.00 25.98 ? 22  HOH A O   1 
HETATM 916  O O   . HOH D 4 .   ? 12.856  9.924   8.214   1.00 22.98 ? 23  HOH A O   1 
HETATM 917  O O   . HOH D 4 .   ? -6.762  9.822   -3.382  1.00 19.30 ? 24  HOH A O   1 
HETATM 918  O O   . HOH D 4 .   ? -12.940 4.079   -4.112  1.00 23.69 ? 25  HOH A O   1 
HETATM 919  O O   . HOH D 4 .   ? -9.296  12.353  -9.888  1.00 32.28 ? 26  HOH A O   1 
HETATM 920  O O   . HOH D 4 .   ? 8.452   -10.035 -2.817  1.00 19.59 ? 27  HOH A O   1 
HETATM 921  O O   . HOH D 4 .   ? 7.383   -5.884  10.337  1.00 25.59 ? 28  HOH A O   1 
HETATM 922  O O   . HOH D 4 .   ? 5.821   -6.689  -0.385  1.00 19.75 ? 29  HOH A O   1 
HETATM 923  O O   . HOH D 4 .   ? -9.699  5.732   -10.627 1.00 31.91 ? 31  HOH A O   1 
HETATM 924  O O   . HOH D 4 .   ? -12.737 1.251   4.289   1.00 34.64 ? 32  HOH A O   1 
HETATM 925  O O   . HOH D 4 .   ? 2.297   -12.162 -2.772  1.00 31.74 ? 33  HOH A O   1 
HETATM 926  O O   . HOH D 4 .   ? 7.076   7.360   12.751  1.00 22.97 ? 34  HOH A O   1 
HETATM 927  O O   . HOH D 4 .   ? 0.716   17.425  1.977   1.00 16.96 ? 35  HOH A O   1 
HETATM 928  O O   . HOH D 4 .   ? 14.134  5.554   16.999  0.50 21.21 ? 36  HOH A O   1 
HETATM 929  O O   . HOH D 4 .   ? 0.362   -13.333 -4.285  1.00 31.25 ? 37  HOH A O   1 
HETATM 930  O O   . HOH D 4 .   ? -5.958  10.798  0.866   1.00 13.48 ? 38  HOH A O   1 
HETATM 931  O O   . HOH D 4 .   ? 13.303  8.945   -3.330  1.00 38.81 ? 39  HOH A O   1 
HETATM 932  O O   . HOH D 4 .   ? -0.156  -11.284 -0.740  1.00 25.77 ? 40  HOH A O   1 
HETATM 933  O O   . HOH D 4 .   ? 7.214   5.895   -8.196  1.00 18.47 ? 41  HOH A O   1 
HETATM 934  O O   . HOH D 4 .   ? 11.798  -9.123  0.469   1.00 13.48 ? 42  HOH A O   1 
HETATM 935  O O   . HOH D 4 .   ? 3.066   -18.045 1.379   0.50 21.11 ? 43  HOH A O   1 
HETATM 936  O O   . HOH D 4 .   ? 11.762  -9.640  4.637   1.00 20.19 ? 44  HOH A O   1 
HETATM 937  O O   . HOH D 4 .   ? -9.798  7.970   3.265   1.00 25.43 ? 45  HOH A O   1 
HETATM 938  O O   . HOH D 4 .   ? -8.830  0.480   2.704   1.00 27.47 ? 46  HOH A O   1 
HETATM 939  O O   . HOH D 4 .   ? -4.937  5.999   12.169  1.00 29.08 ? 47  HOH A O   1 
HETATM 940  O O   . HOH D 4 .   ? -4.074  3.978   15.728  1.00 39.36 ? 48  HOH A O   1 
HETATM 941  O O   . HOH D 4 .   ? -2.811  -4.047  -12.247 1.00 39.89 ? 49  HOH A O   1 
HETATM 942  O O   . HOH D 4 .   ? 11.791  11.043  -0.845  1.00 42.17 ? 50  HOH A O   1 
HETATM 943  O O   . HOH D 4 .   ? 8.079   12.736  1.206   1.00 17.60 ? 51  HOH A O   1 
HETATM 944  O O   . HOH D 4 .   ? -7.546  10.765  3.175   1.00 31.43 ? 52  HOH A O   1 
HETATM 945  O O   . HOH D 4 .   ? 8.137   10.662  -3.737  1.00 34.58 ? 170 HOH A O   1 
HETATM 946  O O   . HOH D 4 .   ? -13.816 3.442   19.929  1.00 50.61 ? 171 HOH A O   1 
HETATM 947  O O   . HOH D 4 .   ? -13.762 -3.241  -4.894  1.00 36.52 ? 172 HOH A O   1 
HETATM 948  O O   . HOH D 4 .   ? -15.947 2.281   -5.648  1.00 31.03 ? 173 HOH A O   1 
HETATM 949  O O   . HOH D 4 .   ? -10.588 9.467   -8.683  1.00 25.84 ? 174 HOH A O   1 
HETATM 950  O O   . HOH D 4 .   ? 3.870   -11.761 4.820   1.00 20.88 ? 175 HOH A O   1 
HETATM 951  O O   . HOH D 4 .   ? 7.851   -6.151  7.884   1.00 35.80 ? 176 HOH A O   1 
HETATM 952  O O   . HOH D 4 .   ? -11.187 1.052   -13.330 1.00 35.17 ? 177 HOH A O   1 
HETATM 953  O O   . HOH D 4 .   ? -9.527  -1.245  -13.506 1.00 37.17 ? 178 HOH A O   1 
HETATM 954  O O   . HOH D 4 .   ? 9.633   5.094   -9.185  1.00 30.06 ? 179 HOH A O   1 
HETATM 955  O O   . HOH D 4 .   ? -9.329  10.203  -5.196  1.00 20.88 ? 180 HOH A O   1 
HETATM 956  O O   . HOH D 4 .   ? 9.194   -7.157  6.459   1.00 34.10 ? 181 HOH A O   1 
HETATM 957  O O   . HOH D 4 .   ? -11.016 10.521  -6.949  1.00 41.29 ? 182 HOH A O   1 
HETATM 958  O O   . HOH D 4 .   ? 2.653   11.296  -14.131 1.00 37.08 ? 183 HOH A O   1 
HETATM 959  O O   . HOH D 4 .   ? 1.896   16.030  -1.191  1.00 29.61 ? 184 HOH A O   1 
HETATM 960  O O   . HOH D 4 .   ? 2.210   9.619   10.057  1.00 26.12 ? 185 HOH A O   1 
HETATM 961  O O   . HOH D 4 .   ? -8.720  7.636   -14.803 1.00 32.21 ? 186 HOH A O   1 
HETATM 962  O O   . HOH D 4 .   ? 10.534  -14.403 3.806   1.00 27.70 ? 187 HOH A O   1 
HETATM 963  O O   . HOH D 4 .   ? 15.918  4.675   1.884   1.00 30.38 ? 188 HOH A O   1 
HETATM 964  O O   . HOH D 4 .   ? 0.285   -8.862  -10.651 1.00 42.80 ? 189 HOH A O   1 
HETATM 965  O O   . HOH D 4 .   ? -7.667  6.391   -16.600 1.00 36.71 ? 190 HOH A O   1 
HETATM 966  O O   . HOH D 4 .   ? 5.516   0.133   15.607  1.00 35.14 ? 191 HOH A O   1 
HETATM 967  O O   . HOH D 4 .   ? 0.686   9.559   12.461  1.00 33.87 ? 192 HOH A O   1 
HETATM 968  O O   . HOH D 4 .   ? 6.936   9.322   -15.129 1.00 19.44 ? 193 HOH A O   1 
HETATM 969  O O   . HOH D 4 .   ? 14.449  4.014   -1.575  1.00 20.28 ? 194 HOH A O   1 
HETATM 970  O O   . HOH D 4 .   ? -10.091 -3.912  10.713  1.00 42.00 ? 195 HOH A O   1 
HETATM 971  O O   . HOH D 4 .   ? -1.704  -11.054 -11.282 1.00 45.94 ? 196 HOH A O   1 
HETATM 972  O O   . HOH D 4 .   ? -17.290 -0.983  -9.058  1.00 35.24 ? 197 HOH A O   1 
HETATM 973  O O   . HOH D 4 .   ? 7.349   8.254   3.233   1.00 36.28 ? 198 HOH A O   1 
HETATM 974  O O   . HOH D 4 .   ? -9.045  -12.117 -9.707  1.00 33.02 ? 199 HOH A O   1 
HETATM 975  O O   . HOH D 4 .   ? 6.175   11.595  -2.497  0.50 22.86 ? 200 HOH A O   1 
HETATM 976  O O   . HOH D 4 .   ? -2.017  12.760  6.154   1.00 35.45 ? 201 HOH A O   1 
HETATM 977  O O   . HOH D 4 .   ? -13.391 -7.323  -9.459  1.00 45.75 ? 202 HOH A O   1 
HETATM 978  O O   . HOH D 4 .   ? -17.497 -3.176  -9.719  1.00 41.02 ? 203 HOH A O   1 
HETATM 979  O O   . HOH D 4 .   ? -15.573 -7.100  -7.600  1.00 44.42 ? 204 HOH A O   1 
HETATM 980  O O   . HOH D 4 .   ? 14.850  6.018   -3.282  0.50 20.27 ? 205 HOH A O   1 
HETATM 981  O O   . HOH D 4 .   ? -0.351  12.013  -11.270 1.00 20.69 ? 206 HOH A O   1 
HETATM 982  O O   . HOH D 4 .   ? -7.445  11.491  -1.555  1.00 20.81 ? 207 HOH A O   1 
HETATM 983  O O   . HOH D 4 .   ? -1.713  -2.936  -15.339 1.00 22.49 ? 208 HOH A O   1 
HETATM 984  O O   . HOH D 4 .   ? 0.569   -2.244  -12.899 1.00 33.26 ? 209 HOH A O   1 
HETATM 985  O O   . HOH D 4 .   ? 2.687   -15.257 3.028   1.00 27.77 ? 210 HOH A O   1 
HETATM 986  O O   . HOH D 4 .   ? -6.341  11.636  -9.440  1.00 23.47 ? 211 HOH A O   1 
HETATM 987  O O   . HOH D 4 .   ? -5.245  4.533   9.177   1.00 21.74 ? 212 HOH A O   1 
HETATM 988  O O   . HOH D 4 .   ? -13.416 -4.491  10.629  1.00 41.27 ? 213 HOH A O   1 
HETATM 989  O O   . HOH D 4 .   ? 9.485   -9.137  -5.961  1.00 20.15 ? 214 HOH A O   1 
HETATM 990  O O   . HOH D 4 .   ? 10.617  -11.677 -2.887  1.00 22.33 ? 215 HOH A O   1 
HETATM 991  O O   . HOH D 4 .   ? 11.565  -13.163 -1.184  1.00 26.72 ? 216 HOH A O   1 
HETATM 992  O O   . HOH D 4 .   ? 11.644  -13.138 1.653   1.00 29.29 ? 217 HOH A O   1 
HETATM 993  O O   . HOH D 4 .   ? 6.964   3.004   -12.129 1.00 17.54 ? 218 HOH A O   1 
HETATM 994  O O   . HOH D 4 .   ? 8.005   10.172  0.462   1.00 26.73 ? 219 HOH A O   1 
HETATM 995  O O   . HOH D 4 .   ? -0.578  6.213   14.586  1.00 33.16 ? 220 HOH A O   1 
HETATM 996  O O   . HOH D 4 .   ? 4.592   10.722  10.612  1.00 41.62 ? 221 HOH A O   1 
HETATM 997  O O   . HOH D 4 .   ? 2.078   13.637  -11.497 1.00 21.53 ? 222 HOH A O   1 
HETATM 998  O O   . HOH D 4 .   ? -10.178 12.144  0.202   1.00 45.16 ? 223 HOH A O   1 
HETATM 999  O O   . HOH E 4 .   ? 9.002   2.493   -10.440 1.00 15.07 ? 10  HOH B O   1 
HETATM 1000 O O   . HOH E 4 .   ? 10.403  -4.631  -8.447  1.00 15.61 ? 30  HOH B O   1 
HETATM 1001 O O   . HOH E 4 .   ? 3.667   -11.863 -6.406  1.00 28.06 ? 106 HOH B O   1 
# 
loop_
_pdbx_poly_seq_scheme.asym_id 
_pdbx_poly_seq_scheme.entity_id 
_pdbx_poly_seq_scheme.seq_id 
_pdbx_poly_seq_scheme.mon_id 
_pdbx_poly_seq_scheme.ndb_seq_num 
_pdbx_poly_seq_scheme.pdb_seq_num 
_pdbx_poly_seq_scheme.auth_seq_num 
_pdbx_poly_seq_scheme.pdb_mon_id 
_pdbx_poly_seq_scheme.auth_mon_id 
_pdbx_poly_seq_scheme.pdb_strand_id 
_pdbx_poly_seq_scheme.pdb_ins_code 
_pdbx_poly_seq_scheme.hetero 
A 1 1   ILE 1   53  ?   ?   ?   A . n 
A 1 2   GLU 2   54  ?   ?   ?   A . n 
A 1 3   MET 3   55  55  MET MET A . n 
A 1 4   LYS 4   56  56  LYS LYS A . n 
A 1 5   PRO 5   57  57  PRO PRO A . n 
A 1 6   HIS 6   58  58  HIS HIS A . n 
A 1 7   PRO 7   59  59  PRO PRO A . n 
A 1 8   TRP 8   60  60  TRP TRP A . n 
A 1 9   PHE 9   61  61  PHE PHE A . n 
A 1 10  PHE 10  62  62  PHE PHE A . n 
A 1 11  GLY 11  63  63  GLY GLY A . n 
A 1 12  LYS 12  64  64  LYS LYS A . n 
A 1 13  ILE 13  65  65  ILE ILE A . n 
A 1 14  PRO 14  66  66  PRO PRO A . n 
A 1 15  ARG 15  67  67  ARG ARG A . n 
A 1 16  ALA 16  68  68  ALA ALA A . n 
A 1 17  LYS 17  69  69  LYS LYS A . n 
A 1 18  ALA 18  70  70  ALA ALA A . n 
A 1 19  GLU 19  71  71  GLU GLU A . n 
A 1 20  GLU 20  72  72  GLU GLU A . n 
A 1 21  MET 21  73  73  MET MET A . n 
A 1 22  LEU 22  74  74  LEU LEU A . n 
A 1 23  SER 23  75  75  SER SER A . n 
A 1 24  LYS 24  76  76  LYS LYS A . n 
A 1 25  GLN 25  77  77  GLN GLN A . n 
A 1 26  ARG 26  78  78  ARG ARG A . n 
A 1 27  HIS 27  79  79  HIS HIS A . n 
A 1 28  ASP 28  80  80  ASP ASP A . n 
A 1 29  GLY 29  81  81  GLY GLY A . n 
A 1 30  ALA 30  82  82  ALA ALA A . n 
A 1 31  PHE 31  83  83  PHE PHE A . n 
A 1 32  LEU 32  84  84  LEU LEU A . n 
A 1 33  ILE 33  85  85  ILE ILE A . n 
A 1 34  ARG 34  86  86  ARG ARG A . n 
A 1 35  GLU 35  87  87  GLU GLU A . n 
A 1 36  SER 36  88  88  SER SER A . n 
A 1 37  GLU 37  89  89  GLU GLU A . n 
A 1 38  SER 38  90  90  SER SER A . n 
A 1 39  ALA 39  91  91  ALA ALA A . n 
A 1 40  PRO 40  92  92  PRO PRO A . n 
A 1 41  GLY 41  93  93  GLY GLY A . n 
A 1 42  ASP 42  94  94  ASP ASP A . n 
A 1 43  PHE 43  95  95  PHE PHE A . n 
A 1 44  SER 44  96  96  SER SER A . n 
A 1 45  LEU 45  97  97  LEU LEU A . n 
A 1 46  SER 46  98  98  SER SER A . n 
A 1 47  VAL 47  99  99  VAL VAL A . n 
A 1 48  LYS 48  100 100 LYS LYS A . n 
A 1 49  PHE 49  101 101 PHE PHE A . n 
A 1 50  GLY 50  102 102 GLY GLY A . n 
A 1 51  ASN 51  103 103 ASN ASN A . n 
A 1 52  ASP 52  104 104 ASP ASP A . n 
A 1 53  VAL 53  105 105 VAL VAL A . n 
A 1 54  GLN 54  106 106 GLN GLN A . n 
A 1 55  HIS 55  107 107 HIS HIS A . n 
A 1 56  PHE 56  108 108 PHE PHE A . n 
A 1 57  LYS 57  109 109 LYS LYS A . n 
A 1 58  VAL 58  110 110 VAL VAL A . n 
A 1 59  LEU 59  111 111 LEU LEU A . n 
A 1 60  ARG 60  112 112 ARG ARG A . n 
A 1 61  ASP 61  113 113 ASP ASP A . n 
A 1 62  GLY 62  114 114 GLY GLY A . n 
A 1 63  ALA 63  115 115 ALA ALA A . n 
A 1 64  GLY 64  116 116 GLY GLY A . n 
A 1 65  LYS 65  117 117 LYS LYS A . n 
A 1 66  TYR 66  118 118 TYR TYR A . n 
A 1 67  PHE 67  119 119 PHE PHE A . n 
A 1 68  LEU 68  120 120 LEU LEU A . n 
A 1 69  TRP 69  121 121 TRP TRP A . n 
A 1 70  VAL 70  122 122 VAL VAL A . n 
A 1 71  VAL 71  123 123 VAL VAL A . n 
A 1 72  LYS 72  124 124 LYS LYS A . n 
A 1 73  PHE 73  125 125 PHE PHE A . n 
A 1 74  ASN 74  126 126 ASN ASN A . n 
A 1 75  SER 75  127 127 SER SER A . n 
A 1 76  LEU 76  128 128 LEU LEU A . n 
A 1 77  ASN 77  129 129 ASN ASN A . n 
A 1 78  GLU 78  130 130 GLU GLU A . n 
A 1 79  LEU 79  131 131 LEU LEU A . n 
A 1 80  VAL 80  132 132 VAL VAL A . n 
A 1 81  ASP 81  133 133 ASP ASP A . n 
A 1 82  TYR 82  134 134 TYR TYR A . n 
A 1 83  HIS 83  135 135 HIS HIS A . n 
A 1 84  ARG 84  136 136 ARG ARG A . n 
A 1 85  SER 85  137 137 SER SER A . n 
A 1 86  THR 86  138 138 THR THR A . n 
A 1 87  SER 87  139 139 SER SER A . n 
A 1 88  VAL 88  140 140 VAL VAL A . n 
A 1 89  SER 89  141 141 SER SER A . n 
A 1 90  ARG 90  142 142 ARG ARG A . n 
A 1 91  ASN 91  143 143 ASN ASN A . n 
A 1 92  GLN 92  144 144 GLN GLN A . n 
A 1 93  GLN 93  145 145 GLN GLN A . n 
A 1 94  ILE 94  146 146 ILE ILE A . n 
A 1 95  PHE 95  147 147 PHE PHE A . n 
A 1 96  LEU 96  148 148 LEU LEU A . n 
A 1 97  ARG 97  149 149 ARG ARG A . n 
A 1 98  ASP 98  150 150 ASP ASP A . n 
A 1 99  ILE 99  151 151 ILE ILE A . n 
A 1 100 GLU 100 152 152 GLU GLU A . n 
A 1 101 GLN 101 153 153 GLN GLN A . n 
A 1 102 VAL 102 154 ?   ?   ?   A . n 
A 1 103 PRO 103 155 ?   ?   ?   A . n 
A 1 104 GLN 104 156 ?   ?   ?   A . n 
A 1 105 GLN 105 157 ?   ?   ?   A . n 
A 1 106 PRO 106 158 ?   ?   ?   A . n 
A 1 107 THR 107 159 ?   ?   ?   A . n 
A 1 108 TYR 108 160 ?   ?   ?   A . n 
A 1 109 VAL 109 161 ?   ?   ?   A . n 
A 1 110 GLN 110 162 ?   ?   ?   A . n 
A 1 111 ALA 111 163 ?   ?   ?   A . n 
A 1 112 HIS 112 164 ?   ?   ?   A . n 
A 1 113 HIS 113 165 ?   ?   ?   A . n 
A 1 114 HIS 114 166 ?   ?   ?   A . n 
A 1 115 HIS 115 167 ?   ?   ?   A . n 
A 1 116 HIS 116 168 ?   ?   ?   A . n 
A 1 117 HIS 117 169 ?   ?   ?   A . n 
B 2 1   6NA 1   1   1   6NA 6NA B . n 
B 2 2   PTR 2   2   2   PTR PTR B . n 
B 2 3   VAL 3   3   3   VAL VAL B . n 
B 2 4   ASN 4   4   4   ASN ASN B . n 
B 2 5   VAL 5   5   5   VAL VAL B . n 
B 2 6   9PR 6   6   6   9PR 9PR B . n 
# 
loop_
_pdbx_nonpoly_scheme.asym_id 
_pdbx_nonpoly_scheme.entity_id 
_pdbx_nonpoly_scheme.mon_id 
_pdbx_nonpoly_scheme.ndb_seq_num 
_pdbx_nonpoly_scheme.pdb_seq_num 
_pdbx_nonpoly_scheme.auth_seq_num 
_pdbx_nonpoly_scheme.pdb_mon_id 
_pdbx_nonpoly_scheme.auth_mon_id 
_pdbx_nonpoly_scheme.pdb_strand_id 
_pdbx_nonpoly_scheme.pdb_ins_code 
C 3 GOL 1   9   9   GOL GOL B . 
D 4 HOH 1   1   1   HOH HOH A . 
D 4 HOH 2   2   2   HOH HOH A . 
D 4 HOH 3   3   3   HOH HOH A . 
D 4 HOH 4   4   4   HOH HOH A . 
D 4 HOH 5   5   5   HOH HOH A . 
D 4 HOH 6   7   7   HOH HOH A . 
D 4 HOH 7   8   8   HOH HOH A . 
D 4 HOH 8   9   9   HOH HOH A . 
D 4 HOH 9   10  10  HOH HOH A . 
D 4 HOH 10  11  11  HOH HOH A . 
D 4 HOH 11  12  12  HOH HOH A . 
D 4 HOH 12  13  13  HOH HOH A . 
D 4 HOH 13  14  14  HOH HOH A . 
D 4 HOH 14  15  15  HOH HOH A . 
D 4 HOH 15  16  16  HOH HOH A . 
D 4 HOH 16  17  17  HOH HOH A . 
D 4 HOH 17  18  18  HOH HOH A . 
D 4 HOH 18  19  19  HOH HOH A . 
D 4 HOH 19  20  20  HOH HOH A . 
D 4 HOH 20  21  21  HOH HOH A . 
D 4 HOH 21  22  22  HOH HOH A . 
D 4 HOH 22  23  23  HOH HOH A . 
D 4 HOH 23  24  24  HOH HOH A . 
D 4 HOH 24  25  25  HOH HOH A . 
D 4 HOH 25  26  26  HOH HOH A . 
D 4 HOH 26  27  27  HOH HOH A . 
D 4 HOH 27  28  28  HOH HOH A . 
D 4 HOH 28  29  29  HOH HOH A . 
D 4 HOH 29  31  31  HOH HOH A . 
D 4 HOH 30  32  32  HOH HOH A . 
D 4 HOH 31  33  33  HOH HOH A . 
D 4 HOH 32  34  34  HOH HOH A . 
D 4 HOH 33  35  35  HOH HOH A . 
D 4 HOH 34  36  36  HOH HOH A . 
D 4 HOH 35  37  37  HOH HOH A . 
D 4 HOH 36  38  38  HOH HOH A . 
D 4 HOH 37  39  39  HOH HOH A . 
D 4 HOH 38  40  40  HOH HOH A . 
D 4 HOH 39  41  41  HOH HOH A . 
D 4 HOH 40  42  42  HOH HOH A . 
D 4 HOH 41  43  43  HOH HOH A . 
D 4 HOH 42  44  44  HOH HOH A . 
D 4 HOH 43  45  45  HOH HOH A . 
D 4 HOH 44  46  46  HOH HOH A . 
D 4 HOH 45  47  47  HOH HOH A . 
D 4 HOH 46  48  48  HOH HOH A . 
D 4 HOH 47  49  49  HOH HOH A . 
D 4 HOH 48  50  50  HOH HOH A . 
D 4 HOH 49  51  51  HOH HOH A . 
D 4 HOH 50  52  52  HOH HOH A . 
D 4 HOH 51  170 170 HOH HOH A . 
D 4 HOH 52  171 171 HOH HOH A . 
D 4 HOH 53  172 172 HOH HOH A . 
D 4 HOH 54  173 173 HOH HOH A . 
D 4 HOH 55  174 174 HOH HOH A . 
D 4 HOH 56  175 175 HOH HOH A . 
D 4 HOH 57  176 176 HOH HOH A . 
D 4 HOH 58  177 177 HOH HOH A . 
D 4 HOH 59  178 178 HOH HOH A . 
D 4 HOH 60  179 179 HOH HOH A . 
D 4 HOH 61  180 180 HOH HOH A . 
D 4 HOH 62  181 181 HOH HOH A . 
D 4 HOH 63  182 182 HOH HOH A . 
D 4 HOH 64  183 183 HOH HOH A . 
D 4 HOH 65  184 184 HOH HOH A . 
D 4 HOH 66  185 185 HOH HOH A . 
D 4 HOH 67  186 186 HOH HOH A . 
D 4 HOH 68  187 187 HOH HOH A . 
D 4 HOH 69  188 188 HOH HOH A . 
D 4 HOH 70  189 189 HOH HOH A . 
D 4 HOH 71  190 190 HOH HOH A . 
D 4 HOH 72  191 191 HOH HOH A . 
D 4 HOH 73  192 192 HOH HOH A . 
D 4 HOH 74  193 193 HOH HOH A . 
D 4 HOH 75  194 194 HOH HOH A . 
D 4 HOH 76  195 195 HOH HOH A . 
D 4 HOH 77  196 196 HOH HOH A . 
D 4 HOH 78  197 197 HOH HOH A . 
D 4 HOH 79  198 198 HOH HOH A . 
D 4 HOH 80  199 199 HOH HOH A . 
D 4 HOH 81  200 200 HOH HOH A . 
D 4 HOH 82  201 201 HOH HOH A . 
D 4 HOH 83  202 202 HOH HOH A . 
D 4 HOH 84  203 203 HOH HOH A . 
D 4 HOH 85  204 204 HOH HOH A . 
D 4 HOH 86  205 205 HOH HOH A . 
D 4 HOH 87  206 206 HOH HOH A . 
D 4 HOH 88  207 207 HOH HOH A . 
D 4 HOH 89  208 208 HOH HOH A . 
D 4 HOH 90  209 209 HOH HOH A . 
D 4 HOH 91  210 210 HOH HOH A . 
D 4 HOH 92  211 211 HOH HOH A . 
D 4 HOH 93  212 212 HOH HOH A . 
D 4 HOH 94  213 213 HOH HOH A . 
D 4 HOH 95  214 214 HOH HOH A . 
D 4 HOH 96  215 215 HOH HOH A . 
D 4 HOH 97  216 216 HOH HOH A . 
D 4 HOH 98  217 217 HOH HOH A . 
D 4 HOH 99  218 218 HOH HOH A . 
D 4 HOH 100 219 219 HOH HOH A . 
D 4 HOH 101 220 220 HOH HOH A . 
D 4 HOH 102 221 221 HOH HOH A . 
D 4 HOH 103 222 222 HOH HOH A . 
D 4 HOH 104 223 223 HOH HOH A . 
E 4 HOH 1   10  10  HOH HOH B . 
E 4 HOH 2   30  30  HOH HOH B . 
E 4 HOH 3   106 106 HOH HOH B . 
# 
_pdbx_struct_mod_residue.id               1 
_pdbx_struct_mod_residue.label_asym_id    B 
_pdbx_struct_mod_residue.label_comp_id    PTR 
_pdbx_struct_mod_residue.label_seq_id     2 
_pdbx_struct_mod_residue.auth_asym_id     B 
_pdbx_struct_mod_residue.auth_comp_id     PTR 
_pdbx_struct_mod_residue.auth_seq_id      2 
_pdbx_struct_mod_residue.PDB_ins_code     ? 
_pdbx_struct_mod_residue.parent_comp_id   TYR 
_pdbx_struct_mod_residue.details          O-PHOSPHOTYROSINE 
# 
loop_
_pdbx_struct_assembly.id 
_pdbx_struct_assembly.details 
_pdbx_struct_assembly.method_details 
_pdbx_struct_assembly.oligomeric_details 
_pdbx_struct_assembly.oligomeric_count 
1 author_and_software_defined_assembly PISA dimeric    2 
2 software_defined_assembly            PISA tetrameric 4 
# 
loop_
_pdbx_struct_assembly_gen.assembly_id 
_pdbx_struct_assembly_gen.oper_expression 
_pdbx_struct_assembly_gen.asym_id_list 
1 1   A,B,C,D,E 
2 1,2 A,B,C,D,E 
# 
loop_
_pdbx_struct_assembly_prop.biol_id 
_pdbx_struct_assembly_prop.type 
_pdbx_struct_assembly_prop.value 
_pdbx_struct_assembly_prop.details 
1 'ABSA (A^2)' 920   ? 
1 MORE         -7    ? 
1 'SSA (A^2)'  6330  ? 
2 'ABSA (A^2)' 4160  ? 
2 MORE         -30   ? 
2 'SSA (A^2)'  10340 ? 
# 
loop_
_pdbx_struct_oper_list.id 
_pdbx_struct_oper_list.type 
_pdbx_struct_oper_list.name 
_pdbx_struct_oper_list.symmetry_operation 
_pdbx_struct_oper_list.matrix[1][1] 
_pdbx_struct_oper_list.matrix[1][2] 
_pdbx_struct_oper_list.matrix[1][3] 
_pdbx_struct_oper_list.vector[1] 
_pdbx_struct_oper_list.matrix[2][1] 
_pdbx_struct_oper_list.matrix[2][2] 
_pdbx_struct_oper_list.matrix[2][3] 
_pdbx_struct_oper_list.vector[2] 
_pdbx_struct_oper_list.matrix[3][1] 
_pdbx_struct_oper_list.matrix[3][2] 
_pdbx_struct_oper_list.matrix[3][3] 
_pdbx_struct_oper_list.vector[3] 
1 'identity operation'         1_555 x,y,z        1.0000000000 0.0000000000  0.0000000000  0.0000000000  0.0000000000  1.0000000000  0.0000000000 0.0000000000   0.0000000000  0.0000000000 1.0000000000  0.0000000000  
2 'crystal symmetry operation' 8_555 -y,-x,-z+1/2 0.9368227286 -0.3497697723 -0.0049276409 -2.0403146181 -0.3497697723 -0.9368352654 0.0008898800 -11.5813408624 -0.0049276409 0.0008898800 -0.9999874632 20.1060169807 
# 
loop_
_pdbx_audit_revision_history.ordinal 
_pdbx_audit_revision_history.data_content_type 
_pdbx_audit_revision_history.major_revision 
_pdbx_audit_revision_history.minor_revision 
_pdbx_audit_revision_history.revision_date 
1 'Structure model' 1 0 2010-12-15 
2 'Structure model' 1 1 2011-07-13 
3 'Structure model' 1 2 2023-09-06 
4 'Structure model' 1 3 2023-11-22 
# 
_pdbx_audit_revision_details.ordinal             1 
_pdbx_audit_revision_details.revision_ordinal    1 
_pdbx_audit_revision_details.data_content_type   'Structure model' 
_pdbx_audit_revision_details.provider            repository 
_pdbx_audit_revision_details.type                'Initial release' 
_pdbx_audit_revision_details.description         ? 
_pdbx_audit_revision_details.details             ? 
# 
loop_
_pdbx_audit_revision_group.ordinal 
_pdbx_audit_revision_group.revision_ordinal 
_pdbx_audit_revision_group.data_content_type 
_pdbx_audit_revision_group.group 
1 2 'Structure model' 'Version format compliance' 
2 3 'Structure model' 'Data collection'           
3 3 'Structure model' 'Database references'       
4 3 'Structure model' 'Derived calculations'      
5 3 'Structure model' 'Refinement description'    
6 4 'Structure model' 'Data collection'           
# 
loop_
_pdbx_audit_revision_category.ordinal 
_pdbx_audit_revision_category.revision_ordinal 
_pdbx_audit_revision_category.data_content_type 
_pdbx_audit_revision_category.category 
1 3 'Structure model' chem_comp_atom                
2 3 'Structure model' chem_comp_bond                
3 3 'Structure model' database_2                    
4 3 'Structure model' pdbx_initial_refinement_model 
5 3 'Structure model' struct_conn                   
6 3 'Structure model' struct_ref_seq_dif            
7 3 'Structure model' struct_site                   
8 4 'Structure model' chem_comp_atom                
9 4 'Structure model' chem_comp_bond                
# 
loop_
_pdbx_audit_revision_item.ordinal 
_pdbx_audit_revision_item.revision_ordinal 
_pdbx_audit_revision_item.data_content_type 
_pdbx_audit_revision_item.item 
1 3 'Structure model' '_database_2.pdbx_DOI'                
2 3 'Structure model' '_database_2.pdbx_database_accession' 
3 3 'Structure model' '_struct_conn.pdbx_leaving_atom_flag' 
4 3 'Structure model' '_struct_ref_seq_dif.details'         
5 3 'Structure model' '_struct_site.pdbx_auth_asym_id'      
6 3 'Structure model' '_struct_site.pdbx_auth_comp_id'      
7 3 'Structure model' '_struct_site.pdbx_auth_seq_id'       
8 4 'Structure model' '_chem_comp_atom.atom_id'             
9 4 'Structure model' '_chem_comp_bond.atom_id_2'           
# 
loop_
_software.name 
_software.classification 
_software.version 
_software.citation_id 
_software.pdbx_ordinal 
CrystalClear 'data collection' . ? 1 
MOLREP       phasing           . ? 2 
CNS          refinement        . ? 3 
HKL-2000     'data reduction'  . ? 4 
HKL-2000     'data scaling'    . ? 5 
# 
loop_
_pdbx_validate_close_contact.id 
_pdbx_validate_close_contact.PDB_model_num 
_pdbx_validate_close_contact.auth_atom_id_1 
_pdbx_validate_close_contact.auth_asym_id_1 
_pdbx_validate_close_contact.auth_comp_id_1 
_pdbx_validate_close_contact.auth_seq_id_1 
_pdbx_validate_close_contact.PDB_ins_code_1 
_pdbx_validate_close_contact.label_alt_id_1 
_pdbx_validate_close_contact.auth_atom_id_2 
_pdbx_validate_close_contact.auth_asym_id_2 
_pdbx_validate_close_contact.auth_comp_id_2 
_pdbx_validate_close_contact.auth_seq_id_2 
_pdbx_validate_close_contact.PDB_ins_code_2 
_pdbx_validate_close_contact.label_alt_id_2 
_pdbx_validate_close_contact.dist 
1 1 O A HOH 20  ? ? O A HOH 198 ? ? 2.03 
2 1 O A HOH 174 ? ? O A HOH 182 ? ? 2.07 
# 
loop_
_pdbx_validate_symm_contact.id 
_pdbx_validate_symm_contact.PDB_model_num 
_pdbx_validate_symm_contact.auth_atom_id_1 
_pdbx_validate_symm_contact.auth_asym_id_1 
_pdbx_validate_symm_contact.auth_comp_id_1 
_pdbx_validate_symm_contact.auth_seq_id_1 
_pdbx_validate_symm_contact.PDB_ins_code_1 
_pdbx_validate_symm_contact.label_alt_id_1 
_pdbx_validate_symm_contact.site_symmetry_1 
_pdbx_validate_symm_contact.auth_atom_id_2 
_pdbx_validate_symm_contact.auth_asym_id_2 
_pdbx_validate_symm_contact.auth_comp_id_2 
_pdbx_validate_symm_contact.auth_seq_id_2 
_pdbx_validate_symm_contact.PDB_ins_code_2 
_pdbx_validate_symm_contact.label_alt_id_2 
_pdbx_validate_symm_contact.site_symmetry_2 
_pdbx_validate_symm_contact.dist 
1 1 O A HOH 209 ? ? 1_555 O A HOH 209 ? ? 7_555 1.12 
2 1 O A HOH 195 ? ? 1_555 O A HOH 195 ? ? 8_555 1.36 
3 1 O A HOH 183 ? ? 1_555 O A HOH 183 ? ? 7_555 1.42 
4 1 O A HOH 189 ? ? 1_555 O A HOH 189 ? ? 7_555 1.90 
5 1 O A HOH 196 ? ? 1_555 O A HOH 196 ? ? 7_555 1.91 
6 1 O A HOH 175 ? ? 1_555 O A HOH 191 ? ? 8_555 2.08 
7 1 O A HOH 213 ? ? 1_555 O A HOH 213 ? ? 8_555 2.15 
8 1 O A HOH 7   ? ? 1_555 O A HOH 222 ? ? 5_545 2.16 
# 
_pdbx_validate_torsion.id              1 
_pdbx_validate_torsion.PDB_model_num   1 
_pdbx_validate_torsion.auth_comp_id    TRP 
_pdbx_validate_torsion.auth_asym_id    A 
_pdbx_validate_torsion.auth_seq_id     121 
_pdbx_validate_torsion.PDB_ins_code    ? 
_pdbx_validate_torsion.label_alt_id    ? 
_pdbx_validate_torsion.phi             -132.64 
_pdbx_validate_torsion.psi             -76.24 
# 
loop_
_pdbx_unobs_or_zero_occ_residues.id 
_pdbx_unobs_or_zero_occ_residues.PDB_model_num 
_pdbx_unobs_or_zero_occ_residues.polymer_flag 
_pdbx_unobs_or_zero_occ_residues.occupancy_flag 
_pdbx_unobs_or_zero_occ_residues.auth_asym_id 
_pdbx_unobs_or_zero_occ_residues.auth_comp_id 
_pdbx_unobs_or_zero_occ_residues.auth_seq_id 
_pdbx_unobs_or_zero_occ_residues.PDB_ins_code 
_pdbx_unobs_or_zero_occ_residues.label_asym_id 
_pdbx_unobs_or_zero_occ_residues.label_comp_id 
_pdbx_unobs_or_zero_occ_residues.label_seq_id 
1  1 Y 1 A ILE 53  ? A ILE 1   
2  1 Y 1 A GLU 54  ? A GLU 2   
3  1 Y 1 A VAL 154 ? A VAL 102 
4  1 Y 1 A PRO 155 ? A PRO 103 
5  1 Y 1 A GLN 156 ? A GLN 104 
6  1 Y 1 A GLN 157 ? A GLN 105 
7  1 Y 1 A PRO 158 ? A PRO 106 
8  1 Y 1 A THR 159 ? A THR 107 
9  1 Y 1 A TYR 160 ? A TYR 108 
10 1 Y 1 A VAL 161 ? A VAL 109 
11 1 Y 1 A GLN 162 ? A GLN 110 
12 1 Y 1 A ALA 163 ? A ALA 111 
13 1 Y 1 A HIS 164 ? A HIS 112 
14 1 Y 1 A HIS 165 ? A HIS 113 
15 1 Y 1 A HIS 166 ? A HIS 114 
16 1 Y 1 A HIS 167 ? A HIS 115 
17 1 Y 1 A HIS 168 ? A HIS 116 
18 1 Y 1 A HIS 169 ? A HIS 117 
# 
loop_
_chem_comp_atom.comp_id 
_chem_comp_atom.atom_id 
_chem_comp_atom.type_symbol 
_chem_comp_atom.pdbx_aromatic_flag 
_chem_comp_atom.pdbx_stereo_config 
_chem_comp_atom.pdbx_ordinal 
6NA CA   C N N 1   
6NA C    C N N 2   
6NA O    O N N 3   
6NA CB   C N N 4   
6NA CG   C N N 5   
6NA CD   C N N 6   
6NA C6   C N N 7   
6NA OXT  O N N 8   
6NA HAC1 H N N 9   
6NA HAC2 H N N 10  
6NA HBC1 H N N 11  
6NA HBC2 H N N 12  
6NA HGC1 H N N 13  
6NA HGC2 H N N 14  
6NA HDC1 H N N 15  
6NA HDC2 H N N 16  
6NA H6C1 H N N 17  
6NA H6C2 H N N 18  
6NA H6C3 H N N 19  
6NA HXT  H N N 20  
9PR C    C N N 21  
9PR N    N N N 22  
9PR O    O N N 23  
9PR CA   C N S 24  
9PR CB   C N N 25  
9PR CD   C N N 26  
9PR CG   C N N 27  
9PR C1   C N N 28  
9PR N1   N N N 29  
9PR H    H N N 30  
9PR HA   H N N 31  
9PR HB   H N N 32  
9PR HBA  H N N 33  
9PR HD   H N N 34  
9PR HDA  H N N 35  
9PR HG   H N N 36  
9PR HGA  H N N 37  
9PR H1   H N N 38  
9PR H1A  H N N 39  
9PR H1B  H N N 40  
9PR HN1  H N N 41  
ALA N    N N N 42  
ALA CA   C N S 43  
ALA C    C N N 44  
ALA O    O N N 45  
ALA CB   C N N 46  
ALA OXT  O N N 47  
ALA H    H N N 48  
ALA H2   H N N 49  
ALA HA   H N N 50  
ALA HB1  H N N 51  
ALA HB2  H N N 52  
ALA HB3  H N N 53  
ALA HXT  H N N 54  
ARG N    N N N 55  
ARG CA   C N S 56  
ARG C    C N N 57  
ARG O    O N N 58  
ARG CB   C N N 59  
ARG CG   C N N 60  
ARG CD   C N N 61  
ARG NE   N N N 62  
ARG CZ   C N N 63  
ARG NH1  N N N 64  
ARG NH2  N N N 65  
ARG OXT  O N N 66  
ARG H    H N N 67  
ARG H2   H N N 68  
ARG HA   H N N 69  
ARG HB2  H N N 70  
ARG HB3  H N N 71  
ARG HG2  H N N 72  
ARG HG3  H N N 73  
ARG HD2  H N N 74  
ARG HD3  H N N 75  
ARG HE   H N N 76  
ARG HH11 H N N 77  
ARG HH12 H N N 78  
ARG HH21 H N N 79  
ARG HH22 H N N 80  
ARG HXT  H N N 81  
ASN N    N N N 82  
ASN CA   C N S 83  
ASN C    C N N 84  
ASN O    O N N 85  
ASN CB   C N N 86  
ASN CG   C N N 87  
ASN OD1  O N N 88  
ASN ND2  N N N 89  
ASN OXT  O N N 90  
ASN H    H N N 91  
ASN H2   H N N 92  
ASN HA   H N N 93  
ASN HB2  H N N 94  
ASN HB3  H N N 95  
ASN HD21 H N N 96  
ASN HD22 H N N 97  
ASN HXT  H N N 98  
ASP N    N N N 99  
ASP CA   C N S 100 
ASP C    C N N 101 
ASP O    O N N 102 
ASP CB   C N N 103 
ASP CG   C N N 104 
ASP OD1  O N N 105 
ASP OD2  O N N 106 
ASP OXT  O N N 107 
ASP H    H N N 108 
ASP H2   H N N 109 
ASP HA   H N N 110 
ASP HB2  H N N 111 
ASP HB3  H N N 112 
ASP HD2  H N N 113 
ASP HXT  H N N 114 
GLN N    N N N 115 
GLN CA   C N S 116 
GLN C    C N N 117 
GLN O    O N N 118 
GLN CB   C N N 119 
GLN CG   C N N 120 
GLN CD   C N N 121 
GLN OE1  O N N 122 
GLN NE2  N N N 123 
GLN OXT  O N N 124 
GLN H    H N N 125 
GLN H2   H N N 126 
GLN HA   H N N 127 
GLN HB2  H N N 128 
GLN HB3  H N N 129 
GLN HG2  H N N 130 
GLN HG3  H N N 131 
GLN HE21 H N N 132 
GLN HE22 H N N 133 
GLN HXT  H N N 134 
GLU N    N N N 135 
GLU CA   C N S 136 
GLU C    C N N 137 
GLU O    O N N 138 
GLU CB   C N N 139 
GLU CG   C N N 140 
GLU CD   C N N 141 
GLU OE1  O N N 142 
GLU OE2  O N N 143 
GLU OXT  O N N 144 
GLU H    H N N 145 
GLU H2   H N N 146 
GLU HA   H N N 147 
GLU HB2  H N N 148 
GLU HB3  H N N 149 
GLU HG2  H N N 150 
GLU HG3  H N N 151 
GLU HE2  H N N 152 
GLU HXT  H N N 153 
GLY N    N N N 154 
GLY CA   C N N 155 
GLY C    C N N 156 
GLY O    O N N 157 
GLY OXT  O N N 158 
GLY H    H N N 159 
GLY H2   H N N 160 
GLY HA2  H N N 161 
GLY HA3  H N N 162 
GLY HXT  H N N 163 
GOL C1   C N N 164 
GOL O1   O N N 165 
GOL C2   C N N 166 
GOL O2   O N N 167 
GOL C3   C N N 168 
GOL O3   O N N 169 
GOL H11  H N N 170 
GOL H12  H N N 171 
GOL HO1  H N N 172 
GOL H2   H N N 173 
GOL HO2  H N N 174 
GOL H31  H N N 175 
GOL H32  H N N 176 
GOL HO3  H N N 177 
HIS N    N N N 178 
HIS CA   C N S 179 
HIS C    C N N 180 
HIS O    O N N 181 
HIS CB   C N N 182 
HIS CG   C Y N 183 
HIS ND1  N Y N 184 
HIS CD2  C Y N 185 
HIS CE1  C Y N 186 
HIS NE2  N Y N 187 
HIS OXT  O N N 188 
HIS H    H N N 189 
HIS H2   H N N 190 
HIS HA   H N N 191 
HIS HB2  H N N 192 
HIS HB3  H N N 193 
HIS HD1  H N N 194 
HIS HD2  H N N 195 
HIS HE1  H N N 196 
HIS HE2  H N N 197 
HIS HXT  H N N 198 
HOH O    O N N 199 
HOH H1   H N N 200 
HOH H2   H N N 201 
ILE N    N N N 202 
ILE CA   C N S 203 
ILE C    C N N 204 
ILE O    O N N 205 
ILE CB   C N S 206 
ILE CG1  C N N 207 
ILE CG2  C N N 208 
ILE CD1  C N N 209 
ILE OXT  O N N 210 
ILE H    H N N 211 
ILE H2   H N N 212 
ILE HA   H N N 213 
ILE HB   H N N 214 
ILE HG12 H N N 215 
ILE HG13 H N N 216 
ILE HG21 H N N 217 
ILE HG22 H N N 218 
ILE HG23 H N N 219 
ILE HD11 H N N 220 
ILE HD12 H N N 221 
ILE HD13 H N N 222 
ILE HXT  H N N 223 
LEU N    N N N 224 
LEU CA   C N S 225 
LEU C    C N N 226 
LEU O    O N N 227 
LEU CB   C N N 228 
LEU CG   C N N 229 
LEU CD1  C N N 230 
LEU CD2  C N N 231 
LEU OXT  O N N 232 
LEU H    H N N 233 
LEU H2   H N N 234 
LEU HA   H N N 235 
LEU HB2  H N N 236 
LEU HB3  H N N 237 
LEU HG   H N N 238 
LEU HD11 H N N 239 
LEU HD12 H N N 240 
LEU HD13 H N N 241 
LEU HD21 H N N 242 
LEU HD22 H N N 243 
LEU HD23 H N N 244 
LEU HXT  H N N 245 
LYS N    N N N 246 
LYS CA   C N S 247 
LYS C    C N N 248 
LYS O    O N N 249 
LYS CB   C N N 250 
LYS CG   C N N 251 
LYS CD   C N N 252 
LYS CE   C N N 253 
LYS NZ   N N N 254 
LYS OXT  O N N 255 
LYS H    H N N 256 
LYS H2   H N N 257 
LYS HA   H N N 258 
LYS HB2  H N N 259 
LYS HB3  H N N 260 
LYS HG2  H N N 261 
LYS HG3  H N N 262 
LYS HD2  H N N 263 
LYS HD3  H N N 264 
LYS HE2  H N N 265 
LYS HE3  H N N 266 
LYS HZ1  H N N 267 
LYS HZ2  H N N 268 
LYS HZ3  H N N 269 
LYS HXT  H N N 270 
MET N    N N N 271 
MET CA   C N S 272 
MET C    C N N 273 
MET O    O N N 274 
MET CB   C N N 275 
MET CG   C N N 276 
MET SD   S N N 277 
MET CE   C N N 278 
MET OXT  O N N 279 
MET H    H N N 280 
MET H2   H N N 281 
MET HA   H N N 282 
MET HB2  H N N 283 
MET HB3  H N N 284 
MET HG2  H N N 285 
MET HG3  H N N 286 
MET HE1  H N N 287 
MET HE2  H N N 288 
MET HE3  H N N 289 
MET HXT  H N N 290 
PHE N    N N N 291 
PHE CA   C N S 292 
PHE C    C N N 293 
PHE O    O N N 294 
PHE CB   C N N 295 
PHE CG   C Y N 296 
PHE CD1  C Y N 297 
PHE CD2  C Y N 298 
PHE CE1  C Y N 299 
PHE CE2  C Y N 300 
PHE CZ   C Y N 301 
PHE OXT  O N N 302 
PHE H    H N N 303 
PHE H2   H N N 304 
PHE HA   H N N 305 
PHE HB2  H N N 306 
PHE HB3  H N N 307 
PHE HD1  H N N 308 
PHE HD2  H N N 309 
PHE HE1  H N N 310 
PHE HE2  H N N 311 
PHE HZ   H N N 312 
PHE HXT  H N N 313 
PRO N    N N N 314 
PRO CA   C N S 315 
PRO C    C N N 316 
PRO O    O N N 317 
PRO CB   C N N 318 
PRO CG   C N N 319 
PRO CD   C N N 320 
PRO OXT  O N N 321 
PRO H    H N N 322 
PRO HA   H N N 323 
PRO HB2  H N N 324 
PRO HB3  H N N 325 
PRO HG2  H N N 326 
PRO HG3  H N N 327 
PRO HD2  H N N 328 
PRO HD3  H N N 329 
PRO HXT  H N N 330 
PTR N    N N N 331 
PTR CA   C N S 332 
PTR C    C N N 333 
PTR O    O N N 334 
PTR OXT  O N N 335 
PTR CB   C N N 336 
PTR CG   C Y N 337 
PTR CD1  C Y N 338 
PTR CD2  C Y N 339 
PTR CE1  C Y N 340 
PTR CE2  C Y N 341 
PTR CZ   C Y N 342 
PTR OH   O N N 343 
PTR P    P N N 344 
PTR O1P  O N N 345 
PTR O2P  O N N 346 
PTR O3P  O N N 347 
PTR H    H N N 348 
PTR H2   H N N 349 
PTR HA   H N N 350 
PTR HXT  H N N 351 
PTR HB2  H N N 352 
PTR HB3  H N N 353 
PTR HD1  H N N 354 
PTR HD2  H N N 355 
PTR HE1  H N N 356 
PTR HE2  H N N 357 
PTR HO2P H N N 358 
PTR HO3P H N N 359 
SER N    N N N 360 
SER CA   C N S 361 
SER C    C N N 362 
SER O    O N N 363 
SER CB   C N N 364 
SER OG   O N N 365 
SER OXT  O N N 366 
SER H    H N N 367 
SER H2   H N N 368 
SER HA   H N N 369 
SER HB2  H N N 370 
SER HB3  H N N 371 
SER HG   H N N 372 
SER HXT  H N N 373 
THR N    N N N 374 
THR CA   C N S 375 
THR C    C N N 376 
THR O    O N N 377 
THR CB   C N R 378 
THR OG1  O N N 379 
THR CG2  C N N 380 
THR OXT  O N N 381 
THR H    H N N 382 
THR H2   H N N 383 
THR HA   H N N 384 
THR HB   H N N 385 
THR HG1  H N N 386 
THR HG21 H N N 387 
THR HG22 H N N 388 
THR HG23 H N N 389 
THR HXT  H N N 390 
TRP N    N N N 391 
TRP CA   C N S 392 
TRP C    C N N 393 
TRP O    O N N 394 
TRP CB   C N N 395 
TRP CG   C Y N 396 
TRP CD1  C Y N 397 
TRP CD2  C Y N 398 
TRP NE1  N Y N 399 
TRP CE2  C Y N 400 
TRP CE3  C Y N 401 
TRP CZ2  C Y N 402 
TRP CZ3  C Y N 403 
TRP CH2  C Y N 404 
TRP OXT  O N N 405 
TRP H    H N N 406 
TRP H2   H N N 407 
TRP HA   H N N 408 
TRP HB2  H N N 409 
TRP HB3  H N N 410 
TRP HD1  H N N 411 
TRP HE1  H N N 412 
TRP HE3  H N N 413 
TRP HZ2  H N N 414 
TRP HZ3  H N N 415 
TRP HH2  H N N 416 
TRP HXT  H N N 417 
TYR N    N N N 418 
TYR CA   C N S 419 
TYR C    C N N 420 
TYR O    O N N 421 
TYR CB   C N N 422 
TYR CG   C Y N 423 
TYR CD1  C Y N 424 
TYR CD2  C Y N 425 
TYR CE1  C Y N 426 
TYR CE2  C Y N 427 
TYR CZ   C Y N 428 
TYR OH   O N N 429 
TYR OXT  O N N 430 
TYR H    H N N 431 
TYR H2   H N N 432 
TYR HA   H N N 433 
TYR HB2  H N N 434 
TYR HB3  H N N 435 
TYR HD1  H N N 436 
TYR HD2  H N N 437 
TYR HE1  H N N 438 
TYR HE2  H N N 439 
TYR HH   H N N 440 
TYR HXT  H N N 441 
VAL N    N N N 442 
VAL CA   C N S 443 
VAL C    C N N 444 
VAL O    O N N 445 
VAL CB   C N N 446 
VAL CG1  C N N 447 
VAL CG2  C N N 448 
VAL OXT  O N N 449 
VAL H    H N N 450 
VAL H2   H N N 451 
VAL HA   H N N 452 
VAL HB   H N N 453 
VAL HG11 H N N 454 
VAL HG12 H N N 455 
VAL HG13 H N N 456 
VAL HG21 H N N 457 
VAL HG22 H N N 458 
VAL HG23 H N N 459 
VAL HXT  H N N 460 
# 
loop_
_chem_comp_bond.comp_id 
_chem_comp_bond.atom_id_1 
_chem_comp_bond.atom_id_2 
_chem_comp_bond.value_order 
_chem_comp_bond.pdbx_aromatic_flag 
_chem_comp_bond.pdbx_stereo_config 
_chem_comp_bond.pdbx_ordinal 
6NA CA  C    sing N N 1   
6NA CA  CB   sing N N 2   
6NA CA  HAC1 sing N N 3   
6NA CA  HAC2 sing N N 4   
6NA C   O    doub N N 5   
6NA C   OXT  sing N N 6   
6NA CB  CG   sing N N 7   
6NA CB  HBC1 sing N N 8   
6NA CB  HBC2 sing N N 9   
6NA CG  CD   sing N N 10  
6NA CG  HGC1 sing N N 11  
6NA CG  HGC2 sing N N 12  
6NA CD  C6   sing N N 13  
6NA CD  HDC1 sing N N 14  
6NA CD  HDC2 sing N N 15  
6NA C6  H6C1 sing N N 16  
6NA C6  H6C2 sing N N 17  
6NA C6  H6C3 sing N N 18  
6NA OXT HXT  sing N N 19  
9PR C   O    doub N N 20  
9PR C   CA   sing N N 21  
9PR C   N1   sing N N 22  
9PR N   CA   sing N N 23  
9PR N   CD   sing N N 24  
9PR CA  CB   sing N N 25  
9PR CB  CG   sing N N 26  
9PR CD  CG   sing N N 27  
9PR C1  N1   sing N N 28  
9PR N   H    sing N N 29  
9PR CA  HA   sing N N 30  
9PR CB  HB   sing N N 31  
9PR CB  HBA  sing N N 32  
9PR CD  HD   sing N N 33  
9PR CD  HDA  sing N N 34  
9PR CG  HG   sing N N 35  
9PR CG  HGA  sing N N 36  
9PR C1  H1   sing N N 37  
9PR C1  H1A  sing N N 38  
9PR C1  H1B  sing N N 39  
9PR N1  HN1  sing N N 40  
ALA N   CA   sing N N 41  
ALA N   H    sing N N 42  
ALA N   H2   sing N N 43  
ALA CA  C    sing N N 44  
ALA CA  CB   sing N N 45  
ALA CA  HA   sing N N 46  
ALA C   O    doub N N 47  
ALA C   OXT  sing N N 48  
ALA CB  HB1  sing N N 49  
ALA CB  HB2  sing N N 50  
ALA CB  HB3  sing N N 51  
ALA OXT HXT  sing N N 52  
ARG N   CA   sing N N 53  
ARG N   H    sing N N 54  
ARG N   H2   sing N N 55  
ARG CA  C    sing N N 56  
ARG CA  CB   sing N N 57  
ARG CA  HA   sing N N 58  
ARG C   O    doub N N 59  
ARG C   OXT  sing N N 60  
ARG CB  CG   sing N N 61  
ARG CB  HB2  sing N N 62  
ARG CB  HB3  sing N N 63  
ARG CG  CD   sing N N 64  
ARG CG  HG2  sing N N 65  
ARG CG  HG3  sing N N 66  
ARG CD  NE   sing N N 67  
ARG CD  HD2  sing N N 68  
ARG CD  HD3  sing N N 69  
ARG NE  CZ   sing N N 70  
ARG NE  HE   sing N N 71  
ARG CZ  NH1  sing N N 72  
ARG CZ  NH2  doub N N 73  
ARG NH1 HH11 sing N N 74  
ARG NH1 HH12 sing N N 75  
ARG NH2 HH21 sing N N 76  
ARG NH2 HH22 sing N N 77  
ARG OXT HXT  sing N N 78  
ASN N   CA   sing N N 79  
ASN N   H    sing N N 80  
ASN N   H2   sing N N 81  
ASN CA  C    sing N N 82  
ASN CA  CB   sing N N 83  
ASN CA  HA   sing N N 84  
ASN C   O    doub N N 85  
ASN C   OXT  sing N N 86  
ASN CB  CG   sing N N 87  
ASN CB  HB2  sing N N 88  
ASN CB  HB3  sing N N 89  
ASN CG  OD1  doub N N 90  
ASN CG  ND2  sing N N 91  
ASN ND2 HD21 sing N N 92  
ASN ND2 HD22 sing N N 93  
ASN OXT HXT  sing N N 94  
ASP N   CA   sing N N 95  
ASP N   H    sing N N 96  
ASP N   H2   sing N N 97  
ASP CA  C    sing N N 98  
ASP CA  CB   sing N N 99  
ASP CA  HA   sing N N 100 
ASP C   O    doub N N 101 
ASP C   OXT  sing N N 102 
ASP CB  CG   sing N N 103 
ASP CB  HB2  sing N N 104 
ASP CB  HB3  sing N N 105 
ASP CG  OD1  doub N N 106 
ASP CG  OD2  sing N N 107 
ASP OD2 HD2  sing N N 108 
ASP OXT HXT  sing N N 109 
GLN N   CA   sing N N 110 
GLN N   H    sing N N 111 
GLN N   H2   sing N N 112 
GLN CA  C    sing N N 113 
GLN CA  CB   sing N N 114 
GLN CA  HA   sing N N 115 
GLN C   O    doub N N 116 
GLN C   OXT  sing N N 117 
GLN CB  CG   sing N N 118 
GLN CB  HB2  sing N N 119 
GLN CB  HB3  sing N N 120 
GLN CG  CD   sing N N 121 
GLN CG  HG2  sing N N 122 
GLN CG  HG3  sing N N 123 
GLN CD  OE1  doub N N 124 
GLN CD  NE2  sing N N 125 
GLN NE2 HE21 sing N N 126 
GLN NE2 HE22 sing N N 127 
GLN OXT HXT  sing N N 128 
GLU N   CA   sing N N 129 
GLU N   H    sing N N 130 
GLU N   H2   sing N N 131 
GLU CA  C    sing N N 132 
GLU CA  CB   sing N N 133 
GLU CA  HA   sing N N 134 
GLU C   O    doub N N 135 
GLU C   OXT  sing N N 136 
GLU CB  CG   sing N N 137 
GLU CB  HB2  sing N N 138 
GLU CB  HB3  sing N N 139 
GLU CG  CD   sing N N 140 
GLU CG  HG2  sing N N 141 
GLU CG  HG3  sing N N 142 
GLU CD  OE1  doub N N 143 
GLU CD  OE2  sing N N 144 
GLU OE2 HE2  sing N N 145 
GLU OXT HXT  sing N N 146 
GLY N   CA   sing N N 147 
GLY N   H    sing N N 148 
GLY N   H2   sing N N 149 
GLY CA  C    sing N N 150 
GLY CA  HA2  sing N N 151 
GLY CA  HA3  sing N N 152 
GLY C   O    doub N N 153 
GLY C   OXT  sing N N 154 
GLY OXT HXT  sing N N 155 
GOL C1  O1   sing N N 156 
GOL C1  C2   sing N N 157 
GOL C1  H11  sing N N 158 
GOL C1  H12  sing N N 159 
GOL O1  HO1  sing N N 160 
GOL C2  O2   sing N N 161 
GOL C2  C3   sing N N 162 
GOL C2  H2   sing N N 163 
GOL O2  HO2  sing N N 164 
GOL C3  O3   sing N N 165 
GOL C3  H31  sing N N 166 
GOL C3  H32  sing N N 167 
GOL O3  HO3  sing N N 168 
HIS N   CA   sing N N 169 
HIS N   H    sing N N 170 
HIS N   H2   sing N N 171 
HIS CA  C    sing N N 172 
HIS CA  CB   sing N N 173 
HIS CA  HA   sing N N 174 
HIS C   O    doub N N 175 
HIS C   OXT  sing N N 176 
HIS CB  CG   sing N N 177 
HIS CB  HB2  sing N N 178 
HIS CB  HB3  sing N N 179 
HIS CG  ND1  sing Y N 180 
HIS CG  CD2  doub Y N 181 
HIS ND1 CE1  doub Y N 182 
HIS ND1 HD1  sing N N 183 
HIS CD2 NE2  sing Y N 184 
HIS CD2 HD2  sing N N 185 
HIS CE1 NE2  sing Y N 186 
HIS CE1 HE1  sing N N 187 
HIS NE2 HE2  sing N N 188 
HIS OXT HXT  sing N N 189 
HOH O   H1   sing N N 190 
HOH O   H2   sing N N 191 
ILE N   CA   sing N N 192 
ILE N   H    sing N N 193 
ILE N   H2   sing N N 194 
ILE CA  C    sing N N 195 
ILE CA  CB   sing N N 196 
ILE CA  HA   sing N N 197 
ILE C   O    doub N N 198 
ILE C   OXT  sing N N 199 
ILE CB  CG1  sing N N 200 
ILE CB  CG2  sing N N 201 
ILE CB  HB   sing N N 202 
ILE CG1 CD1  sing N N 203 
ILE CG1 HG12 sing N N 204 
ILE CG1 HG13 sing N N 205 
ILE CG2 HG21 sing N N 206 
ILE CG2 HG22 sing N N 207 
ILE CG2 HG23 sing N N 208 
ILE CD1 HD11 sing N N 209 
ILE CD1 HD12 sing N N 210 
ILE CD1 HD13 sing N N 211 
ILE OXT HXT  sing N N 212 
LEU N   CA   sing N N 213 
LEU N   H    sing N N 214 
LEU N   H2   sing N N 215 
LEU CA  C    sing N N 216 
LEU CA  CB   sing N N 217 
LEU CA  HA   sing N N 218 
LEU C   O    doub N N 219 
LEU C   OXT  sing N N 220 
LEU CB  CG   sing N N 221 
LEU CB  HB2  sing N N 222 
LEU CB  HB3  sing N N 223 
LEU CG  CD1  sing N N 224 
LEU CG  CD2  sing N N 225 
LEU CG  HG   sing N N 226 
LEU CD1 HD11 sing N N 227 
LEU CD1 HD12 sing N N 228 
LEU CD1 HD13 sing N N 229 
LEU CD2 HD21 sing N N 230 
LEU CD2 HD22 sing N N 231 
LEU CD2 HD23 sing N N 232 
LEU OXT HXT  sing N N 233 
LYS N   CA   sing N N 234 
LYS N   H    sing N N 235 
LYS N   H2   sing N N 236 
LYS CA  C    sing N N 237 
LYS CA  CB   sing N N 238 
LYS CA  HA   sing N N 239 
LYS C   O    doub N N 240 
LYS C   OXT  sing N N 241 
LYS CB  CG   sing N N 242 
LYS CB  HB2  sing N N 243 
LYS CB  HB3  sing N N 244 
LYS CG  CD   sing N N 245 
LYS CG  HG2  sing N N 246 
LYS CG  HG3  sing N N 247 
LYS CD  CE   sing N N 248 
LYS CD  HD2  sing N N 249 
LYS CD  HD3  sing N N 250 
LYS CE  NZ   sing N N 251 
LYS CE  HE2  sing N N 252 
LYS CE  HE3  sing N N 253 
LYS NZ  HZ1  sing N N 254 
LYS NZ  HZ2  sing N N 255 
LYS NZ  HZ3  sing N N 256 
LYS OXT HXT  sing N N 257 
MET N   CA   sing N N 258 
MET N   H    sing N N 259 
MET N   H2   sing N N 260 
MET CA  C    sing N N 261 
MET CA  CB   sing N N 262 
MET CA  HA   sing N N 263 
MET C   O    doub N N 264 
MET C   OXT  sing N N 265 
MET CB  CG   sing N N 266 
MET CB  HB2  sing N N 267 
MET CB  HB3  sing N N 268 
MET CG  SD   sing N N 269 
MET CG  HG2  sing N N 270 
MET CG  HG3  sing N N 271 
MET SD  CE   sing N N 272 
MET CE  HE1  sing N N 273 
MET CE  HE2  sing N N 274 
MET CE  HE3  sing N N 275 
MET OXT HXT  sing N N 276 
PHE N   CA   sing N N 277 
PHE N   H    sing N N 278 
PHE N   H2   sing N N 279 
PHE CA  C    sing N N 280 
PHE CA  CB   sing N N 281 
PHE CA  HA   sing N N 282 
PHE C   O    doub N N 283 
PHE C   OXT  sing N N 284 
PHE CB  CG   sing N N 285 
PHE CB  HB2  sing N N 286 
PHE CB  HB3  sing N N 287 
PHE CG  CD1  doub Y N 288 
PHE CG  CD2  sing Y N 289 
PHE CD1 CE1  sing Y N 290 
PHE CD1 HD1  sing N N 291 
PHE CD2 CE2  doub Y N 292 
PHE CD2 HD2  sing N N 293 
PHE CE1 CZ   doub Y N 294 
PHE CE1 HE1  sing N N 295 
PHE CE2 CZ   sing Y N 296 
PHE CE2 HE2  sing N N 297 
PHE CZ  HZ   sing N N 298 
PHE OXT HXT  sing N N 299 
PRO N   CA   sing N N 300 
PRO N   CD   sing N N 301 
PRO N   H    sing N N 302 
PRO CA  C    sing N N 303 
PRO CA  CB   sing N N 304 
PRO CA  HA   sing N N 305 
PRO C   O    doub N N 306 
PRO C   OXT  sing N N 307 
PRO CB  CG   sing N N 308 
PRO CB  HB2  sing N N 309 
PRO CB  HB3  sing N N 310 
PRO CG  CD   sing N N 311 
PRO CG  HG2  sing N N 312 
PRO CG  HG3  sing N N 313 
PRO CD  HD2  sing N N 314 
PRO CD  HD3  sing N N 315 
PRO OXT HXT  sing N N 316 
PTR N   CA   sing N N 317 
PTR N   H    sing N N 318 
PTR N   H2   sing N N 319 
PTR CA  C    sing N N 320 
PTR CA  CB   sing N N 321 
PTR CA  HA   sing N N 322 
PTR C   O    doub N N 323 
PTR C   OXT  sing N N 324 
PTR OXT HXT  sing N N 325 
PTR CB  CG   sing N N 326 
PTR CB  HB2  sing N N 327 
PTR CB  HB3  sing N N 328 
PTR CG  CD1  doub Y N 329 
PTR CG  CD2  sing Y N 330 
PTR CD1 CE1  sing Y N 331 
PTR CD1 HD1  sing N N 332 
PTR CD2 CE2  doub Y N 333 
PTR CD2 HD2  sing N N 334 
PTR CE1 CZ   doub Y N 335 
PTR CE1 HE1  sing N N 336 
PTR CE2 CZ   sing Y N 337 
PTR CE2 HE2  sing N N 338 
PTR CZ  OH   sing N N 339 
PTR OH  P    sing N N 340 
PTR P   O1P  doub N N 341 
PTR P   O2P  sing N N 342 
PTR P   O3P  sing N N 343 
PTR O2P HO2P sing N N 344 
PTR O3P HO3P sing N N 345 
SER N   CA   sing N N 346 
SER N   H    sing N N 347 
SER N   H2   sing N N 348 
SER CA  C    sing N N 349 
SER CA  CB   sing N N 350 
SER CA  HA   sing N N 351 
SER C   O    doub N N 352 
SER C   OXT  sing N N 353 
SER CB  OG   sing N N 354 
SER CB  HB2  sing N N 355 
SER CB  HB3  sing N N 356 
SER OG  HG   sing N N 357 
SER OXT HXT  sing N N 358 
THR N   CA   sing N N 359 
THR N   H    sing N N 360 
THR N   H2   sing N N 361 
THR CA  C    sing N N 362 
THR CA  CB   sing N N 363 
THR CA  HA   sing N N 364 
THR C   O    doub N N 365 
THR C   OXT  sing N N 366 
THR CB  OG1  sing N N 367 
THR CB  CG2  sing N N 368 
THR CB  HB   sing N N 369 
THR OG1 HG1  sing N N 370 
THR CG2 HG21 sing N N 371 
THR CG2 HG22 sing N N 372 
THR CG2 HG23 sing N N 373 
THR OXT HXT  sing N N 374 
TRP N   CA   sing N N 375 
TRP N   H    sing N N 376 
TRP N   H2   sing N N 377 
TRP CA  C    sing N N 378 
TRP CA  CB   sing N N 379 
TRP CA  HA   sing N N 380 
TRP C   O    doub N N 381 
TRP C   OXT  sing N N 382 
TRP CB  CG   sing N N 383 
TRP CB  HB2  sing N N 384 
TRP CB  HB3  sing N N 385 
TRP CG  CD1  doub Y N 386 
TRP CG  CD2  sing Y N 387 
TRP CD1 NE1  sing Y N 388 
TRP CD1 HD1  sing N N 389 
TRP CD2 CE2  doub Y N 390 
TRP CD2 CE3  sing Y N 391 
TRP NE1 CE2  sing Y N 392 
TRP NE1 HE1  sing N N 393 
TRP CE2 CZ2  sing Y N 394 
TRP CE3 CZ3  doub Y N 395 
TRP CE3 HE3  sing N N 396 
TRP CZ2 CH2  doub Y N 397 
TRP CZ2 HZ2  sing N N 398 
TRP CZ3 CH2  sing Y N 399 
TRP CZ3 HZ3  sing N N 400 
TRP CH2 HH2  sing N N 401 
TRP OXT HXT  sing N N 402 
TYR N   CA   sing N N 403 
TYR N   H    sing N N 404 
TYR N   H2   sing N N 405 
TYR CA  C    sing N N 406 
TYR CA  CB   sing N N 407 
TYR CA  HA   sing N N 408 
TYR C   O    doub N N 409 
TYR C   OXT  sing N N 410 
TYR CB  CG   sing N N 411 
TYR CB  HB2  sing N N 412 
TYR CB  HB3  sing N N 413 
TYR CG  CD1  doub Y N 414 
TYR CG  CD2  sing Y N 415 
TYR CD1 CE1  sing Y N 416 
TYR CD1 HD1  sing N N 417 
TYR CD2 CE2  doub Y N 418 
TYR CD2 HD2  sing N N 419 
TYR CE1 CZ   doub Y N 420 
TYR CE1 HE1  sing N N 421 
TYR CE2 CZ   sing Y N 422 
TYR CE2 HE2  sing N N 423 
TYR CZ  OH   sing N N 424 
TYR OH  HH   sing N N 425 
TYR OXT HXT  sing N N 426 
VAL N   CA   sing N N 427 
VAL N   H    sing N N 428 
VAL N   H2   sing N N 429 
VAL CA  C    sing N N 430 
VAL CA  CB   sing N N 431 
VAL CA  HA   sing N N 432 
VAL C   O    doub N N 433 
VAL C   OXT  sing N N 434 
VAL CB  CG1  sing N N 435 
VAL CB  CG2  sing N N 436 
VAL CB  HB   sing N N 437 
VAL CG1 HG11 sing N N 438 
VAL CG1 HG12 sing N N 439 
VAL CG1 HG13 sing N N 440 
VAL CG2 HG21 sing N N 441 
VAL CG2 HG22 sing N N 442 
VAL CG2 HG23 sing N N 443 
VAL OXT HXT  sing N N 444 
# 
loop_
_pdbx_entity_nonpoly.entity_id 
_pdbx_entity_nonpoly.name 
_pdbx_entity_nonpoly.comp_id 
3 GLYCEROL GOL 
4 water    HOH 
# 
_pdbx_initial_refinement_model.id               1 
_pdbx_initial_refinement_model.entity_id_list   ? 
_pdbx_initial_refinement_model.type             'experimental model' 
_pdbx_initial_refinement_model.source_name      PDB 
_pdbx_initial_refinement_model.accession_code   2HUW 
_pdbx_initial_refinement_model.details          ? 
# 
